data_6BGG
#
_entry.id   6BGG
#
loop_
_entity.id
_entity.type
_entity.pdbx_description
1 polymer CHD4
2 polymer 'Bromodomain-containing protein 3'
#
loop_
_entity_poly.entity_id
_entity_poly.type
_entity_poly.pdbx_seq_one_letter_code
_entity_poly.pdbx_strand_id
1 'polypeptide(L)' KVAPLKIKLGGF A
2 'polypeptide(L)'
;GPLGSASASYDSEEEEEGLPMSYDEKRQLSLDINRLPGEKLGRVVHIIQSREPSLRDSNPDEIEIDFETLKPTTLRELER
YVKSCLQKKQRKP
;
B
#
# COMPACT_ATOMS: atom_id res chain seq x y z
N LYS A 1 18.46 -17.22 1.36
CA LYS A 1 17.58 -16.52 2.28
C LYS A 1 17.24 -15.16 1.74
N VAL A 2 16.18 -15.11 0.98
CA VAL A 2 15.64 -13.88 0.49
C VAL A 2 14.15 -13.89 0.75
N ALA A 3 13.65 -12.79 1.20
CA ALA A 3 12.25 -12.65 1.48
C ALA A 3 11.56 -12.11 0.25
N PRO A 4 10.27 -12.43 0.05
CA PRO A 4 9.49 -11.84 -1.03
C PRO A 4 9.28 -10.35 -0.76
N LEU A 5 8.62 -9.67 -1.66
CA LEU A 5 8.42 -8.25 -1.49
C LEU A 5 7.43 -7.95 -0.37
N LYS A 6 8.01 -7.71 0.77
CA LYS A 6 7.35 -7.36 1.99
C LYS A 6 8.18 -6.29 2.65
N ILE A 7 7.66 -5.67 3.67
CA ILE A 7 8.41 -4.70 4.42
C ILE A 7 7.83 -4.63 5.84
N LYS A 8 8.70 -4.61 6.80
CA LYS A 8 8.36 -4.46 8.21
C LYS A 8 8.57 -3.02 8.62
N LEU A 9 7.86 -2.59 9.64
CA LEU A 9 8.11 -1.26 10.17
C LEU A 9 8.70 -1.42 11.56
N GLY A 10 9.91 -0.97 11.71
CA GLY A 10 10.55 -1.03 12.99
C GLY A 10 11.27 -2.32 13.18
N GLY A 11 10.68 -3.18 13.96
CA GLY A 11 11.28 -4.45 14.25
C GLY A 11 10.81 -5.53 13.32
N PHE A 12 11.23 -6.74 13.61
CA PHE A 12 10.90 -7.90 12.78
C PHE A 12 10.34 -9.00 13.65
N ALA B 6 -15.70 -10.52 -32.03
CA ALA B 6 -14.98 -11.13 -33.13
C ALA B 6 -13.49 -10.86 -32.99
N SER B 7 -13.17 -9.77 -32.35
CA SER B 7 -11.81 -9.41 -32.10
C SER B 7 -11.73 -8.65 -30.79
N ALA B 8 -10.82 -9.08 -29.91
CA ALA B 8 -10.59 -8.41 -28.64
C ALA B 8 -10.20 -6.96 -28.90
N SER B 9 -10.84 -6.06 -28.20
CA SER B 9 -10.65 -4.64 -28.43
C SER B 9 -9.39 -4.11 -27.78
N TYR B 10 -8.77 -4.94 -26.93
CA TYR B 10 -7.60 -4.57 -26.16
C TYR B 10 -7.94 -3.42 -25.27
N ASP B 11 -8.57 -3.78 -24.23
CA ASP B 11 -9.16 -2.87 -23.30
C ASP B 11 -8.13 -2.22 -22.45
N SER B 12 -8.20 -0.95 -22.39
CA SER B 12 -7.34 -0.19 -21.57
C SER B 12 -8.21 0.46 -20.54
N GLU B 13 -8.08 0.01 -19.36
CA GLU B 13 -8.98 0.37 -18.32
C GLU B 13 -8.42 1.42 -17.40
N GLU B 14 -9.26 1.85 -16.53
CA GLU B 14 -8.93 2.85 -15.56
C GLU B 14 -9.45 2.35 -14.20
N GLU B 15 -9.26 1.08 -13.97
CA GLU B 15 -9.67 0.45 -12.74
C GLU B 15 -8.53 0.50 -11.74
N GLU B 16 -8.50 1.55 -10.94
CA GLU B 16 -7.48 1.74 -9.92
C GLU B 16 -7.39 0.52 -9.02
N GLU B 17 -8.50 0.20 -8.44
CA GLU B 17 -8.62 -0.88 -7.48
C GLU B 17 -8.86 -2.21 -8.19
N GLY B 18 -8.57 -2.30 -9.47
CA GLY B 18 -8.82 -3.52 -10.17
C GLY B 18 -7.71 -3.90 -11.13
N LEU B 19 -6.69 -3.09 -11.19
CA LEU B 19 -5.59 -3.36 -12.09
C LEU B 19 -4.51 -4.17 -11.40
N PRO B 20 -3.92 -5.13 -12.10
CA PRO B 20 -2.80 -5.88 -11.56
C PRO B 20 -1.55 -4.99 -11.56
N MET B 21 -0.91 -4.93 -10.44
CA MET B 21 0.27 -4.10 -10.29
C MET B 21 1.49 -4.90 -10.57
N SER B 22 2.42 -4.30 -11.26
CA SER B 22 3.63 -4.95 -11.66
C SER B 22 4.57 -5.06 -10.47
N TYR B 23 5.54 -5.96 -10.55
CA TYR B 23 6.53 -6.13 -9.49
C TYR B 23 7.28 -4.84 -9.30
N ASP B 24 7.50 -4.14 -10.41
CA ASP B 24 8.15 -2.84 -10.42
C ASP B 24 7.35 -1.81 -9.63
N GLU B 25 6.04 -1.80 -9.85
CA GLU B 25 5.13 -0.94 -9.14
C GLU B 25 5.14 -1.25 -7.66
N LYS B 26 5.01 -2.53 -7.35
CA LYS B 26 5.03 -2.99 -5.97
C LYS B 26 6.34 -2.61 -5.28
N ARG B 27 7.44 -2.75 -6.02
CA ARG B 27 8.77 -2.36 -5.57
C ARG B 27 8.78 -0.89 -5.19
N GLN B 28 8.25 -0.05 -6.07
CA GLN B 28 8.17 1.37 -5.83
C GLN B 28 7.31 1.69 -4.65
N LEU B 29 6.24 0.95 -4.50
CA LEU B 29 5.34 1.09 -3.36
C LEU B 29 6.07 0.94 -2.04
N SER B 30 6.95 -0.03 -1.96
CA SER B 30 7.70 -0.26 -0.76
C SER B 30 8.66 0.90 -0.51
N LEU B 31 9.18 1.46 -1.58
CA LEU B 31 10.10 2.57 -1.50
C LEU B 31 9.36 3.81 -1.05
N ASP B 32 8.21 4.04 -1.66
CA ASP B 32 7.38 5.21 -1.39
C ASP B 32 6.85 5.19 0.02
N ILE B 33 6.56 4.03 0.54
CA ILE B 33 6.15 3.88 1.91
C ILE B 33 7.29 4.23 2.87
N ASN B 34 8.51 3.82 2.52
CA ASN B 34 9.66 4.16 3.35
C ASN B 34 10.03 5.62 3.18
N ARG B 35 9.56 6.22 2.10
CA ARG B 35 9.72 7.65 1.86
C ARG B 35 8.82 8.48 2.78
N LEU B 36 7.81 7.84 3.33
CA LEU B 36 6.91 8.52 4.23
C LEU B 36 7.44 8.47 5.66
N PRO B 37 7.26 9.56 6.42
CA PRO B 37 7.60 9.56 7.82
C PRO B 37 6.57 8.79 8.63
N GLY B 38 6.91 8.41 9.86
CA GLY B 38 6.01 7.61 10.70
C GLY B 38 4.64 8.23 10.89
N GLU B 39 4.61 9.55 10.91
CA GLU B 39 3.40 10.34 11.05
C GLU B 39 2.40 10.03 9.91
N LYS B 40 2.92 9.78 8.74
CA LYS B 40 2.11 9.53 7.58
C LYS B 40 1.97 8.05 7.32
N LEU B 41 2.95 7.29 7.80
CA LEU B 41 2.93 5.84 7.75
C LEU B 41 1.72 5.29 8.47
N GLY B 42 1.31 6.00 9.51
CA GLY B 42 0.15 5.61 10.29
C GLY B 42 -1.09 5.38 9.46
N ARG B 43 -1.27 6.18 8.41
CA ARG B 43 -2.42 6.02 7.56
C ARG B 43 -2.28 4.81 6.68
N VAL B 44 -1.12 4.63 6.08
CA VAL B 44 -0.92 3.50 5.17
C VAL B 44 -1.08 2.18 5.93
N VAL B 45 -0.66 2.17 7.20
CA VAL B 45 -0.85 1.01 8.08
C VAL B 45 -2.34 0.68 8.17
N HIS B 46 -3.17 1.70 8.41
CA HIS B 46 -4.62 1.51 8.56
C HIS B 46 -5.25 1.07 7.25
N ILE B 47 -4.71 1.56 6.15
CA ILE B 47 -5.18 1.21 4.82
C ILE B 47 -5.03 -0.29 4.60
N ILE B 48 -3.91 -0.83 5.03
CA ILE B 48 -3.65 -2.24 4.92
C ILE B 48 -4.57 -2.99 5.86
N GLN B 49 -4.64 -2.54 7.13
CA GLN B 49 -5.47 -3.17 8.17
C GLN B 49 -6.91 -3.31 7.77
N SER B 50 -7.36 -2.40 6.93
CA SER B 50 -8.70 -2.40 6.40
C SER B 50 -9.01 -3.74 5.72
N ARG B 51 -8.03 -4.29 5.02
CA ARG B 51 -8.23 -5.57 4.40
C ARG B 51 -7.54 -6.66 5.20
N GLU B 52 -6.37 -6.34 5.70
CA GLU B 52 -5.50 -7.29 6.35
C GLU B 52 -5.71 -7.31 7.83
N PRO B 53 -6.34 -8.36 8.33
CA PRO B 53 -6.57 -8.51 9.72
C PRO B 53 -5.40 -9.23 10.38
N SER B 54 -4.47 -9.61 9.55
CA SER B 54 -3.25 -10.25 9.92
C SER B 54 -2.27 -9.23 10.46
N LEU B 55 -2.37 -8.00 9.96
CA LEU B 55 -1.57 -6.90 10.47
C LEU B 55 -2.11 -6.55 11.84
N ARG B 56 -3.44 -6.41 11.92
CA ARG B 56 -4.17 -6.15 13.18
C ARG B 56 -3.84 -7.20 14.23
N ASP B 57 -3.59 -8.40 13.76
CA ASP B 57 -3.20 -9.54 14.61
C ASP B 57 -1.87 -9.27 15.33
N SER B 58 -1.03 -8.51 14.68
CA SER B 58 0.26 -8.15 15.22
C SER B 58 0.13 -6.78 15.90
N ASN B 59 1.23 -6.17 16.22
CA ASN B 59 1.25 -4.87 16.86
C ASN B 59 1.34 -3.83 15.76
N PRO B 60 0.55 -2.73 15.86
CA PRO B 60 0.49 -1.66 14.82
C PRO B 60 1.81 -0.90 14.69
N ASP B 61 2.72 -1.19 15.59
CA ASP B 61 4.08 -0.67 15.56
C ASP B 61 4.81 -1.22 14.35
N GLU B 62 4.42 -2.40 13.98
CA GLU B 62 4.96 -3.10 12.84
C GLU B 62 3.98 -3.02 11.70
N ILE B 63 4.46 -2.62 10.55
CA ILE B 63 3.65 -2.64 9.37
C ILE B 63 3.80 -4.04 8.75
N GLU B 64 2.72 -4.57 8.33
CA GLU B 64 2.71 -5.86 7.72
C GLU B 64 2.18 -5.73 6.33
N ILE B 65 3.04 -5.91 5.36
CA ILE B 65 2.66 -5.80 3.98
C ILE B 65 3.20 -6.98 3.23
N ASP B 66 2.37 -7.58 2.44
CA ASP B 66 2.78 -8.57 1.49
C ASP B 66 2.20 -8.20 0.16
N PHE B 67 3.05 -7.75 -0.73
CA PHE B 67 2.60 -7.20 -2.01
C PHE B 67 2.12 -8.29 -2.98
N GLU B 68 2.17 -9.53 -2.56
CA GLU B 68 1.79 -10.63 -3.41
C GLU B 68 0.35 -11.08 -3.18
N THR B 69 -0.04 -11.29 -1.94
CA THR B 69 -1.38 -11.74 -1.68
C THR B 69 -2.35 -10.58 -1.45
N LEU B 70 -1.83 -9.38 -1.39
CA LEU B 70 -2.66 -8.19 -1.33
C LEU B 70 -3.39 -7.96 -2.64
N LYS B 71 -4.60 -7.49 -2.53
CA LYS B 71 -5.44 -7.21 -3.68
C LYS B 71 -5.21 -5.78 -4.15
N PRO B 72 -5.47 -5.50 -5.46
CA PRO B 72 -5.36 -4.15 -6.07
C PRO B 72 -6.08 -3.07 -5.28
N THR B 73 -7.14 -3.46 -4.60
CA THR B 73 -7.96 -2.58 -3.82
C THR B 73 -7.16 -1.94 -2.71
N THR B 74 -6.37 -2.73 -2.08
CA THR B 74 -5.55 -2.27 -1.02
C THR B 74 -4.25 -1.68 -1.58
N LEU B 75 -3.59 -2.44 -2.45
CA LEU B 75 -2.28 -2.05 -3.02
C LEU B 75 -2.32 -0.66 -3.65
N ARG B 76 -3.32 -0.42 -4.45
CA ARG B 76 -3.47 0.83 -5.14
C ARG B 76 -3.81 1.94 -4.17
N GLU B 77 -4.53 1.60 -3.11
CA GLU B 77 -4.95 2.59 -2.12
C GLU B 77 -3.70 3.08 -1.36
N LEU B 78 -2.75 2.14 -1.14
CA LEU B 78 -1.47 2.46 -0.50
C LEU B 78 -0.76 3.45 -1.41
N GLU B 79 -0.68 3.08 -2.69
CA GLU B 79 -0.03 3.89 -3.72
C GLU B 79 -0.63 5.27 -3.77
N ARG B 80 -1.93 5.29 -3.83
CA ARG B 80 -2.73 6.49 -3.96
C ARG B 80 -2.45 7.45 -2.83
N TYR B 81 -2.16 6.93 -1.69
CA TYR B 81 -1.88 7.73 -0.56
C TYR B 81 -0.45 8.23 -0.60
N VAL B 82 0.48 7.31 -0.77
CA VAL B 82 1.90 7.63 -0.81
C VAL B 82 2.18 8.65 -1.93
N LYS B 83 1.56 8.44 -3.09
CA LYS B 83 1.77 9.30 -4.22
C LYS B 83 1.18 10.68 -4.00
N SER B 84 0.10 10.76 -3.25
CA SER B 84 -0.48 12.04 -2.91
C SER B 84 0.48 12.84 -1.99
N CYS B 85 1.23 12.14 -1.17
CA CYS B 85 2.15 12.75 -0.24
C CYS B 85 3.48 13.10 -0.92
N LEU B 86 3.86 12.28 -1.87
CA LEU B 86 5.13 12.43 -2.53
C LEU B 86 5.03 13.23 -3.82
N GLN B 87 3.92 13.94 -3.96
CA GLN B 87 3.75 14.83 -5.10
C GLN B 87 4.74 15.97 -4.99
N LYS B 88 4.93 16.47 -3.76
CA LYS B 88 6.03 17.35 -3.35
C LYS B 88 6.13 18.72 -4.10
N LYS B 89 6.18 19.78 -3.32
CA LYS B 89 6.46 21.09 -3.85
C LYS B 89 7.95 21.15 -4.19
N GLN B 90 8.25 20.73 -5.40
CA GLN B 90 9.59 20.58 -5.98
C GLN B 90 9.40 19.85 -7.28
N ARG B 91 8.53 18.84 -7.22
CA ARG B 91 8.12 18.07 -8.37
C ARG B 91 7.00 18.82 -9.04
N LYS B 92 6.08 19.29 -8.23
CA LYS B 92 5.05 20.15 -8.71
C LYS B 92 5.14 21.50 -7.99
N PRO B 93 5.75 22.50 -8.62
CA PRO B 93 5.82 23.82 -8.06
C PRO B 93 4.52 24.58 -8.33
N LYS A 1 7.66 -14.00 7.62
CA LYS A 1 8.23 -14.45 6.37
C LYS A 1 8.86 -13.28 5.66
N VAL A 2 9.41 -13.56 4.50
CA VAL A 2 9.97 -12.57 3.64
C VAL A 2 9.42 -12.79 2.24
N ALA A 3 9.76 -11.91 1.35
CA ALA A 3 9.32 -11.94 -0.02
C ALA A 3 10.40 -11.21 -0.78
N PRO A 4 10.42 -11.23 -2.16
CA PRO A 4 11.40 -10.47 -2.94
C PRO A 4 11.42 -9.01 -2.48
N LEU A 5 10.25 -8.46 -2.35
CA LEU A 5 10.07 -7.15 -1.85
C LEU A 5 9.80 -7.28 -0.36
N LYS A 6 10.54 -6.55 0.45
CA LYS A 6 10.42 -6.67 1.89
C LYS A 6 9.14 -6.00 2.40
N ILE A 7 8.49 -6.68 3.32
CA ILE A 7 7.14 -6.32 3.71
C ILE A 7 7.05 -5.61 5.08
N LYS A 8 8.13 -5.55 5.83
CA LYS A 8 8.06 -5.00 7.20
C LYS A 8 8.82 -3.71 7.37
N LEU A 9 8.42 -2.94 8.39
CA LEU A 9 9.20 -1.78 8.84
C LEU A 9 10.37 -2.29 9.69
N GLY A 10 10.04 -2.86 10.85
CA GLY A 10 11.03 -3.38 11.77
C GLY A 10 12.02 -2.32 12.16
N GLY A 11 13.28 -2.62 12.05
CA GLY A 11 14.32 -1.64 12.24
C GLY A 11 15.04 -1.42 10.92
N PHE A 12 14.60 -2.16 9.92
CA PHE A 12 15.14 -2.17 8.57
C PHE A 12 14.28 -3.11 7.72
N ALA B 6 -9.66 1.41 -31.36
CA ALA B 6 -10.78 0.49 -31.37
C ALA B 6 -11.34 0.31 -29.97
N SER B 7 -12.61 0.56 -29.84
CA SER B 7 -13.30 0.44 -28.59
C SER B 7 -13.47 -1.05 -28.25
N ALA B 8 -12.76 -1.50 -27.27
CA ALA B 8 -12.91 -2.85 -26.82
C ALA B 8 -13.38 -2.84 -25.39
N SER B 9 -14.65 -2.68 -25.23
CA SER B 9 -15.24 -2.65 -23.93
C SER B 9 -16.34 -3.69 -23.87
N TYR B 10 -16.01 -4.85 -23.36
CA TYR B 10 -16.98 -5.93 -23.27
C TYR B 10 -17.66 -5.93 -21.92
N ASP B 11 -17.11 -5.16 -21.04
CA ASP B 11 -17.58 -5.01 -19.67
C ASP B 11 -16.90 -3.76 -19.17
N SER B 12 -17.04 -3.42 -17.93
CA SER B 12 -16.35 -2.28 -17.41
C SER B 12 -14.93 -2.67 -17.08
N GLU B 13 -14.03 -2.22 -17.88
CA GLU B 13 -12.67 -2.62 -17.77
C GLU B 13 -11.78 -1.40 -17.59
N GLU B 14 -10.52 -1.67 -17.29
CA GLU B 14 -9.51 -0.70 -16.96
C GLU B 14 -9.86 -0.01 -15.66
N GLU B 15 -9.54 -0.69 -14.61
CA GLU B 15 -9.73 -0.21 -13.29
C GLU B 15 -8.37 -0.17 -12.66
N GLU B 16 -7.94 1.00 -12.22
CA GLU B 16 -6.62 1.17 -11.67
C GLU B 16 -6.42 0.28 -10.45
N GLU B 17 -7.46 0.17 -9.68
CA GLU B 17 -7.46 -0.66 -8.49
C GLU B 17 -7.96 -2.08 -8.81
N GLY B 18 -7.83 -2.45 -10.05
CA GLY B 18 -8.20 -3.77 -10.49
C GLY B 18 -7.11 -4.37 -11.34
N LEU B 19 -6.04 -3.63 -11.50
CA LEU B 19 -4.92 -4.05 -12.30
C LEU B 19 -3.92 -4.78 -11.44
N PRO B 20 -3.38 -5.90 -11.92
CA PRO B 20 -2.33 -6.63 -11.21
C PRO B 20 -1.09 -5.75 -11.09
N MET B 21 -0.60 -5.62 -9.90
CA MET B 21 0.55 -4.80 -9.60
C MET B 21 1.81 -5.63 -9.80
N SER B 22 2.73 -5.14 -10.60
CA SER B 22 3.94 -5.88 -10.83
C SER B 22 4.93 -5.59 -9.71
N TYR B 23 6.01 -6.36 -9.60
CA TYR B 23 6.98 -6.13 -8.54
C TYR B 23 7.59 -4.76 -8.64
N ASP B 24 7.67 -4.23 -9.84
CA ASP B 24 8.22 -2.88 -10.05
C ASP B 24 7.29 -1.81 -9.51
N GLU B 25 6.01 -1.98 -9.76
CA GLU B 25 5.00 -1.07 -9.29
C GLU B 25 4.93 -1.10 -7.76
N LYS B 26 4.91 -2.31 -7.22
CA LYS B 26 4.92 -2.52 -5.78
C LYS B 26 6.23 -2.03 -5.17
N ARG B 27 7.32 -2.21 -5.88
CA ARG B 27 8.64 -1.69 -5.49
C ARG B 27 8.53 -0.21 -5.24
N GLN B 28 7.99 0.53 -6.21
CA GLN B 28 7.87 1.96 -6.12
C GLN B 28 6.96 2.33 -4.94
N LEU B 29 5.92 1.56 -4.78
CA LEU B 29 4.97 1.72 -3.71
C LEU B 29 5.71 1.63 -2.35
N SER B 30 6.58 0.62 -2.20
CA SER B 30 7.31 0.44 -0.95
C SER B 30 8.36 1.52 -0.76
N LEU B 31 8.89 2.03 -1.88
CA LEU B 31 9.88 3.08 -1.84
C LEU B 31 9.26 4.33 -1.27
N ASP B 32 8.08 4.67 -1.76
CA ASP B 32 7.36 5.83 -1.26
C ASP B 32 6.93 5.63 0.17
N ILE B 33 6.60 4.39 0.53
CA ILE B 33 6.29 4.06 1.92
C ILE B 33 7.49 4.34 2.84
N ASN B 34 8.70 4.01 2.38
CA ASN B 34 9.90 4.24 3.18
C ASN B 34 10.23 5.74 3.20
N ARG B 35 9.78 6.43 2.19
CA ARG B 35 9.94 7.89 2.08
C ARG B 35 9.06 8.62 3.09
N LEU B 36 8.05 7.92 3.58
CA LEU B 36 7.13 8.49 4.55
C LEU B 36 7.63 8.33 5.97
N PRO B 37 7.44 9.37 6.80
CA PRO B 37 7.69 9.28 8.23
C PRO B 37 6.59 8.46 8.92
N GLY B 38 6.82 8.05 10.16
CA GLY B 38 5.89 7.21 10.91
C GLY B 38 4.47 7.77 10.97
N GLU B 39 4.36 9.10 11.03
CA GLU B 39 3.09 9.83 11.04
C GLU B 39 2.21 9.36 9.89
N LYS B 40 2.81 9.31 8.73
CA LYS B 40 2.09 9.03 7.51
C LYS B 40 2.01 7.54 7.30
N LEU B 41 3.04 6.85 7.81
CA LEU B 41 3.09 5.39 7.76
C LEU B 41 1.93 4.77 8.47
N GLY B 42 1.56 5.34 9.60
CA GLY B 42 0.42 4.87 10.37
C GLY B 42 -0.85 4.75 9.53
N ARG B 43 -1.00 5.65 8.58
CA ARG B 43 -2.15 5.65 7.74
C ARG B 43 -2.07 4.52 6.75
N VAL B 44 -0.93 4.34 6.10
CA VAL B 44 -0.79 3.26 5.12
C VAL B 44 -0.92 1.90 5.82
N VAL B 45 -0.44 1.81 7.06
CA VAL B 45 -0.60 0.59 7.86
C VAL B 45 -2.10 0.31 8.03
N HIS B 46 -2.86 1.38 8.31
CA HIS B 46 -4.28 1.30 8.60
C HIS B 46 -5.07 0.96 7.33
N ILE B 47 -4.57 1.45 6.18
CA ILE B 47 -5.16 1.16 4.87
C ILE B 47 -5.15 -0.34 4.62
N ILE B 48 -4.07 -0.98 5.03
CA ILE B 48 -3.92 -2.40 4.93
C ILE B 48 -4.90 -3.10 5.88
N GLN B 49 -4.99 -2.58 7.12
CA GLN B 49 -5.86 -3.11 8.18
C GLN B 49 -7.31 -3.18 7.77
N SER B 50 -7.69 -2.33 6.86
CA SER B 50 -9.04 -2.31 6.33
C SER B 50 -9.39 -3.64 5.63
N ARG B 51 -8.42 -4.26 4.97
CA ARG B 51 -8.65 -5.55 4.33
C ARG B 51 -8.04 -6.65 5.17
N GLU B 52 -6.92 -6.34 5.77
CA GLU B 52 -6.11 -7.31 6.47
C GLU B 52 -6.27 -7.19 7.95
N PRO B 53 -7.01 -8.11 8.55
CA PRO B 53 -7.20 -8.11 9.97
C PRO B 53 -6.06 -8.87 10.66
N SER B 54 -5.22 -9.46 9.85
CA SER B 54 -4.04 -10.16 10.27
C SER B 54 -3.01 -9.16 10.75
N LEU B 55 -3.01 -8.00 10.10
CA LEU B 55 -2.14 -6.91 10.47
C LEU B 55 -2.55 -6.43 11.88
N ARG B 56 -3.84 -6.35 12.10
CA ARG B 56 -4.40 -5.99 13.42
C ARG B 56 -3.92 -6.98 14.51
N ASP B 57 -3.69 -8.22 14.11
CA ASP B 57 -3.15 -9.25 15.04
C ASP B 57 -1.65 -9.10 15.20
N SER B 58 -1.11 -8.11 14.58
CA SER B 58 0.28 -7.79 14.65
C SER B 58 0.41 -6.38 15.24
N ASN B 59 1.59 -5.85 15.33
CA ASN B 59 1.75 -4.52 15.88
C ASN B 59 1.62 -3.50 14.77
N PRO B 60 0.77 -2.47 14.95
CA PRO B 60 0.55 -1.42 13.93
C PRO B 60 1.76 -0.50 13.79
N ASP B 61 2.69 -0.66 14.71
CA ASP B 61 3.94 0.06 14.70
C ASP B 61 4.79 -0.47 13.59
N GLU B 62 4.66 -1.74 13.35
CA GLU B 62 5.40 -2.43 12.33
C GLU B 62 4.46 -2.68 11.17
N ILE B 63 4.74 -2.08 10.05
CA ILE B 63 3.89 -2.29 8.92
C ILE B 63 4.24 -3.63 8.31
N GLU B 64 3.27 -4.28 7.78
CA GLU B 64 3.48 -5.47 7.05
C GLU B 64 2.57 -5.45 5.87
N ILE B 65 3.14 -5.12 4.75
CA ILE B 65 2.39 -5.04 3.54
C ILE B 65 2.57 -6.33 2.82
N ASP B 66 1.60 -7.20 2.84
CA ASP B 66 1.74 -8.43 2.10
C ASP B 66 1.48 -8.12 0.63
N PHE B 67 2.53 -7.69 -0.04
CA PHE B 67 2.50 -7.27 -1.44
C PHE B 67 2.06 -8.35 -2.44
N GLU B 68 1.84 -9.54 -1.97
CA GLU B 68 1.51 -10.62 -2.87
C GLU B 68 0.06 -10.97 -2.78
N THR B 69 -0.41 -11.16 -1.59
CA THR B 69 -1.72 -11.66 -1.37
C THR B 69 -2.74 -10.52 -1.25
N LEU B 70 -2.25 -9.29 -1.22
CA LEU B 70 -3.13 -8.14 -1.21
C LEU B 70 -3.78 -7.94 -2.57
N LYS B 71 -5.01 -7.52 -2.54
CA LYS B 71 -5.74 -7.22 -3.75
C LYS B 71 -5.37 -5.83 -4.26
N PRO B 72 -5.49 -5.59 -5.58
CA PRO B 72 -5.17 -4.29 -6.21
C PRO B 72 -5.92 -3.13 -5.57
N THR B 73 -7.08 -3.42 -5.01
CA THR B 73 -7.91 -2.44 -4.38
C THR B 73 -7.25 -1.86 -3.14
N THR B 74 -6.59 -2.70 -2.42
CA THR B 74 -5.90 -2.29 -1.25
C THR B 74 -4.51 -1.77 -1.62
N LEU B 75 -3.80 -2.55 -2.45
CA LEU B 75 -2.46 -2.18 -2.91
C LEU B 75 -2.41 -0.81 -3.53
N ARG B 76 -3.39 -0.53 -4.35
CA ARG B 76 -3.41 0.71 -5.07
C ARG B 76 -3.70 1.86 -4.13
N GLU B 77 -4.48 1.59 -3.09
CA GLU B 77 -4.89 2.60 -2.16
C GLU B 77 -3.67 3.07 -1.36
N LEU B 78 -2.74 2.13 -1.14
CA LEU B 78 -1.48 2.41 -0.46
C LEU B 78 -0.71 3.41 -1.32
N GLU B 79 -0.51 3.04 -2.60
CA GLU B 79 0.24 3.84 -3.55
C GLU B 79 -0.43 5.21 -3.72
N ARG B 80 -1.73 5.19 -3.81
CA ARG B 80 -2.58 6.38 -4.00
C ARG B 80 -2.39 7.38 -2.85
N TYR B 81 -2.12 6.85 -1.68
CA TYR B 81 -1.90 7.67 -0.52
C TYR B 81 -0.48 8.21 -0.50
N VAL B 82 0.47 7.30 -0.63
CA VAL B 82 1.88 7.67 -0.57
C VAL B 82 2.22 8.70 -1.66
N LYS B 83 1.62 8.55 -2.83
CA LYS B 83 1.85 9.49 -3.92
C LYS B 83 1.30 10.88 -3.57
N SER B 84 0.18 10.90 -2.84
CA SER B 84 -0.42 12.12 -2.37
C SER B 84 0.45 12.80 -1.31
N CYS B 85 1.12 12.00 -0.49
CA CYS B 85 1.95 12.53 0.56
C CYS B 85 3.31 12.97 -0.02
N LEU B 86 3.78 12.24 -1.04
CA LEU B 86 5.02 12.60 -1.75
C LEU B 86 4.84 13.78 -2.68
N GLN B 87 3.62 14.28 -2.76
CA GLN B 87 3.34 15.49 -3.47
C GLN B 87 4.08 16.58 -2.72
N LYS B 88 3.88 16.60 -1.39
CA LYS B 88 4.61 17.43 -0.41
C LYS B 88 4.37 18.97 -0.55
N LYS B 89 3.74 19.35 -1.64
CA LYS B 89 3.37 20.71 -1.89
C LYS B 89 1.91 20.86 -1.55
N GLN B 90 1.49 22.03 -1.14
CA GLN B 90 0.09 22.23 -0.78
C GLN B 90 -0.78 22.19 -2.04
N ARG B 91 -0.19 22.56 -3.15
CA ARG B 91 -0.85 22.55 -4.43
C ARG B 91 0.21 22.46 -5.50
N LYS B 92 -0.18 22.16 -6.69
CA LYS B 92 0.74 22.16 -7.80
C LYS B 92 0.11 22.88 -9.00
N PRO B 93 0.82 23.87 -9.57
CA PRO B 93 0.34 24.64 -10.73
C PRO B 93 -0.03 23.75 -11.92
N LYS A 1 12.19 -11.05 1.54
CA LYS A 1 12.02 -11.87 2.74
C LYS A 1 10.92 -12.88 2.46
N VAL A 2 11.27 -13.93 1.70
CA VAL A 2 10.32 -14.91 1.16
C VAL A 2 9.33 -14.16 0.28
N ALA A 3 9.70 -14.09 -1.00
CA ALA A 3 9.13 -13.20 -2.02
C ALA A 3 9.90 -11.87 -1.96
N PRO A 4 10.27 -11.31 -3.13
CA PRO A 4 11.21 -10.17 -3.24
C PRO A 4 10.73 -8.84 -2.65
N LEU A 5 9.53 -8.78 -2.16
CA LEU A 5 9.03 -7.54 -1.67
C LEU A 5 8.08 -7.76 -0.48
N LYS A 6 8.66 -7.68 0.68
CA LYS A 6 8.00 -7.82 1.97
C LYS A 6 8.66 -6.81 2.89
N ILE A 7 7.92 -6.15 3.74
CA ILE A 7 8.52 -5.14 4.58
C ILE A 7 7.80 -4.99 5.93
N LYS A 8 8.58 -5.01 7.00
CA LYS A 8 8.11 -4.70 8.33
C LYS A 8 8.47 -3.27 8.64
N LEU A 9 7.53 -2.51 9.05
CA LEU A 9 7.80 -1.16 9.51
C LEU A 9 7.77 -1.22 11.01
N GLY A 10 8.73 -0.62 11.64
CA GLY A 10 8.74 -0.55 13.07
C GLY A 10 8.51 0.87 13.49
N GLY A 11 7.34 1.13 14.04
CA GLY A 11 6.99 2.49 14.47
C GLY A 11 7.97 3.03 15.49
N PHE A 12 7.98 2.45 16.66
CA PHE A 12 8.91 2.86 17.69
C PHE A 12 10.21 2.06 17.54
N ALA B 6 -18.47 -13.63 -3.81
CA ALA B 6 -19.40 -14.24 -4.73
C ALA B 6 -20.81 -13.81 -4.39
N SER B 7 -21.04 -13.58 -3.10
CA SER B 7 -22.33 -13.14 -2.63
C SER B 7 -22.39 -11.62 -2.57
N ALA B 8 -21.23 -11.00 -2.72
CA ALA B 8 -21.13 -9.57 -2.73
C ALA B 8 -21.47 -9.06 -4.11
N SER B 9 -22.29 -8.06 -4.17
CA SER B 9 -22.70 -7.49 -5.41
C SER B 9 -21.71 -6.43 -5.85
N TYR B 10 -21.42 -6.40 -7.12
CA TYR B 10 -20.52 -5.44 -7.67
C TYR B 10 -21.29 -4.49 -8.55
N ASP B 11 -20.57 -3.75 -9.33
CA ASP B 11 -21.13 -2.74 -10.22
C ASP B 11 -20.07 -2.45 -11.25
N SER B 12 -20.46 -2.27 -12.49
CA SER B 12 -19.48 -2.11 -13.52
C SER B 12 -18.92 -0.72 -13.56
N GLU B 13 -17.64 -0.70 -13.64
CA GLU B 13 -16.82 0.47 -13.64
C GLU B 13 -15.44 -0.04 -13.94
N GLU B 14 -14.53 0.84 -14.18
CA GLU B 14 -13.16 0.49 -14.38
C GLU B 14 -12.56 0.16 -13.05
N GLU B 15 -12.45 -1.12 -12.78
CA GLU B 15 -11.88 -1.56 -11.56
C GLU B 15 -10.37 -1.47 -11.67
N GLU B 16 -9.87 -0.32 -11.30
CA GLU B 16 -8.46 0.00 -11.34
C GLU B 16 -7.80 -0.61 -10.10
N GLU B 17 -8.64 -1.01 -9.18
CA GLU B 17 -8.27 -1.67 -7.96
C GLU B 17 -8.46 -3.17 -8.10
N GLY B 18 -8.43 -3.63 -9.31
CA GLY B 18 -8.58 -5.02 -9.57
C GLY B 18 -7.75 -5.45 -10.74
N LEU B 19 -6.71 -4.69 -11.00
CA LEU B 19 -5.78 -4.99 -12.05
C LEU B 19 -4.46 -5.48 -11.43
N PRO B 20 -3.71 -6.36 -12.10
CA PRO B 20 -2.44 -6.83 -11.57
C PRO B 20 -1.39 -5.71 -11.59
N MET B 21 -0.71 -5.54 -10.49
CA MET B 21 0.33 -4.55 -10.37
C MET B 21 1.64 -5.23 -10.59
N SER B 22 2.50 -4.61 -11.31
CA SER B 22 3.72 -5.25 -11.68
C SER B 22 4.77 -5.06 -10.62
N TYR B 23 5.81 -5.87 -10.71
CA TYR B 23 7.00 -5.81 -9.87
C TYR B 23 7.54 -4.39 -9.78
N ASP B 24 7.47 -3.66 -10.89
CA ASP B 24 7.97 -2.29 -10.98
C ASP B 24 7.12 -1.38 -10.13
N GLU B 25 5.81 -1.46 -10.33
CA GLU B 25 4.84 -0.68 -9.61
C GLU B 25 4.95 -0.91 -8.12
N LYS B 26 5.01 -2.16 -7.73
CA LYS B 26 5.15 -2.55 -6.34
C LYS B 26 6.49 -2.04 -5.76
N ARG B 27 7.56 -2.22 -6.52
CA ARG B 27 8.90 -1.77 -6.10
C ARG B 27 8.91 -0.26 -5.90
N GLN B 28 8.38 0.46 -6.87
CA GLN B 28 8.30 1.88 -6.84
C GLN B 28 7.42 2.34 -5.68
N LEU B 29 6.38 1.58 -5.42
CA LEU B 29 5.46 1.84 -4.33
C LEU B 29 6.25 1.75 -3.01
N SER B 30 7.13 0.75 -2.91
CA SER B 30 7.93 0.54 -1.73
C SER B 30 8.94 1.67 -1.56
N LEU B 31 9.36 2.24 -2.67
CA LEU B 31 10.28 3.36 -2.66
C LEU B 31 9.55 4.59 -2.16
N ASP B 32 8.38 4.87 -2.74
CA ASP B 32 7.54 5.98 -2.28
C ASP B 32 7.16 5.87 -0.81
N ILE B 33 6.89 4.65 -0.36
CA ILE B 33 6.63 4.38 1.06
C ILE B 33 7.87 4.65 1.91
N ASN B 34 9.04 4.29 1.38
CA ASN B 34 10.29 4.51 2.09
C ASN B 34 10.62 6.01 2.17
N ARG B 35 10.06 6.75 1.23
CA ARG B 35 10.19 8.19 1.17
C ARG B 35 9.36 8.85 2.27
N LEU B 36 8.42 8.11 2.82
CA LEU B 36 7.60 8.60 3.90
C LEU B 36 8.19 8.17 5.23
N PRO B 37 8.12 9.02 6.25
CA PRO B 37 8.53 8.66 7.59
C PRO B 37 7.46 7.75 8.25
N GLY B 38 7.85 7.04 9.30
CA GLY B 38 6.98 6.09 9.98
C GLY B 38 5.67 6.67 10.47
N GLU B 39 5.69 7.94 10.82
CA GLU B 39 4.49 8.65 11.26
C GLU B 39 3.41 8.65 10.17
N LYS B 40 3.82 8.80 8.92
CA LYS B 40 2.88 8.84 7.79
C LYS B 40 2.41 7.45 7.47
N LEU B 41 3.27 6.46 7.75
CA LEU B 41 2.93 5.07 7.57
C LEU B 41 1.71 4.68 8.36
N GLY B 42 1.47 5.39 9.47
CA GLY B 42 0.32 5.13 10.33
C GLY B 42 -1.00 5.07 9.58
N ARG B 43 -1.17 5.90 8.57
CA ARG B 43 -2.37 5.89 7.78
C ARG B 43 -2.38 4.66 6.89
N VAL B 44 -1.23 4.35 6.34
CA VAL B 44 -1.09 3.22 5.44
C VAL B 44 -1.36 1.93 6.20
N VAL B 45 -0.99 1.90 7.48
CA VAL B 45 -1.24 0.75 8.33
C VAL B 45 -2.73 0.44 8.36
N HIS B 46 -3.55 1.49 8.48
CA HIS B 46 -5.00 1.34 8.51
C HIS B 46 -5.51 0.84 7.16
N ILE B 47 -4.78 1.19 6.12
CA ILE B 47 -5.10 0.77 4.77
C ILE B 47 -4.96 -0.75 4.65
N ILE B 48 -3.86 -1.31 5.18
CA ILE B 48 -3.70 -2.77 5.16
C ILE B 48 -4.75 -3.42 6.05
N GLN B 49 -5.00 -2.83 7.23
CA GLN B 49 -5.96 -3.36 8.21
C GLN B 49 -7.34 -3.54 7.62
N SER B 50 -7.67 -2.74 6.63
CA SER B 50 -8.94 -2.78 5.97
C SER B 50 -9.21 -4.19 5.42
N ARG B 51 -8.22 -4.80 4.81
CA ARG B 51 -8.39 -6.13 4.27
C ARG B 51 -7.80 -7.17 5.20
N GLU B 52 -6.69 -6.83 5.82
CA GLU B 52 -5.94 -7.78 6.64
C GLU B 52 -6.24 -7.55 8.10
N PRO B 53 -7.11 -8.36 8.69
CA PRO B 53 -7.49 -8.22 10.05
C PRO B 53 -6.48 -8.87 10.99
N SER B 54 -5.56 -9.62 10.40
CA SER B 54 -4.52 -10.29 11.14
C SER B 54 -3.48 -9.28 11.58
N LEU B 55 -3.40 -8.18 10.85
CA LEU B 55 -2.50 -7.12 11.23
C LEU B 55 -3.09 -6.35 12.41
N ARG B 56 -4.42 -6.26 12.45
CA ARG B 56 -5.13 -5.66 13.60
C ARG B 56 -4.85 -6.51 14.84
N ASP B 57 -4.69 -7.80 14.60
CA ASP B 57 -4.39 -8.78 15.63
C ASP B 57 -2.96 -8.60 16.18
N SER B 58 -2.10 -8.02 15.37
CA SER B 58 -0.75 -7.72 15.79
C SER B 58 -0.74 -6.28 16.33
N ASN B 59 0.41 -5.74 16.59
CA ASN B 59 0.51 -4.39 17.08
C ASN B 59 0.66 -3.44 15.92
N PRO B 60 -0.01 -2.27 15.95
CA PRO B 60 0.05 -1.26 14.85
C PRO B 60 1.46 -0.66 14.72
N ASP B 61 2.31 -1.01 15.65
CA ASP B 61 3.72 -0.63 15.65
C ASP B 61 4.41 -1.38 14.54
N GLU B 62 3.90 -2.57 14.29
CA GLU B 62 4.36 -3.42 13.23
C GLU B 62 3.33 -3.48 12.11
N ILE B 63 3.71 -2.99 11.00
CA ILE B 63 2.92 -3.12 9.82
C ILE B 63 3.72 -3.89 8.82
N GLU B 64 3.13 -4.87 8.26
CA GLU B 64 3.78 -5.66 7.27
C GLU B 64 3.04 -5.49 5.98
N ILE B 65 3.68 -4.88 5.04
CA ILE B 65 3.07 -4.67 3.78
C ILE B 65 3.45 -5.80 2.87
N ASP B 66 2.48 -6.62 2.56
CA ASP B 66 2.70 -7.76 1.71
C ASP B 66 2.32 -7.37 0.30
N PHE B 67 3.29 -7.09 -0.51
CA PHE B 67 3.01 -6.60 -1.85
C PHE B 67 2.52 -7.70 -2.80
N GLU B 68 2.56 -8.93 -2.36
CA GLU B 68 2.17 -10.04 -3.19
C GLU B 68 0.75 -10.47 -2.93
N THR B 69 0.49 -10.74 -1.69
CA THR B 69 -0.72 -11.35 -1.28
C THR B 69 -1.81 -10.31 -0.94
N LEU B 70 -1.48 -9.06 -1.12
CA LEU B 70 -2.46 -8.01 -0.98
C LEU B 70 -3.19 -7.83 -2.28
N LYS B 71 -4.46 -7.59 -2.20
CA LYS B 71 -5.27 -7.31 -3.37
C LYS B 71 -4.88 -5.96 -3.93
N PRO B 72 -5.01 -5.77 -5.27
CA PRO B 72 -4.76 -4.48 -5.97
C PRO B 72 -5.52 -3.35 -5.30
N THR B 73 -6.63 -3.72 -4.72
CA THR B 73 -7.54 -2.85 -4.07
C THR B 73 -6.88 -2.17 -2.87
N THR B 74 -6.14 -2.94 -2.13
CA THR B 74 -5.45 -2.44 -1.00
C THR B 74 -4.11 -1.85 -1.43
N LEU B 75 -3.40 -2.56 -2.31
CA LEU B 75 -2.10 -2.14 -2.82
C LEU B 75 -2.15 -0.75 -3.45
N ARG B 76 -3.12 -0.54 -4.31
CA ARG B 76 -3.28 0.74 -4.99
C ARG B 76 -3.60 1.83 -3.98
N GLU B 77 -4.35 1.48 -2.95
CA GLU B 77 -4.79 2.43 -1.95
C GLU B 77 -3.56 2.96 -1.15
N LEU B 78 -2.56 2.09 -0.98
CA LEU B 78 -1.27 2.47 -0.34
C LEU B 78 -0.61 3.52 -1.23
N GLU B 79 -0.55 3.19 -2.53
CA GLU B 79 0.07 4.03 -3.55
C GLU B 79 -0.63 5.39 -3.63
N ARG B 80 -1.96 5.37 -3.56
CA ARG B 80 -2.79 6.58 -3.63
C ARG B 80 -2.45 7.51 -2.48
N TYR B 81 -2.11 6.94 -1.37
CA TYR B 81 -1.81 7.73 -0.21
C TYR B 81 -0.42 8.32 -0.30
N VAL B 82 0.55 7.48 -0.61
CA VAL B 82 1.94 7.91 -0.70
C VAL B 82 2.09 9.00 -1.74
N LYS B 83 1.38 8.85 -2.85
CA LYS B 83 1.44 9.81 -3.91
C LYS B 83 0.79 11.13 -3.50
N SER B 84 -0.22 11.05 -2.65
CA SER B 84 -0.86 12.24 -2.14
C SER B 84 0.08 13.02 -1.19
N CYS B 85 0.79 12.28 -0.34
CA CYS B 85 1.65 12.87 0.67
C CYS B 85 2.90 13.46 0.03
N LEU B 86 3.45 12.72 -0.92
CA LEU B 86 4.62 13.14 -1.68
C LEU B 86 4.22 14.13 -2.76
N GLN B 87 2.91 14.23 -2.96
CA GLN B 87 2.29 15.03 -3.97
C GLN B 87 2.87 14.71 -5.34
N LYS B 88 2.42 13.61 -5.89
CA LYS B 88 2.91 13.06 -7.15
C LYS B 88 2.32 13.81 -8.34
N LYS B 89 1.62 14.89 -8.04
CA LYS B 89 1.03 15.73 -9.05
C LYS B 89 2.14 16.58 -9.71
N GLN B 90 3.38 16.37 -9.25
CA GLN B 90 4.57 16.90 -9.89
C GLN B 90 4.63 16.35 -11.31
N ARG B 91 4.14 15.13 -11.46
CA ARG B 91 4.01 14.50 -12.74
C ARG B 91 2.70 14.95 -13.36
N LYS B 92 2.70 16.15 -13.84
CA LYS B 92 1.53 16.76 -14.41
C LYS B 92 1.76 17.04 -15.89
N PRO B 93 0.78 16.76 -16.76
CA PRO B 93 0.88 17.08 -18.18
C PRO B 93 0.59 18.55 -18.42
N LYS A 1 10.95 -17.15 -2.72
CA LYS A 1 10.05 -17.23 -1.57
C LYS A 1 8.93 -16.25 -1.80
N VAL A 2 7.87 -16.36 -1.02
CA VAL A 2 6.72 -15.51 -1.20
C VAL A 2 6.95 -14.08 -0.69
N ALA A 3 6.76 -13.13 -1.60
CA ALA A 3 6.85 -11.68 -1.36
C ALA A 3 8.21 -11.24 -0.84
N PRO A 4 9.13 -10.87 -1.73
CA PRO A 4 10.43 -10.34 -1.34
C PRO A 4 10.29 -8.91 -0.81
N LEU A 5 9.24 -8.25 -1.26
CA LEU A 5 8.91 -6.92 -0.81
C LEU A 5 8.09 -7.02 0.47
N LYS A 6 8.79 -6.92 1.58
CA LYS A 6 8.17 -6.93 2.88
C LYS A 6 8.63 -5.69 3.58
N ILE A 7 7.71 -4.92 4.07
CA ILE A 7 8.05 -3.73 4.78
C ILE A 7 7.45 -3.77 6.17
N LYS A 8 8.29 -3.67 7.16
CA LYS A 8 7.88 -3.62 8.53
C LYS A 8 8.30 -2.31 9.17
N LEU A 9 7.40 -1.72 9.89
CA LEU A 9 7.65 -0.47 10.63
C LEU A 9 7.54 -0.75 12.10
N GLY A 10 8.61 -0.58 12.82
CA GLY A 10 8.56 -0.76 14.25
C GLY A 10 9.24 -2.03 14.68
N GLY A 11 8.46 -2.93 15.22
CA GLY A 11 9.00 -4.16 15.72
C GLY A 11 8.00 -5.27 15.66
N PHE A 12 8.47 -6.45 15.40
CA PHE A 12 7.64 -7.64 15.27
C PHE A 12 7.33 -8.22 16.64
N ALA B 6 -24.10 5.64 -26.78
CA ALA B 6 -25.03 5.16 -25.76
C ALA B 6 -24.91 3.65 -25.64
N SER B 7 -23.97 3.11 -26.36
CA SER B 7 -23.72 1.71 -26.33
C SER B 7 -22.32 1.47 -25.78
N ALA B 8 -22.23 0.61 -24.81
CA ALA B 8 -20.96 0.28 -24.21
C ALA B 8 -20.50 -1.05 -24.75
N SER B 9 -19.36 -1.06 -25.39
CA SER B 9 -18.86 -2.27 -25.98
C SER B 9 -17.45 -2.54 -25.48
N TYR B 10 -17.32 -3.57 -24.65
CA TYR B 10 -16.06 -4.06 -24.10
C TYR B 10 -15.43 -3.08 -23.12
N ASP B 11 -15.60 -3.37 -21.88
CA ASP B 11 -14.97 -2.62 -20.81
C ASP B 11 -13.56 -3.10 -20.69
N SER B 12 -12.63 -2.20 -20.72
CA SER B 12 -11.22 -2.57 -20.66
C SER B 12 -10.74 -2.72 -19.26
N GLU B 13 -11.59 -2.39 -18.37
CA GLU B 13 -11.28 -2.46 -17.01
C GLU B 13 -12.55 -2.29 -16.19
N GLU B 14 -12.41 -2.32 -14.91
CA GLU B 14 -13.48 -2.07 -13.98
C GLU B 14 -12.99 -1.05 -12.99
N GLU B 15 -11.96 -1.44 -12.29
CA GLU B 15 -11.39 -0.66 -11.23
C GLU B 15 -9.87 -0.75 -11.29
N GLU B 16 -9.21 0.36 -10.97
CA GLU B 16 -7.73 0.44 -10.92
C GLU B 16 -7.24 -0.50 -9.84
N GLU B 17 -8.10 -0.64 -8.88
CA GLU B 17 -7.92 -1.45 -7.70
C GLU B 17 -8.23 -2.92 -7.95
N GLY B 18 -8.29 -3.29 -9.20
CA GLY B 18 -8.58 -4.65 -9.56
C GLY B 18 -7.76 -5.10 -10.72
N LEU B 19 -6.69 -4.39 -10.95
CA LEU B 19 -5.78 -4.72 -12.02
C LEU B 19 -4.52 -5.31 -11.42
N PRO B 20 -4.08 -6.48 -11.94
CA PRO B 20 -2.84 -7.11 -11.49
C PRO B 20 -1.67 -6.15 -11.58
N MET B 21 -0.93 -6.04 -10.52
CA MET B 21 0.17 -5.10 -10.46
C MET B 21 1.45 -5.78 -10.80
N SER B 22 2.25 -5.10 -11.56
CA SER B 22 3.51 -5.63 -11.98
C SER B 22 4.46 -5.50 -10.80
N TYR B 23 5.52 -6.29 -10.79
CA TYR B 23 6.51 -6.21 -9.72
C TYR B 23 7.07 -4.79 -9.65
N ASP B 24 7.22 -4.16 -10.81
CA ASP B 24 7.74 -2.78 -10.88
C ASP B 24 6.81 -1.82 -10.17
N GLU B 25 5.51 -1.97 -10.41
CA GLU B 25 4.49 -1.15 -9.76
C GLU B 25 4.64 -1.22 -8.25
N LYS B 26 4.71 -2.42 -7.75
CA LYS B 26 4.89 -2.68 -6.33
C LYS B 26 6.27 -2.23 -5.81
N ARG B 27 7.27 -2.42 -6.63
CA ARG B 27 8.66 -2.04 -6.30
C ARG B 27 8.78 -0.52 -6.16
N GLN B 28 8.18 0.20 -7.05
CA GLN B 28 8.19 1.63 -7.03
C GLN B 28 7.34 2.11 -5.84
N LEU B 29 6.28 1.39 -5.57
CA LEU B 29 5.37 1.68 -4.48
C LEU B 29 6.12 1.60 -3.13
N SER B 30 7.00 0.60 -2.99
CA SER B 30 7.74 0.44 -1.77
C SER B 30 8.79 1.55 -1.61
N LEU B 31 9.27 2.06 -2.74
CA LEU B 31 10.21 3.18 -2.74
C LEU B 31 9.53 4.41 -2.17
N ASP B 32 8.32 4.66 -2.61
CA ASP B 32 7.55 5.83 -2.11
C ASP B 32 7.20 5.68 -0.64
N ILE B 33 6.99 4.46 -0.19
CA ILE B 33 6.77 4.19 1.23
C ILE B 33 8.06 4.48 2.04
N ASN B 34 9.21 4.15 1.48
CA ASN B 34 10.51 4.42 2.11
C ASN B 34 10.73 5.94 2.18
N ARG B 35 10.18 6.64 1.22
CA ARG B 35 10.25 8.09 1.13
C ARG B 35 9.36 8.79 2.17
N LEU B 36 8.44 8.06 2.75
CA LEU B 36 7.58 8.63 3.76
C LEU B 36 8.16 8.43 5.14
N PRO B 37 7.98 9.39 6.03
CA PRO B 37 8.34 9.23 7.42
C PRO B 37 7.24 8.40 8.14
N GLY B 38 7.60 7.81 9.27
CA GLY B 38 6.70 6.90 10.00
C GLY B 38 5.36 7.51 10.36
N GLU B 39 5.35 8.82 10.59
CA GLU B 39 4.15 9.56 10.93
C GLU B 39 3.08 9.37 9.86
N LYS B 40 3.50 9.45 8.60
CA LYS B 40 2.56 9.39 7.49
C LYS B 40 2.19 7.94 7.24
N LEU B 41 3.13 7.05 7.55
CA LEU B 41 2.90 5.65 7.37
C LEU B 41 1.89 5.12 8.34
N GLY B 42 1.67 5.84 9.43
CA GLY B 42 0.68 5.49 10.42
C GLY B 42 -0.69 5.29 9.80
N ARG B 43 -1.00 6.08 8.77
CA ARG B 43 -2.25 5.94 8.10
C ARG B 43 -2.24 4.73 7.17
N VAL B 44 -1.12 4.49 6.51
CA VAL B 44 -0.99 3.38 5.57
C VAL B 44 -1.14 2.05 6.31
N VAL B 45 -0.66 2.02 7.55
CA VAL B 45 -0.81 0.85 8.43
C VAL B 45 -2.30 0.47 8.52
N HIS B 46 -3.15 1.49 8.68
CA HIS B 46 -4.61 1.30 8.80
C HIS B 46 -5.23 0.92 7.46
N ILE B 47 -4.62 1.43 6.39
CA ILE B 47 -5.04 1.12 5.03
C ILE B 47 -4.95 -0.39 4.80
N ILE B 48 -3.88 -0.98 5.28
CA ILE B 48 -3.69 -2.40 5.18
C ILE B 48 -4.61 -3.16 6.12
N GLN B 49 -4.72 -2.71 7.38
CA GLN B 49 -5.57 -3.37 8.40
C GLN B 49 -7.01 -3.56 7.94
N SER B 50 -7.47 -2.66 7.12
CA SER B 50 -8.80 -2.71 6.56
C SER B 50 -9.02 -4.01 5.74
N ARG B 51 -8.03 -4.40 4.95
CA ARG B 51 -8.17 -5.59 4.11
C ARG B 51 -7.50 -6.77 4.80
N GLU B 52 -6.46 -6.47 5.54
CA GLU B 52 -5.67 -7.46 6.23
C GLU B 52 -5.93 -7.42 7.71
N PRO B 53 -6.83 -8.27 8.19
CA PRO B 53 -7.13 -8.33 9.59
C PRO B 53 -6.11 -9.19 10.31
N SER B 54 -5.20 -9.74 9.53
CA SER B 54 -4.16 -10.56 10.05
C SER B 54 -3.09 -9.63 10.64
N LEU B 55 -3.04 -8.38 10.13
CA LEU B 55 -2.15 -7.38 10.67
C LEU B 55 -2.73 -6.93 12.02
N ARG B 56 -4.04 -6.70 12.02
CA ARG B 56 -4.80 -6.41 13.24
C ARG B 56 -4.59 -7.51 14.28
N ASP B 57 -4.46 -8.74 13.80
CA ASP B 57 -4.19 -9.90 14.64
C ASP B 57 -2.78 -9.80 15.23
N SER B 58 -1.84 -9.39 14.40
CA SER B 58 -0.48 -9.11 14.80
C SER B 58 -0.44 -7.81 15.63
N ASN B 59 0.71 -7.20 15.73
CA ASN B 59 0.77 -5.94 16.44
C ASN B 59 0.61 -4.81 15.46
N PRO B 60 -0.36 -3.91 15.71
CA PRO B 60 -0.66 -2.75 14.84
C PRO B 60 0.42 -1.68 14.95
N ASP B 61 1.31 -1.93 15.89
CA ASP B 61 2.48 -1.11 16.12
C ASP B 61 3.41 -1.27 14.95
N GLU B 62 3.37 -2.46 14.41
CA GLU B 62 4.15 -2.80 13.27
C GLU B 62 3.22 -2.85 12.07
N ILE B 63 3.74 -2.49 10.94
CA ILE B 63 3.01 -2.62 9.73
C ILE B 63 3.50 -3.88 9.02
N GLU B 64 2.61 -4.66 8.52
CA GLU B 64 2.98 -5.82 7.77
C GLU B 64 2.60 -5.56 6.32
N ILE B 65 3.56 -5.21 5.52
CA ILE B 65 3.28 -4.98 4.12
C ILE B 65 3.76 -6.15 3.31
N ASP B 66 2.83 -6.93 2.83
CA ASP B 66 3.12 -8.06 1.96
C ASP B 66 2.59 -7.72 0.59
N PHE B 67 3.47 -7.42 -0.31
CA PHE B 67 3.10 -6.96 -1.64
C PHE B 67 2.42 -8.00 -2.54
N GLU B 68 2.40 -9.25 -2.16
CA GLU B 68 1.78 -10.26 -3.01
C GLU B 68 0.39 -10.55 -2.59
N THR B 69 0.25 -10.83 -1.33
CA THR B 69 -0.96 -11.32 -0.82
C THR B 69 -1.99 -10.19 -0.66
N LEU B 70 -1.51 -8.96 -0.66
CA LEU B 70 -2.38 -7.81 -0.64
C LEU B 70 -3.17 -7.72 -1.93
N LYS B 71 -4.41 -7.33 -1.80
CA LYS B 71 -5.30 -7.17 -2.93
C LYS B 71 -4.97 -5.81 -3.59
N PRO B 72 -5.08 -5.72 -4.95
CA PRO B 72 -4.82 -4.47 -5.72
C PRO B 72 -5.51 -3.23 -5.14
N THR B 73 -6.61 -3.42 -4.42
CA THR B 73 -7.33 -2.34 -3.79
C THR B 73 -6.45 -1.65 -2.79
N THR B 74 -5.96 -2.43 -1.87
CA THR B 74 -5.16 -1.95 -0.81
C THR B 74 -3.83 -1.49 -1.33
N LEU B 75 -3.21 -2.29 -2.20
CA LEU B 75 -1.94 -1.94 -2.80
C LEU B 75 -2.01 -0.57 -3.49
N ARG B 76 -3.05 -0.39 -4.30
CA ARG B 76 -3.22 0.84 -5.03
C ARG B 76 -3.57 1.99 -4.06
N GLU B 77 -4.26 1.65 -2.98
CA GLU B 77 -4.67 2.64 -2.00
C GLU B 77 -3.45 3.16 -1.23
N LEU B 78 -2.49 2.25 -0.94
CA LEU B 78 -1.20 2.61 -0.32
C LEU B 78 -0.53 3.61 -1.23
N GLU B 79 -0.47 3.23 -2.52
CA GLU B 79 0.16 4.02 -3.56
C GLU B 79 -0.48 5.40 -3.69
N ARG B 80 -1.81 5.43 -3.65
CA ARG B 80 -2.56 6.68 -3.78
C ARG B 80 -2.24 7.61 -2.65
N TYR B 81 -1.97 7.07 -1.51
CA TYR B 81 -1.70 7.88 -0.36
C TYR B 81 -0.26 8.37 -0.40
N VAL B 82 0.67 7.46 -0.64
CA VAL B 82 2.07 7.82 -0.71
C VAL B 82 2.31 8.89 -1.76
N LYS B 83 1.65 8.77 -2.91
CA LYS B 83 1.81 9.72 -3.98
C LYS B 83 1.20 11.08 -3.59
N SER B 84 0.10 11.04 -2.86
CA SER B 84 -0.56 12.23 -2.38
C SER B 84 0.29 12.96 -1.32
N CYS B 85 0.98 12.20 -0.49
CA CYS B 85 1.82 12.77 0.55
C CYS B 85 3.11 13.29 -0.09
N LEU B 86 3.57 12.58 -1.10
CA LEU B 86 4.76 12.95 -1.82
C LEU B 86 4.50 14.00 -2.89
N GLN B 87 3.32 14.63 -2.82
CA GLN B 87 2.99 15.79 -3.64
C GLN B 87 3.76 16.99 -3.13
N LYS B 88 4.42 16.80 -1.97
CA LYS B 88 5.29 17.77 -1.30
C LYS B 88 4.47 18.85 -0.60
N LYS B 89 3.16 18.71 -0.67
CA LYS B 89 2.28 19.64 -0.02
C LYS B 89 2.39 19.40 1.47
N GLN B 90 3.01 20.34 2.12
CA GLN B 90 3.37 20.31 3.53
C GLN B 90 2.22 20.10 4.53
N ARG B 91 0.97 20.23 4.05
CA ARG B 91 -0.26 20.10 4.88
C ARG B 91 -0.42 21.34 5.76
N LYS B 92 0.59 21.60 6.57
CA LYS B 92 0.64 22.71 7.50
C LYS B 92 2.11 22.91 8.02
N PRO B 93 2.80 21.83 8.57
CA PRO B 93 4.20 21.93 9.03
C PRO B 93 5.18 22.40 7.93
N LYS A 1 11.48 -18.81 3.79
CA LYS A 1 10.55 -17.73 4.11
C LYS A 1 11.02 -16.39 3.55
N VAL A 2 10.50 -16.04 2.39
CA VAL A 2 10.84 -14.80 1.72
C VAL A 2 9.56 -14.20 1.15
N ALA A 3 9.35 -12.95 1.41
CA ALA A 3 8.25 -12.24 0.85
C ALA A 3 8.81 -11.13 -0.03
N PRO A 4 8.37 -11.04 -1.30
CA PRO A 4 8.79 -9.96 -2.21
C PRO A 4 8.58 -8.58 -1.59
N LEU A 5 9.66 -7.79 -1.61
CA LEU A 5 9.72 -6.45 -1.02
C LEU A 5 9.78 -6.53 0.51
N LYS A 6 8.70 -7.03 1.12
CA LYS A 6 8.62 -7.28 2.56
C LYS A 6 8.98 -6.07 3.43
N ILE A 7 7.99 -5.30 3.77
CA ILE A 7 8.23 -4.15 4.60
C ILE A 7 7.73 -4.42 6.00
N LYS A 8 8.62 -4.30 6.96
CA LYS A 8 8.29 -4.33 8.36
C LYS A 8 8.76 -3.06 8.99
N LEU A 9 7.85 -2.32 9.55
CA LEU A 9 8.22 -1.16 10.32
C LEU A 9 8.83 -1.64 11.60
N GLY A 10 10.03 -1.21 11.84
CA GLY A 10 10.81 -1.68 12.95
C GLY A 10 12.02 -2.42 12.41
N GLY A 11 11.96 -2.73 11.13
CA GLY A 11 13.02 -3.43 10.45
C GLY A 11 12.96 -4.91 10.68
N PHE A 12 13.29 -5.31 11.86
CA PHE A 12 13.32 -6.69 12.27
C PHE A 12 12.71 -6.79 13.66
N ALA B 6 -22.21 -1.19 -7.74
CA ALA B 6 -21.56 -1.98 -8.77
C ALA B 6 -22.42 -3.20 -9.07
N SER B 7 -21.96 -4.03 -9.96
CA SER B 7 -22.64 -5.25 -10.27
C SER B 7 -22.02 -6.37 -9.41
N ALA B 8 -22.79 -7.38 -9.08
CA ALA B 8 -22.29 -8.49 -8.26
C ALA B 8 -21.49 -9.47 -9.10
N SER B 9 -20.40 -8.97 -9.63
CA SER B 9 -19.50 -9.66 -10.52
C SER B 9 -18.44 -8.64 -10.87
N TYR B 10 -17.55 -8.96 -11.77
CA TYR B 10 -16.55 -8.03 -12.22
C TYR B 10 -17.27 -6.96 -13.02
N ASP B 11 -17.23 -5.76 -12.51
CA ASP B 11 -18.00 -4.68 -13.04
C ASP B 11 -17.21 -3.99 -14.13
N SER B 12 -17.92 -3.40 -15.06
CA SER B 12 -17.35 -2.85 -16.26
C SER B 12 -16.65 -1.51 -16.04
N GLU B 13 -16.18 -0.93 -17.16
CA GLU B 13 -15.44 0.29 -17.25
C GLU B 13 -14.01 0.08 -16.71
N GLU B 14 -13.14 1.02 -16.94
CA GLU B 14 -11.78 0.92 -16.47
C GLU B 14 -11.72 1.08 -14.96
N GLU B 15 -11.80 -0.03 -14.30
CA GLU B 15 -11.74 -0.12 -12.88
C GLU B 15 -10.32 -0.59 -12.60
N GLU B 16 -9.65 0.01 -11.67
CA GLU B 16 -8.23 -0.23 -11.51
C GLU B 16 -7.86 -0.83 -10.15
N GLU B 17 -8.83 -0.95 -9.27
CA GLU B 17 -8.59 -1.57 -7.96
C GLU B 17 -8.81 -3.08 -8.03
N GLY B 18 -8.92 -3.56 -9.22
CA GLY B 18 -9.05 -4.97 -9.47
C GLY B 18 -8.00 -5.40 -10.45
N LEU B 19 -7.17 -4.45 -10.84
CA LEU B 19 -6.11 -4.72 -11.76
C LEU B 19 -4.83 -4.84 -10.98
N PRO B 20 -4.30 -6.07 -10.85
CA PRO B 20 -3.10 -6.32 -10.08
C PRO B 20 -1.88 -5.59 -10.65
N MET B 21 -1.05 -5.08 -9.78
CA MET B 21 0.09 -4.32 -10.21
C MET B 21 1.30 -5.20 -10.37
N SER B 22 2.20 -4.75 -11.15
CA SER B 22 3.35 -5.50 -11.49
C SER B 22 4.42 -5.30 -10.44
N TYR B 23 5.42 -6.15 -10.46
CA TYR B 23 6.54 -6.07 -9.54
C TYR B 23 7.21 -4.70 -9.56
N ASP B 24 7.24 -4.07 -10.73
CA ASP B 24 7.88 -2.75 -10.87
C ASP B 24 7.02 -1.68 -10.22
N GLU B 25 5.70 -1.83 -10.32
CA GLU B 25 4.77 -0.93 -9.71
C GLU B 25 4.85 -1.07 -8.19
N LYS B 26 4.80 -2.31 -7.72
CA LYS B 26 4.95 -2.63 -6.31
C LYS B 26 6.30 -2.14 -5.76
N ARG B 27 7.36 -2.35 -6.54
CA ARG B 27 8.73 -1.93 -6.17
C ARG B 27 8.77 -0.45 -5.82
N GLN B 28 8.21 0.38 -6.68
CA GLN B 28 8.22 1.82 -6.48
C GLN B 28 7.31 2.18 -5.31
N LEU B 29 6.24 1.43 -5.13
CA LEU B 29 5.30 1.62 -4.05
C LEU B 29 6.05 1.44 -2.71
N SER B 30 6.94 0.45 -2.68
CA SER B 30 7.73 0.15 -1.52
C SER B 30 8.70 1.29 -1.24
N LEU B 31 9.17 1.91 -2.31
CA LEU B 31 10.10 3.00 -2.23
C LEU B 31 9.43 4.19 -1.57
N ASP B 32 8.25 4.54 -2.04
CA ASP B 32 7.52 5.69 -1.51
C ASP B 32 7.12 5.49 -0.06
N ILE B 33 6.82 4.25 0.32
CA ILE B 33 6.53 3.94 1.71
C ILE B 33 7.75 4.12 2.59
N ASN B 34 8.91 3.77 2.06
CA ASN B 34 10.17 3.94 2.79
C ASN B 34 10.48 5.43 2.91
N ARG B 35 10.05 6.19 1.91
CA ARG B 35 10.22 7.63 1.85
C ARG B 35 9.28 8.36 2.82
N LEU B 36 8.27 7.67 3.32
CA LEU B 36 7.34 8.27 4.24
C LEU B 36 7.82 8.20 5.68
N PRO B 37 7.59 9.27 6.44
CA PRO B 37 7.82 9.28 7.87
C PRO B 37 6.70 8.49 8.60
N GLY B 38 6.95 8.18 9.86
CA GLY B 38 6.11 7.29 10.62
C GLY B 38 4.67 7.73 10.85
N GLU B 39 4.46 9.01 11.08
CA GLU B 39 3.10 9.50 11.39
C GLU B 39 2.16 9.31 10.20
N LYS B 40 2.70 9.50 9.02
CA LYS B 40 1.93 9.30 7.81
C LYS B 40 1.84 7.85 7.42
N LEU B 41 2.82 7.08 7.85
CA LEU B 41 2.79 5.64 7.62
C LEU B 41 1.66 5.01 8.39
N GLY B 42 1.32 5.62 9.52
CA GLY B 42 0.22 5.17 10.36
C GLY B 42 -1.08 5.01 9.58
N ARG B 43 -1.27 5.87 8.59
CA ARG B 43 -2.43 5.83 7.76
C ARG B 43 -2.38 4.62 6.84
N VAL B 44 -1.22 4.37 6.27
CA VAL B 44 -1.06 3.25 5.34
C VAL B 44 -1.26 1.94 6.09
N VAL B 45 -0.84 1.93 7.35
CA VAL B 45 -1.06 0.78 8.23
C VAL B 45 -2.57 0.50 8.31
N HIS B 46 -3.37 1.57 8.53
CA HIS B 46 -4.82 1.43 8.64
C HIS B 46 -5.43 1.03 7.31
N ILE B 47 -4.80 1.49 6.23
CA ILE B 47 -5.20 1.15 4.88
C ILE B 47 -5.12 -0.37 4.69
N ILE B 48 -4.02 -0.95 5.08
CA ILE B 48 -3.83 -2.37 4.98
C ILE B 48 -4.73 -3.13 5.94
N GLN B 49 -4.81 -2.69 7.21
CA GLN B 49 -5.63 -3.37 8.23
C GLN B 49 -7.07 -3.51 7.81
N SER B 50 -7.54 -2.58 7.02
CA SER B 50 -8.89 -2.61 6.52
C SER B 50 -9.19 -3.90 5.73
N ARG B 51 -8.21 -4.34 4.96
CA ARG B 51 -8.39 -5.53 4.14
C ARG B 51 -7.68 -6.73 4.78
N GLU B 52 -6.63 -6.44 5.51
CA GLU B 52 -5.80 -7.45 6.11
C GLU B 52 -6.03 -7.52 7.60
N PRO B 53 -6.81 -8.49 8.05
CA PRO B 53 -7.05 -8.69 9.46
C PRO B 53 -5.88 -9.48 10.07
N SER B 54 -4.99 -9.91 9.20
CA SER B 54 -3.83 -10.65 9.54
C SER B 54 -2.83 -9.70 10.19
N LEU B 55 -2.82 -8.47 9.71
CA LEU B 55 -1.94 -7.46 10.25
C LEU B 55 -2.37 -7.13 11.67
N ARG B 56 -3.69 -6.96 11.85
CA ARG B 56 -4.33 -6.63 13.16
C ARG B 56 -3.94 -7.60 14.27
N ASP B 57 -3.53 -8.79 13.90
CA ASP B 57 -3.06 -9.80 14.86
C ASP B 57 -1.80 -9.29 15.58
N SER B 58 -1.00 -8.56 14.83
CA SER B 58 0.19 -7.94 15.36
C SER B 58 -0.20 -6.48 15.67
N ASN B 59 0.70 -5.72 16.25
CA ASN B 59 0.37 -4.34 16.57
C ASN B 59 0.64 -3.46 15.38
N PRO B 60 -0.19 -2.40 15.16
CA PRO B 60 -0.04 -1.47 14.03
C PRO B 60 1.28 -0.70 14.05
N ASP B 61 2.02 -0.86 15.15
CA ASP B 61 3.38 -0.35 15.29
C ASP B 61 4.23 -0.98 14.22
N GLU B 62 3.93 -2.21 13.94
CA GLU B 62 4.54 -2.94 12.89
C GLU B 62 3.56 -3.07 11.75
N ILE B 63 3.90 -2.49 10.65
CA ILE B 63 3.15 -2.68 9.47
C ILE B 63 3.91 -3.73 8.67
N GLU B 64 3.25 -4.77 8.30
CA GLU B 64 3.85 -5.80 7.52
C GLU B 64 3.19 -5.79 6.19
N ILE B 65 3.89 -5.34 5.21
CA ILE B 65 3.34 -5.18 3.91
C ILE B 65 3.77 -6.30 3.00
N ASP B 66 2.82 -7.16 2.71
CA ASP B 66 3.03 -8.26 1.80
C ASP B 66 2.35 -7.90 0.51
N PHE B 67 3.13 -7.47 -0.44
CA PHE B 67 2.61 -6.94 -1.69
C PHE B 67 2.02 -8.02 -2.61
N GLU B 68 2.15 -9.27 -2.23
CA GLU B 68 1.72 -10.36 -3.07
C GLU B 68 0.34 -10.84 -2.68
N THR B 69 0.07 -10.89 -1.40
CA THR B 69 -1.22 -11.37 -0.92
C THR B 69 -2.26 -10.25 -0.90
N LEU B 70 -1.78 -9.01 -0.92
CA LEU B 70 -2.64 -7.86 -0.97
C LEU B 70 -3.43 -7.80 -2.26
N LYS B 71 -4.67 -7.42 -2.15
CA LYS B 71 -5.54 -7.24 -3.29
C LYS B 71 -5.24 -5.87 -3.91
N PRO B 72 -5.33 -5.73 -5.27
CA PRO B 72 -5.15 -4.47 -6.01
C PRO B 72 -5.83 -3.25 -5.36
N THR B 73 -6.91 -3.48 -4.62
CA THR B 73 -7.65 -2.43 -3.95
C THR B 73 -6.76 -1.73 -2.95
N THR B 74 -6.23 -2.51 -2.05
CA THR B 74 -5.41 -2.04 -1.00
C THR B 74 -4.08 -1.55 -1.55
N LEU B 75 -3.48 -2.35 -2.42
CA LEU B 75 -2.22 -1.99 -3.07
C LEU B 75 -2.28 -0.62 -3.72
N ARG B 76 -3.35 -0.37 -4.44
CA ARG B 76 -3.49 0.88 -5.10
C ARG B 76 -3.76 2.00 -4.09
N GLU B 77 -4.52 1.71 -3.05
CA GLU B 77 -4.86 2.70 -2.04
C GLU B 77 -3.59 3.17 -1.32
N LEU B 78 -2.68 2.21 -1.06
CA LEU B 78 -1.36 2.51 -0.46
C LEU B 78 -0.65 3.51 -1.35
N GLU B 79 -0.57 3.18 -2.64
CA GLU B 79 0.15 3.98 -3.60
C GLU B 79 -0.50 5.35 -3.77
N ARG B 80 -1.82 5.37 -3.81
CA ARG B 80 -2.61 6.60 -3.96
C ARG B 80 -2.32 7.57 -2.82
N TYR B 81 -2.08 7.03 -1.68
CA TYR B 81 -1.80 7.83 -0.55
C TYR B 81 -0.34 8.28 -0.54
N VAL B 82 0.58 7.34 -0.68
CA VAL B 82 2.01 7.66 -0.66
C VAL B 82 2.36 8.66 -1.75
N LYS B 83 1.74 8.51 -2.93
CA LYS B 83 1.99 9.40 -4.06
C LYS B 83 1.55 10.81 -3.73
N SER B 84 0.50 10.93 -2.91
CA SER B 84 -0.01 12.24 -2.52
C SER B 84 1.00 12.97 -1.64
N CYS B 85 1.77 12.21 -0.87
CA CYS B 85 2.75 12.78 0.02
C CYS B 85 4.01 13.11 -0.76
N LEU B 86 4.42 12.22 -1.66
CA LEU B 86 5.61 12.44 -2.49
C LEU B 86 5.36 13.48 -3.56
N GLN B 87 4.10 13.74 -3.85
CA GLN B 87 3.70 14.79 -4.73
C GLN B 87 3.98 16.11 -4.03
N LYS B 88 3.90 16.09 -2.67
CA LYS B 88 4.12 17.26 -1.82
C LYS B 88 3.09 18.31 -2.15
N LYS B 89 1.84 17.86 -2.11
CA LYS B 89 0.70 18.67 -2.46
C LYS B 89 0.60 19.91 -1.58
N GLN B 90 0.85 19.73 -0.30
CA GLN B 90 0.81 20.83 0.63
C GLN B 90 2.12 20.88 1.39
N ARG B 91 2.34 21.96 2.08
CA ARG B 91 3.52 22.10 2.88
C ARG B 91 3.22 22.87 4.15
N LYS B 92 3.30 22.20 5.26
CA LYS B 92 3.16 22.82 6.55
C LYS B 92 4.55 22.87 7.20
N PRO B 93 4.99 24.06 7.62
CA PRO B 93 6.26 24.20 8.32
C PRO B 93 6.13 23.70 9.77
N LYS A 1 7.56 -16.29 3.34
CA LYS A 1 6.74 -15.29 2.66
C LYS A 1 7.13 -15.23 1.19
N VAL A 2 6.15 -15.35 0.32
CA VAL A 2 6.38 -15.36 -1.12
C VAL A 2 6.83 -13.97 -1.64
N ALA A 3 6.33 -12.91 -1.00
CA ALA A 3 6.65 -11.53 -1.40
C ALA A 3 8.15 -11.25 -1.25
N PRO A 4 8.84 -10.94 -2.37
CA PRO A 4 10.29 -10.66 -2.36
C PRO A 4 10.62 -9.26 -1.85
N LEU A 5 9.59 -8.47 -1.63
CA LEU A 5 9.75 -7.14 -1.12
C LEU A 5 9.88 -7.18 0.39
N LYS A 6 8.74 -7.36 1.09
CA LYS A 6 8.68 -7.48 2.55
C LYS A 6 9.27 -6.24 3.26
N ILE A 7 8.43 -5.34 3.64
CA ILE A 7 8.88 -4.16 4.33
C ILE A 7 8.04 -3.96 5.59
N LYS A 8 8.71 -3.77 6.70
CA LYS A 8 8.09 -3.55 7.96
C LYS A 8 8.69 -2.34 8.64
N LEU A 9 7.90 -1.68 9.48
CA LEU A 9 8.43 -0.57 10.25
C LEU A 9 9.11 -1.03 11.54
N GLY A 10 8.34 -1.07 12.62
CA GLY A 10 8.91 -1.37 13.91
C GLY A 10 9.33 -0.08 14.53
N GLY A 11 8.35 0.70 14.94
CA GLY A 11 8.61 2.04 15.42
C GLY A 11 8.85 2.12 16.90
N PHE A 12 9.63 1.17 17.41
CA PHE A 12 10.00 1.11 18.83
C PHE A 12 8.77 1.13 19.74
N ALA B 6 -29.37 -6.32 -3.64
CA ALA B 6 -29.66 -5.98 -5.03
C ALA B 6 -28.63 -6.63 -5.95
N SER B 7 -29.06 -6.97 -7.15
CA SER B 7 -28.17 -7.58 -8.11
C SER B 7 -27.39 -6.48 -8.84
N ALA B 8 -27.98 -5.30 -8.90
CA ALA B 8 -27.34 -4.18 -9.55
C ALA B 8 -26.34 -3.59 -8.61
N SER B 9 -25.11 -3.61 -9.01
CA SER B 9 -24.03 -3.07 -8.25
C SER B 9 -22.97 -2.65 -9.23
N TYR B 10 -22.18 -1.67 -8.89
CA TYR B 10 -21.21 -1.17 -9.81
C TYR B 10 -19.86 -1.79 -9.57
N ASP B 11 -19.43 -2.59 -10.49
CA ASP B 11 -18.11 -3.16 -10.47
C ASP B 11 -17.36 -2.59 -11.63
N SER B 12 -16.22 -2.09 -11.39
CA SER B 12 -15.48 -1.38 -12.37
C SER B 12 -14.38 -2.22 -12.97
N GLU B 13 -14.11 -1.95 -14.20
CA GLU B 13 -13.02 -2.54 -14.90
C GLU B 13 -12.15 -1.41 -15.35
N GLU B 14 -10.92 -1.71 -15.70
CA GLU B 14 -9.93 -0.71 -16.13
C GLU B 14 -9.61 0.25 -14.95
N GLU B 15 -10.02 -0.14 -13.75
CA GLU B 15 -9.81 0.66 -12.59
C GLU B 15 -8.51 0.24 -11.94
N GLU B 16 -7.85 1.19 -11.33
CA GLU B 16 -6.53 1.00 -10.73
C GLU B 16 -6.56 -0.05 -9.60
N GLU B 17 -7.75 -0.33 -9.12
CA GLU B 17 -7.98 -1.26 -8.03
C GLU B 17 -8.28 -2.67 -8.53
N GLY B 18 -8.15 -2.87 -9.80
CA GLY B 18 -8.39 -4.18 -10.36
C GLY B 18 -7.34 -4.52 -11.40
N LEU B 19 -6.38 -3.65 -11.52
CA LEU B 19 -5.32 -3.84 -12.47
C LEU B 19 -4.14 -4.47 -11.75
N PRO B 20 -3.63 -5.60 -12.27
CA PRO B 20 -2.51 -6.30 -11.66
C PRO B 20 -1.26 -5.43 -11.60
N MET B 21 -0.74 -5.29 -10.43
CA MET B 21 0.39 -4.45 -10.22
C MET B 21 1.65 -5.23 -10.45
N SER B 22 2.54 -4.64 -11.19
CA SER B 22 3.74 -5.31 -11.57
C SER B 22 4.75 -5.22 -10.42
N TYR B 23 5.80 -6.03 -10.48
CA TYR B 23 6.85 -5.98 -9.47
C TYR B 23 7.47 -4.61 -9.40
N ASP B 24 7.53 -3.95 -10.55
CA ASP B 24 8.04 -2.57 -10.63
C ASP B 24 7.22 -1.66 -9.75
N GLU B 25 5.92 -1.76 -9.91
CA GLU B 25 4.97 -0.94 -9.20
C GLU B 25 5.06 -1.20 -7.70
N LYS B 26 5.02 -2.46 -7.33
CA LYS B 26 5.14 -2.90 -5.95
C LYS B 26 6.50 -2.46 -5.35
N ARG B 27 7.55 -2.64 -6.12
CA ARG B 27 8.90 -2.23 -5.74
C ARG B 27 8.94 -0.74 -5.46
N GLN B 28 8.41 0.04 -6.39
CA GLN B 28 8.38 1.46 -6.27
C GLN B 28 7.52 1.88 -5.08
N LEU B 29 6.40 1.20 -4.92
CA LEU B 29 5.46 1.43 -3.82
C LEU B 29 6.21 1.24 -2.48
N SER B 30 7.09 0.23 -2.42
CA SER B 30 7.87 -0.03 -1.23
C SER B 30 8.81 1.16 -0.95
N LEU B 31 9.35 1.71 -2.03
CA LEU B 31 10.27 2.83 -1.97
C LEU B 31 9.54 4.08 -1.56
N ASP B 32 8.38 4.30 -2.15
CA ASP B 32 7.55 5.45 -1.84
C ASP B 32 7.11 5.47 -0.39
N ILE B 33 6.85 4.31 0.17
CA ILE B 33 6.55 4.21 1.60
C ILE B 33 7.81 4.52 2.43
N ASN B 34 8.97 4.16 1.90
CA ASN B 34 10.24 4.46 2.56
C ASN B 34 10.63 5.91 2.36
N ARG B 35 9.97 6.57 1.42
CA ARG B 35 10.12 7.99 1.19
C ARG B 35 9.29 8.77 2.19
N LEU B 36 8.35 8.08 2.82
CA LEU B 36 7.52 8.67 3.84
C LEU B 36 8.13 8.42 5.22
N PRO B 37 7.95 9.36 6.15
CA PRO B 37 8.35 9.17 7.53
C PRO B 37 7.32 8.29 8.26
N GLY B 38 7.70 7.75 9.42
CA GLY B 38 6.83 6.85 10.20
C GLY B 38 5.52 7.50 10.61
N GLU B 39 5.54 8.82 10.66
CA GLU B 39 4.38 9.64 10.97
C GLU B 39 3.28 9.43 9.92
N LYS B 40 3.69 9.28 8.67
CA LYS B 40 2.72 9.15 7.59
C LYS B 40 2.42 7.68 7.32
N LEU B 41 3.22 6.80 7.89
CA LEU B 41 2.98 5.39 7.79
C LEU B 41 1.71 4.99 8.53
N GLY B 42 1.36 5.74 9.57
CA GLY B 42 0.21 5.45 10.40
C GLY B 42 -1.06 5.21 9.61
N ARG B 43 -1.28 5.99 8.58
CA ARG B 43 -2.45 5.84 7.77
C ARG B 43 -2.39 4.57 6.93
N VAL B 44 -1.27 4.32 6.30
CA VAL B 44 -1.15 3.16 5.42
C VAL B 44 -1.32 1.85 6.20
N VAL B 45 -0.87 1.86 7.48
CA VAL B 45 -1.03 0.70 8.35
C VAL B 45 -2.53 0.34 8.46
N HIS B 46 -3.37 1.39 8.57
CA HIS B 46 -4.81 1.19 8.74
C HIS B 46 -5.46 0.75 7.44
N ILE B 47 -4.87 1.18 6.32
CA ILE B 47 -5.38 0.82 5.00
C ILE B 47 -5.24 -0.69 4.79
N ILE B 48 -4.11 -1.22 5.22
CA ILE B 48 -3.86 -2.64 5.14
C ILE B 48 -4.81 -3.42 6.03
N GLN B 49 -5.12 -2.89 7.21
CA GLN B 49 -6.05 -3.53 8.15
C GLN B 49 -7.43 -3.77 7.54
N SER B 50 -7.77 -2.95 6.58
CA SER B 50 -9.03 -3.06 5.86
C SER B 50 -9.08 -4.39 5.07
N ARG B 51 -7.96 -4.80 4.54
CA ARG B 51 -7.84 -6.03 3.78
C ARG B 51 -7.33 -7.16 4.64
N GLU B 52 -6.32 -6.88 5.38
CA GLU B 52 -5.59 -7.86 6.12
C GLU B 52 -5.92 -7.83 7.57
N PRO B 53 -6.68 -8.80 8.03
CA PRO B 53 -7.05 -8.89 9.42
C PRO B 53 -5.91 -9.54 10.21
N SER B 54 -4.96 -10.09 9.48
CA SER B 54 -3.78 -10.70 10.02
C SER B 54 -2.88 -9.60 10.57
N LEU B 55 -3.02 -8.41 10.00
CA LEU B 55 -2.30 -7.25 10.44
C LEU B 55 -2.92 -6.81 11.77
N ARG B 56 -4.24 -6.75 11.79
CA ARG B 56 -5.05 -6.45 12.99
C ARG B 56 -4.76 -7.42 14.14
N ASP B 57 -4.34 -8.64 13.80
CA ASP B 57 -3.89 -9.63 14.81
C ASP B 57 -2.57 -9.21 15.42
N SER B 58 -1.82 -8.49 14.66
CA SER B 58 -0.53 -8.03 15.03
C SER B 58 -0.65 -6.58 15.55
N ASN B 59 0.43 -5.88 15.69
CA ASN B 59 0.36 -4.51 16.19
C ASN B 59 0.74 -3.50 15.13
N PRO B 60 0.12 -2.30 15.14
CA PRO B 60 0.39 -1.23 14.16
C PRO B 60 1.80 -0.63 14.30
N ASP B 61 2.51 -1.05 15.35
CA ASP B 61 3.88 -0.62 15.59
C ASP B 61 4.76 -1.06 14.43
N GLU B 62 4.66 -2.33 14.10
CA GLU B 62 5.34 -2.84 12.97
C GLU B 62 4.31 -3.27 11.96
N ILE B 63 4.29 -2.57 10.87
CA ILE B 63 3.41 -2.81 9.78
C ILE B 63 4.08 -3.80 8.84
N GLU B 64 3.39 -4.80 8.42
CA GLU B 64 3.92 -5.74 7.48
C GLU B 64 3.20 -5.57 6.19
N ILE B 65 3.87 -4.97 5.26
CA ILE B 65 3.29 -4.68 3.99
C ILE B 65 3.60 -5.82 3.04
N ASP B 66 2.60 -6.59 2.74
CA ASP B 66 2.73 -7.74 1.90
C ASP B 66 1.96 -7.51 0.62
N PHE B 67 2.69 -7.26 -0.42
CA PHE B 67 2.13 -6.88 -1.70
C PHE B 67 1.49 -8.05 -2.46
N GLU B 68 1.52 -9.24 -1.89
CA GLU B 68 1.01 -10.40 -2.58
C GLU B 68 -0.34 -10.83 -2.05
N THR B 69 -0.50 -10.74 -0.74
CA THR B 69 -1.75 -11.12 -0.10
C THR B 69 -2.81 -10.01 -0.23
N LEU B 70 -2.34 -8.81 -0.42
CA LEU B 70 -3.19 -7.67 -0.62
C LEU B 70 -3.88 -7.74 -1.98
N LYS B 71 -5.04 -7.15 -2.07
CA LYS B 71 -5.75 -7.00 -3.32
C LYS B 71 -5.33 -5.69 -3.95
N PRO B 72 -5.43 -5.57 -5.30
CA PRO B 72 -5.15 -4.32 -6.03
C PRO B 72 -5.91 -3.11 -5.46
N THR B 73 -7.04 -3.36 -4.81
CA THR B 73 -7.81 -2.33 -4.18
C THR B 73 -7.00 -1.67 -3.07
N THR B 74 -6.55 -2.48 -2.15
CA THR B 74 -5.78 -2.04 -1.03
C THR B 74 -4.40 -1.57 -1.48
N LEU B 75 -3.75 -2.37 -2.33
CA LEU B 75 -2.45 -2.02 -2.92
C LEU B 75 -2.47 -0.63 -3.54
N ARG B 76 -3.47 -0.37 -4.35
CA ARG B 76 -3.59 0.90 -5.01
C ARG B 76 -3.93 1.98 -4.00
N GLU B 77 -4.69 1.65 -2.98
CA GLU B 77 -5.05 2.61 -1.96
C GLU B 77 -3.80 3.03 -1.16
N LEU B 78 -2.86 2.10 -1.01
CA LEU B 78 -1.56 2.39 -0.38
C LEU B 78 -0.83 3.37 -1.28
N GLU B 79 -0.77 3.01 -2.57
CA GLU B 79 -0.09 3.79 -3.60
C GLU B 79 -0.72 5.20 -3.69
N ARG B 80 -2.04 5.25 -3.63
CA ARG B 80 -2.83 6.50 -3.67
C ARG B 80 -2.42 7.41 -2.54
N TYR B 81 -2.12 6.82 -1.44
CA TYR B 81 -1.79 7.58 -0.28
C TYR B 81 -0.36 8.09 -0.37
N VAL B 82 0.56 7.19 -0.65
CA VAL B 82 1.96 7.54 -0.76
C VAL B 82 2.16 8.61 -1.84
N LYS B 83 1.45 8.48 -2.97
CA LYS B 83 1.56 9.42 -4.05
C LYS B 83 0.97 10.79 -3.64
N SER B 84 -0.10 10.76 -2.84
CA SER B 84 -0.70 11.99 -2.35
C SER B 84 0.21 12.70 -1.35
N CYS B 85 0.90 11.92 -0.54
CA CYS B 85 1.79 12.46 0.45
C CYS B 85 3.04 13.00 -0.24
N LEU B 86 3.48 12.28 -1.25
CA LEU B 86 4.64 12.65 -2.03
C LEU B 86 4.27 13.58 -3.18
N GLN B 87 3.03 14.11 -3.15
CA GLN B 87 2.55 15.02 -4.18
C GLN B 87 3.31 16.33 -4.03
N LYS B 88 3.75 16.59 -2.81
CA LYS B 88 4.56 17.75 -2.53
C LYS B 88 5.94 17.51 -3.11
N LYS B 89 6.17 18.09 -4.25
CA LYS B 89 7.38 17.85 -5.00
C LYS B 89 8.30 19.04 -4.88
N GLN B 90 9.55 18.84 -5.27
CA GLN B 90 10.53 19.91 -5.27
C GLN B 90 10.15 20.93 -6.34
N ARG B 91 9.76 20.42 -7.46
CA ARG B 91 9.33 21.22 -8.58
C ARG B 91 7.82 21.30 -8.55
N LYS B 92 7.30 22.50 -8.61
CA LYS B 92 5.86 22.69 -8.59
C LYS B 92 5.22 22.46 -10.00
N PRO B 93 5.64 23.18 -11.07
CA PRO B 93 5.06 23.03 -12.39
C PRO B 93 5.90 22.13 -13.30
N LYS A 1 13.11 -13.47 1.94
CA LYS A 1 12.43 -14.76 1.94
C LYS A 1 10.94 -14.62 2.22
N VAL A 2 10.57 -13.77 3.16
CA VAL A 2 9.16 -13.47 3.34
C VAL A 2 8.79 -12.34 2.43
N ALA A 3 8.49 -12.72 1.17
CA ALA A 3 8.25 -11.81 0.05
C ALA A 3 9.58 -11.23 -0.41
N PRO A 4 9.81 -11.14 -1.72
CA PRO A 4 11.06 -10.60 -2.28
C PRO A 4 11.09 -9.06 -2.24
N LEU A 5 10.57 -8.51 -1.16
CA LEU A 5 10.42 -7.09 -1.04
C LEU A 5 10.35 -6.72 0.45
N LYS A 6 10.55 -5.44 0.75
CA LYS A 6 10.45 -4.95 2.11
C LYS A 6 9.00 -4.78 2.48
N ILE A 7 8.56 -5.55 3.45
CA ILE A 7 7.17 -5.54 3.86
C ILE A 7 6.97 -4.71 5.12
N LYS A 8 8.06 -4.38 5.78
CA LYS A 8 8.01 -3.66 7.04
C LYS A 8 8.32 -2.18 6.90
N LEU A 9 8.03 -1.45 7.95
CA LEU A 9 8.32 -0.03 8.03
C LEU A 9 9.83 0.15 8.24
N GLY A 10 10.54 0.40 7.17
CA GLY A 10 11.95 0.63 7.25
C GLY A 10 12.71 -0.68 7.26
N GLY A 11 13.78 -0.71 8.00
CA GLY A 11 14.58 -1.90 8.08
C GLY A 11 15.02 -2.15 9.48
N PHE A 12 14.09 -2.49 10.33
CA PHE A 12 14.40 -2.78 11.72
C PHE A 12 14.51 -4.29 11.92
N ALA B 6 -20.26 -15.57 -12.89
CA ALA B 6 -21.27 -15.65 -13.93
C ALA B 6 -20.60 -15.35 -15.27
N SER B 7 -21.21 -15.77 -16.34
CA SER B 7 -20.66 -15.57 -17.65
C SER B 7 -20.92 -14.14 -18.11
N ALA B 8 -19.99 -13.58 -18.84
CA ALA B 8 -20.08 -12.21 -19.28
C ALA B 8 -19.55 -12.07 -20.68
N SER B 9 -20.27 -11.35 -21.50
CA SER B 9 -19.87 -11.07 -22.84
C SER B 9 -19.48 -9.63 -22.96
N TYR B 10 -18.21 -9.41 -23.24
CA TYR B 10 -17.62 -8.10 -23.46
C TYR B 10 -17.58 -7.31 -22.18
N ASP B 11 -16.52 -7.49 -21.51
CA ASP B 11 -16.25 -6.79 -20.29
C ASP B 11 -15.52 -5.53 -20.64
N SER B 12 -16.07 -4.44 -20.26
CA SER B 12 -15.46 -3.17 -20.53
C SER B 12 -15.75 -2.22 -19.41
N GLU B 13 -14.73 -1.88 -18.74
CA GLU B 13 -14.76 -0.96 -17.67
C GLU B 13 -13.41 -0.30 -17.59
N GLU B 14 -13.36 0.80 -16.92
CA GLU B 14 -12.14 1.53 -16.72
C GLU B 14 -11.85 1.57 -15.23
N GLU B 15 -10.99 0.69 -14.80
CA GLU B 15 -10.76 0.50 -13.39
C GLU B 15 -9.29 0.67 -13.05
N GLU B 16 -9.04 1.34 -11.93
CA GLU B 16 -7.70 1.57 -11.44
C GLU B 16 -7.32 0.39 -10.59
N GLU B 17 -8.22 0.13 -9.68
CA GLU B 17 -8.10 -0.81 -8.61
C GLU B 17 -8.39 -2.25 -9.01
N GLY B 18 -8.06 -2.58 -10.21
CA GLY B 18 -8.31 -3.90 -10.69
C GLY B 18 -7.28 -4.34 -11.69
N LEU B 19 -6.20 -3.61 -11.72
CA LEU B 19 -5.12 -3.89 -12.62
C LEU B 19 -3.98 -4.49 -11.84
N PRO B 20 -3.64 -5.76 -12.09
CA PRO B 20 -2.55 -6.45 -11.39
C PRO B 20 -1.24 -5.68 -11.47
N MET B 21 -0.68 -5.43 -10.33
CA MET B 21 0.55 -4.70 -10.21
C MET B 21 1.71 -5.65 -10.23
N SER B 22 2.74 -5.30 -10.93
CA SER B 22 3.89 -6.15 -11.05
C SER B 22 4.76 -6.02 -9.81
N TYR B 23 5.73 -6.92 -9.66
CA TYR B 23 6.64 -6.93 -8.52
C TYR B 23 7.31 -5.59 -8.38
N ASP B 24 7.69 -5.02 -9.50
CA ASP B 24 8.41 -3.76 -9.53
C ASP B 24 7.53 -2.60 -9.14
N GLU B 25 6.25 -2.68 -9.48
CA GLU B 25 5.29 -1.68 -9.11
C GLU B 25 5.10 -1.69 -7.59
N LYS B 26 5.00 -2.89 -7.05
CA LYS B 26 4.87 -3.09 -5.62
C LYS B 26 6.17 -2.68 -4.93
N ARG B 27 7.26 -2.97 -5.59
CA ARG B 27 8.60 -2.58 -5.17
C ARG B 27 8.68 -1.07 -4.99
N GLN B 28 8.17 -0.35 -5.97
CA GLN B 28 8.16 1.11 -5.97
C GLN B 28 7.29 1.58 -4.79
N LEU B 29 6.18 0.88 -4.55
CA LEU B 29 5.31 1.15 -3.40
C LEU B 29 6.07 1.04 -2.10
N SER B 30 6.92 0.03 -2.00
CA SER B 30 7.68 -0.22 -0.80
C SER B 30 8.68 0.92 -0.59
N LEU B 31 9.17 1.47 -1.69
CA LEU B 31 10.10 2.58 -1.63
C LEU B 31 9.38 3.80 -1.10
N ASP B 32 8.24 4.11 -1.70
CA ASP B 32 7.44 5.27 -1.30
C ASP B 32 6.95 5.20 0.12
N ILE B 33 6.58 4.03 0.55
CA ILE B 33 6.13 3.80 1.91
C ILE B 33 7.28 3.99 2.90
N ASN B 34 8.47 3.59 2.51
CA ASN B 34 9.62 3.76 3.37
C ASN B 34 10.20 5.17 3.25
N ARG B 35 9.78 5.90 2.22
CA ARG B 35 10.14 7.30 2.06
C ARG B 35 9.38 8.15 3.07
N LEU B 36 8.19 7.71 3.40
CA LEU B 36 7.36 8.40 4.36
C LEU B 36 7.88 8.19 5.77
N PRO B 37 7.88 9.23 6.61
CA PRO B 37 8.25 9.08 8.01
C PRO B 37 7.12 8.39 8.77
N GLY B 38 7.50 7.55 9.73
CA GLY B 38 6.58 6.66 10.50
C GLY B 38 5.23 7.26 10.87
N GLU B 39 5.25 8.50 11.31
CA GLU B 39 4.03 9.21 11.72
C GLU B 39 3.02 9.31 10.57
N LYS B 40 3.52 9.46 9.37
CA LYS B 40 2.70 9.64 8.19
C LYS B 40 2.25 8.29 7.63
N LEU B 41 2.80 7.21 8.15
CA LEU B 41 2.35 5.89 7.75
C LEU B 41 1.06 5.51 8.43
N GLY B 42 0.71 6.24 9.49
CA GLY B 42 -0.43 5.89 10.36
C GLY B 42 -1.71 5.57 9.62
N ARG B 43 -1.98 6.30 8.57
CA ARG B 43 -3.16 6.07 7.78
C ARG B 43 -2.98 4.92 6.81
N VAL B 44 -1.82 4.84 6.17
CA VAL B 44 -1.60 3.78 5.19
C VAL B 44 -1.59 2.41 5.87
N VAL B 45 -1.08 2.36 7.12
CA VAL B 45 -1.10 1.12 7.90
C VAL B 45 -2.55 0.63 8.01
N HIS B 46 -3.47 1.58 8.27
CA HIS B 46 -4.87 1.31 8.43
C HIS B 46 -5.45 0.78 7.12
N ILE B 47 -4.91 1.28 6.01
CA ILE B 47 -5.38 0.90 4.70
C ILE B 47 -5.11 -0.60 4.45
N ILE B 48 -3.95 -1.12 4.85
CA ILE B 48 -3.71 -2.55 4.72
C ILE B 48 -4.65 -3.30 5.68
N GLN B 49 -4.72 -2.79 6.92
CA GLN B 49 -5.56 -3.38 7.98
C GLN B 49 -7.02 -3.49 7.61
N SER B 50 -7.44 -2.63 6.71
CA SER B 50 -8.81 -2.60 6.20
C SER B 50 -9.18 -3.97 5.59
N ARG B 51 -8.24 -4.58 4.91
CA ARG B 51 -8.46 -5.88 4.33
C ARG B 51 -7.80 -6.95 5.17
N GLU B 52 -6.64 -6.62 5.70
CA GLU B 52 -5.78 -7.56 6.37
C GLU B 52 -5.95 -7.48 7.85
N PRO B 53 -6.62 -8.44 8.43
CA PRO B 53 -6.81 -8.50 9.85
C PRO B 53 -5.62 -9.21 10.51
N SER B 54 -4.72 -9.67 9.65
CA SER B 54 -3.51 -10.34 10.02
C SER B 54 -2.53 -9.29 10.53
N LEU B 55 -2.59 -8.12 9.92
CA LEU B 55 -1.75 -7.02 10.33
C LEU B 55 -2.24 -6.53 11.68
N ARG B 56 -3.55 -6.42 11.81
CA ARG B 56 -4.23 -6.09 13.08
C ARG B 56 -3.86 -7.10 14.17
N ASP B 57 -3.69 -8.33 13.75
CA ASP B 57 -3.27 -9.43 14.63
C ASP B 57 -1.80 -9.28 15.02
N SER B 58 -1.03 -8.77 14.09
CA SER B 58 0.36 -8.44 14.29
C SER B 58 0.43 -7.09 15.04
N ASN B 59 1.62 -6.55 15.22
CA ASN B 59 1.76 -5.33 15.99
C ASN B 59 1.86 -4.11 15.06
N PRO B 60 1.10 -3.03 15.39
CA PRO B 60 0.98 -1.82 14.55
C PRO B 60 2.25 -0.92 14.50
N ASP B 61 3.27 -1.27 15.30
CA ASP B 61 4.52 -0.47 15.33
C ASP B 61 5.16 -0.45 13.97
N GLU B 62 5.28 -1.61 13.40
CA GLU B 62 5.81 -1.73 12.08
C GLU B 62 4.66 -2.02 11.17
N ILE B 63 4.65 -1.37 10.04
CA ILE B 63 3.68 -1.67 9.06
C ILE B 63 4.14 -2.97 8.40
N GLU B 64 3.25 -3.87 8.20
CA GLU B 64 3.60 -5.16 7.67
C GLU B 64 2.65 -5.47 6.53
N ILE B 65 3.14 -5.27 5.35
CA ILE B 65 2.37 -5.28 4.13
C ILE B 65 2.72 -6.49 3.28
N ASP B 66 1.75 -7.31 2.97
CA ASP B 66 2.04 -8.41 2.07
C ASP B 66 1.58 -8.02 0.70
N PHE B 67 2.50 -7.53 -0.08
CA PHE B 67 2.23 -7.00 -1.40
C PHE B 67 1.68 -8.05 -2.39
N GLU B 68 1.99 -9.30 -2.16
CA GLU B 68 1.57 -10.36 -3.06
C GLU B 68 0.12 -10.76 -2.88
N THR B 69 -0.31 -11.02 -1.67
CA THR B 69 -1.66 -11.49 -1.46
C THR B 69 -2.68 -10.35 -1.44
N LEU B 70 -2.20 -9.13 -1.28
CA LEU B 70 -3.06 -7.94 -1.29
C LEU B 70 -3.80 -7.76 -2.61
N LYS B 71 -5.02 -7.26 -2.52
CA LYS B 71 -5.81 -6.95 -3.69
C LYS B 71 -5.25 -5.71 -4.36
N PRO B 72 -5.43 -5.58 -5.70
CA PRO B 72 -5.09 -4.37 -6.45
C PRO B 72 -5.80 -3.15 -5.84
N THR B 73 -6.97 -3.40 -5.28
CA THR B 73 -7.81 -2.41 -4.68
C THR B 73 -7.12 -1.77 -3.47
N THR B 74 -6.60 -2.61 -2.62
CA THR B 74 -5.94 -2.17 -1.45
C THR B 74 -4.59 -1.54 -1.82
N LEU B 75 -3.84 -2.23 -2.69
CA LEU B 75 -2.54 -1.75 -3.17
C LEU B 75 -2.65 -0.33 -3.80
N ARG B 76 -3.66 -0.15 -4.64
CA ARG B 76 -3.98 1.14 -5.28
C ARG B 76 -4.19 2.22 -4.25
N GLU B 77 -4.88 1.90 -3.18
CA GLU B 77 -5.21 2.87 -2.17
C GLU B 77 -3.95 3.27 -1.40
N LEU B 78 -3.03 2.31 -1.23
CA LEU B 78 -1.75 2.58 -0.57
C LEU B 78 -0.99 3.59 -1.40
N GLU B 79 -0.92 3.29 -2.70
CA GLU B 79 -0.22 4.09 -3.68
C GLU B 79 -0.79 5.50 -3.73
N ARG B 80 -2.09 5.58 -3.78
CA ARG B 80 -2.84 6.83 -3.88
C ARG B 80 -2.52 7.73 -2.69
N TYR B 81 -2.30 7.13 -1.59
CA TYR B 81 -2.03 7.84 -0.38
C TYR B 81 -0.58 8.29 -0.33
N VAL B 82 0.33 7.36 -0.57
CA VAL B 82 1.76 7.65 -0.56
C VAL B 82 2.10 8.73 -1.57
N LYS B 83 1.46 8.68 -2.75
CA LYS B 83 1.72 9.64 -3.79
C LYS B 83 1.23 11.01 -3.35
N SER B 84 0.13 11.06 -2.63
CA SER B 84 -0.41 12.31 -2.16
C SER B 84 0.50 12.96 -1.09
N CYS B 85 1.12 12.13 -0.27
CA CYS B 85 1.98 12.61 0.78
C CYS B 85 3.35 12.99 0.19
N LEU B 86 3.70 12.35 -0.90
CA LEU B 86 4.95 12.59 -1.59
C LEU B 86 4.83 13.67 -2.67
N GLN B 87 3.76 14.45 -2.61
CA GLN B 87 3.55 15.56 -3.55
C GLN B 87 4.45 16.78 -3.24
N LYS B 88 5.71 16.48 -2.91
CA LYS B 88 6.77 17.44 -2.65
C LYS B 88 6.42 18.48 -1.56
N LYS B 89 6.95 18.27 -0.38
CA LYS B 89 6.66 19.16 0.74
C LYS B 89 7.52 20.42 0.74
N GLN B 90 8.72 20.35 0.14
CA GLN B 90 9.71 21.48 0.03
C GLN B 90 10.30 21.96 1.36
N ARG B 91 9.50 21.97 2.39
CA ARG B 91 9.96 22.26 3.73
C ARG B 91 10.98 21.24 4.13
N LYS B 92 12.11 21.71 4.56
CA LYS B 92 13.15 20.84 5.05
C LYS B 92 12.69 20.14 6.34
N PRO B 93 12.12 20.88 7.36
CA PRO B 93 11.51 20.26 8.50
C PRO B 93 10.03 20.02 8.19
N LYS A 1 14.18 -9.93 -3.44
CA LYS A 1 12.75 -10.12 -3.69
C LYS A 1 12.23 -9.04 -4.61
N VAL A 2 11.97 -9.40 -5.85
CA VAL A 2 11.42 -8.46 -6.80
C VAL A 2 10.01 -8.86 -7.22
N ALA A 3 9.78 -10.17 -7.37
CA ALA A 3 8.46 -10.66 -7.74
C ALA A 3 7.53 -10.80 -6.51
N PRO A 4 7.92 -11.56 -5.43
CA PRO A 4 7.13 -11.61 -4.21
C PRO A 4 7.63 -10.54 -3.23
N LEU A 5 6.84 -9.54 -3.00
CA LEU A 5 7.28 -8.46 -2.19
C LEU A 5 6.52 -8.37 -0.87
N LYS A 6 7.24 -8.43 0.21
CA LYS A 6 6.71 -8.22 1.52
C LYS A 6 7.74 -7.49 2.33
N ILE A 7 7.34 -6.46 2.99
CA ILE A 7 8.26 -5.65 3.74
C ILE A 7 7.77 -5.45 5.16
N LYS A 8 8.69 -5.60 6.10
CA LYS A 8 8.43 -5.31 7.48
C LYS A 8 9.00 -3.95 7.81
N LEU A 9 8.21 -3.13 8.45
CA LEU A 9 8.62 -1.80 8.87
C LEU A 9 9.50 -1.97 10.11
N GLY A 10 10.69 -1.43 10.06
CA GLY A 10 11.58 -1.52 11.19
C GLY A 10 11.61 -0.24 11.97
N GLY A 11 11.71 0.86 11.25
CA GLY A 11 11.74 2.16 11.85
C GLY A 11 13.14 2.55 12.27
N PHE A 12 13.76 1.68 13.01
CA PHE A 12 15.10 1.88 13.50
C PHE A 12 16.10 1.18 12.59
N ALA B 6 -19.79 -16.11 -5.23
CA ALA B 6 -18.76 -16.90 -5.83
C ALA B 6 -17.54 -16.01 -6.07
N SER B 7 -16.59 -16.48 -6.85
CA SER B 7 -15.41 -15.70 -7.14
C SER B 7 -15.72 -14.64 -8.21
N ALA B 8 -16.92 -14.69 -8.76
CA ALA B 8 -17.38 -13.70 -9.69
C ALA B 8 -17.93 -12.52 -8.90
N SER B 9 -17.06 -11.60 -8.58
CA SER B 9 -17.42 -10.47 -7.81
C SER B 9 -18.20 -9.51 -8.66
N TYR B 10 -19.36 -9.14 -8.18
CA TYR B 10 -20.22 -8.27 -8.91
C TYR B 10 -19.77 -6.85 -8.77
N ASP B 11 -18.95 -6.46 -9.70
CA ASP B 11 -18.45 -5.12 -9.82
C ASP B 11 -18.40 -4.82 -11.28
N SER B 12 -19.10 -3.81 -11.70
CA SER B 12 -19.07 -3.41 -13.07
C SER B 12 -17.97 -2.35 -13.21
N GLU B 13 -17.73 -1.92 -14.45
CA GLU B 13 -16.72 -0.92 -14.81
C GLU B 13 -15.31 -1.51 -14.64
N GLU B 14 -14.38 -0.90 -15.25
CA GLU B 14 -13.03 -1.35 -15.18
C GLU B 14 -12.36 -0.58 -14.09
N GLU B 15 -12.41 -1.11 -12.91
CA GLU B 15 -11.86 -0.45 -11.76
C GLU B 15 -10.33 -0.47 -11.80
N GLU B 16 -9.75 0.58 -11.30
CA GLU B 16 -8.32 0.74 -11.28
C GLU B 16 -7.78 -0.03 -10.08
N GLU B 17 -8.67 -0.28 -9.17
CA GLU B 17 -8.40 -1.02 -7.95
C GLU B 17 -8.53 -2.52 -8.23
N GLY B 18 -8.37 -2.91 -9.47
CA GLY B 18 -8.49 -4.27 -9.87
C GLY B 18 -7.40 -4.65 -10.85
N LEU B 19 -6.45 -3.73 -11.06
CA LEU B 19 -5.37 -3.99 -11.98
C LEU B 19 -4.25 -4.75 -11.29
N PRO B 20 -3.45 -5.52 -12.02
CA PRO B 20 -2.34 -6.25 -11.44
C PRO B 20 -1.14 -5.32 -11.21
N MET B 21 -0.62 -5.36 -10.01
CA MET B 21 0.53 -4.54 -9.64
C MET B 21 1.78 -5.31 -10.01
N SER B 22 2.62 -4.71 -10.79
CA SER B 22 3.79 -5.38 -11.31
C SER B 22 4.98 -5.19 -10.38
N TYR B 23 6.06 -5.95 -10.65
CA TYR B 23 7.28 -5.92 -9.84
C TYR B 23 7.77 -4.50 -9.61
N ASP B 24 7.69 -3.66 -10.64
CA ASP B 24 8.20 -2.27 -10.52
C ASP B 24 7.31 -1.46 -9.63
N GLU B 25 6.03 -1.59 -9.88
CA GLU B 25 5.01 -0.86 -9.16
C GLU B 25 5.08 -1.15 -7.68
N LYS B 26 5.17 -2.41 -7.36
CA LYS B 26 5.24 -2.84 -5.99
C LYS B 26 6.56 -2.44 -5.36
N ARG B 27 7.67 -2.70 -6.07
CA ARG B 27 9.02 -2.37 -5.59
C ARG B 27 9.10 -0.90 -5.19
N GLN B 28 8.56 -0.05 -6.04
CA GLN B 28 8.52 1.36 -5.83
C GLN B 28 7.68 1.70 -4.59
N LEU B 29 6.61 0.96 -4.38
CA LEU B 29 5.73 1.16 -3.22
C LEU B 29 6.49 1.04 -1.91
N SER B 30 7.36 0.02 -1.78
CA SER B 30 8.13 -0.11 -0.56
C SER B 30 9.05 1.12 -0.36
N LEU B 31 9.51 1.69 -1.47
CA LEU B 31 10.40 2.83 -1.43
C LEU B 31 9.64 4.08 -1.04
N ASP B 32 8.46 4.22 -1.61
CA ASP B 32 7.58 5.38 -1.36
C ASP B 32 7.10 5.41 0.06
N ILE B 33 6.75 4.26 0.58
CA ILE B 33 6.32 4.17 1.96
C ILE B 33 7.46 4.50 2.92
N ASN B 34 8.68 4.10 2.55
CA ASN B 34 9.87 4.42 3.38
C ASN B 34 10.15 5.94 3.32
N ARG B 35 9.75 6.55 2.21
CA ARG B 35 9.88 7.99 1.99
C ARG B 35 8.92 8.78 2.89
N LEU B 36 7.83 8.15 3.29
CA LEU B 36 6.83 8.82 4.10
C LEU B 36 7.28 8.92 5.55
N PRO B 37 6.91 10.02 6.24
CA PRO B 37 7.19 10.16 7.65
C PRO B 37 6.28 9.25 8.48
N GLY B 38 6.71 8.94 9.69
CA GLY B 38 6.03 8.00 10.56
C GLY B 38 4.57 8.33 10.83
N GLU B 39 4.27 9.61 10.96
CA GLU B 39 2.91 10.06 11.21
C GLU B 39 1.97 9.68 10.05
N LYS B 40 2.48 9.78 8.83
CA LYS B 40 1.67 9.47 7.66
C LYS B 40 1.73 7.98 7.40
N LEU B 41 2.84 7.36 7.83
CA LEU B 41 3.00 5.92 7.78
C LEU B 41 1.87 5.26 8.55
N GLY B 42 1.46 5.90 9.65
CA GLY B 42 0.36 5.43 10.46
C GLY B 42 -0.91 5.20 9.66
N ARG B 43 -1.14 6.01 8.62
CA ARG B 43 -2.33 5.89 7.84
C ARG B 43 -2.20 4.74 6.86
N VAL B 44 -1.01 4.53 6.28
CA VAL B 44 -0.84 3.44 5.35
C VAL B 44 -1.00 2.10 6.07
N VAL B 45 -0.58 2.06 7.34
CA VAL B 45 -0.76 0.88 8.18
C VAL B 45 -2.26 0.56 8.27
N HIS B 46 -3.07 1.61 8.41
CA HIS B 46 -4.50 1.49 8.51
C HIS B 46 -5.09 1.00 7.18
N ILE B 47 -4.48 1.43 6.09
CA ILE B 47 -4.91 1.03 4.78
C ILE B 47 -4.74 -0.47 4.61
N ILE B 48 -3.62 -1.01 5.10
CA ILE B 48 -3.42 -2.46 5.10
C ILE B 48 -4.45 -3.11 6.01
N GLN B 49 -4.65 -2.54 7.23
CA GLN B 49 -5.62 -3.07 8.22
C GLN B 49 -7.00 -3.22 7.64
N SER B 50 -7.33 -2.36 6.71
CA SER B 50 -8.61 -2.38 6.07
C SER B 50 -8.90 -3.75 5.42
N ARG B 51 -7.94 -4.31 4.73
CA ARG B 51 -8.16 -5.58 4.07
C ARG B 51 -7.53 -6.71 4.88
N GLU B 52 -6.43 -6.40 5.51
CA GLU B 52 -5.66 -7.37 6.24
C GLU B 52 -5.90 -7.30 7.70
N PRO B 53 -6.56 -8.30 8.22
CA PRO B 53 -6.81 -8.40 9.62
C PRO B 53 -5.66 -9.15 10.30
N SER B 54 -4.73 -9.62 9.47
CA SER B 54 -3.55 -10.31 9.89
C SER B 54 -2.67 -9.32 10.63
N LEU B 55 -2.66 -8.10 10.10
CA LEU B 55 -1.90 -7.01 10.67
C LEU B 55 -2.50 -6.56 11.98
N ARG B 56 -3.80 -6.25 11.96
CA ARG B 56 -4.60 -5.87 13.15
C ARG B 56 -4.36 -6.83 14.33
N ASP B 57 -4.14 -8.08 14.01
CA ASP B 57 -3.92 -9.11 15.01
C ASP B 57 -2.56 -8.94 15.69
N SER B 58 -1.64 -8.39 14.96
CA SER B 58 -0.31 -8.18 15.41
C SER B 58 -0.17 -6.71 15.89
N ASN B 59 1.04 -6.25 16.03
CA ASN B 59 1.26 -4.88 16.46
C ASN B 59 1.47 -4.02 15.22
N PRO B 60 0.72 -2.92 15.10
CA PRO B 60 0.77 -2.02 13.93
C PRO B 60 2.06 -1.21 13.85
N ASP B 61 2.89 -1.34 14.89
CA ASP B 61 4.20 -0.68 14.96
C ASP B 61 5.02 -1.14 13.79
N GLU B 62 4.95 -2.42 13.53
CA GLU B 62 5.57 -2.98 12.37
C GLU B 62 4.47 -3.27 11.39
N ILE B 63 4.48 -2.57 10.30
CA ILE B 63 3.55 -2.83 9.26
C ILE B 63 4.20 -3.82 8.33
N GLU B 64 3.53 -4.89 8.11
CA GLU B 64 3.98 -5.86 7.18
C GLU B 64 3.11 -5.81 5.99
N ILE B 65 3.64 -5.25 4.97
CA ILE B 65 2.92 -5.07 3.76
C ILE B 65 3.29 -6.22 2.86
N ASP B 66 2.40 -7.16 2.74
CA ASP B 66 2.62 -8.29 1.87
C ASP B 66 1.87 -8.02 0.60
N PHE B 67 2.59 -7.61 -0.40
CA PHE B 67 1.99 -7.14 -1.64
C PHE B 67 1.42 -8.28 -2.48
N GLU B 68 1.66 -9.51 -2.08
CA GLU B 68 1.18 -10.63 -2.85
C GLU B 68 -0.22 -11.04 -2.39
N THR B 69 -0.43 -11.07 -1.08
CA THR B 69 -1.73 -11.44 -0.54
C THR B 69 -2.70 -10.25 -0.54
N LEU B 70 -2.14 -9.06 -0.57
CA LEU B 70 -2.93 -7.85 -0.66
C LEU B 70 -3.69 -7.76 -1.96
N LYS B 71 -4.91 -7.34 -1.87
CA LYS B 71 -5.74 -7.17 -3.03
C LYS B 71 -5.41 -5.84 -3.69
N PRO B 72 -5.66 -5.73 -5.03
CA PRO B 72 -5.43 -4.48 -5.78
C PRO B 72 -6.14 -3.28 -5.17
N THR B 73 -7.21 -3.54 -4.44
CA THR B 73 -7.97 -2.52 -3.78
C THR B 73 -7.16 -1.86 -2.70
N THR B 74 -6.42 -2.64 -1.99
CA THR B 74 -5.59 -2.15 -0.98
C THR B 74 -4.31 -1.59 -1.60
N LEU B 75 -3.69 -2.41 -2.45
CA LEU B 75 -2.44 -2.05 -3.13
C LEU B 75 -2.52 -0.69 -3.84
N ARG B 76 -3.62 -0.47 -4.53
CA ARG B 76 -3.81 0.77 -5.26
C ARG B 76 -3.99 1.93 -4.29
N GLU B 77 -4.67 1.67 -3.17
CA GLU B 77 -4.96 2.70 -2.19
C GLU B 77 -3.64 3.15 -1.54
N LEU B 78 -2.69 2.21 -1.43
CA LEU B 78 -1.37 2.49 -0.88
C LEU B 78 -0.65 3.48 -1.78
N GLU B 79 -0.58 3.15 -3.08
CA GLU B 79 0.14 4.00 -4.05
C GLU B 79 -0.52 5.36 -4.13
N ARG B 80 -1.83 5.35 -4.13
CA ARG B 80 -2.66 6.55 -4.22
C ARG B 80 -2.39 7.48 -3.03
N TYR B 81 -2.12 6.89 -1.91
CA TYR B 81 -1.86 7.63 -0.71
C TYR B 81 -0.45 8.14 -0.67
N VAL B 82 0.50 7.25 -0.91
CA VAL B 82 1.90 7.63 -0.89
C VAL B 82 2.17 8.70 -1.93
N LYS B 83 1.55 8.58 -3.11
CA LYS B 83 1.74 9.56 -4.16
C LYS B 83 1.20 10.91 -3.71
N SER B 84 0.02 10.92 -3.10
CA SER B 84 -0.59 12.16 -2.67
C SER B 84 0.18 12.82 -1.52
N CYS B 85 0.80 11.99 -0.70
CA CYS B 85 1.56 12.48 0.42
C CYS B 85 2.95 12.95 -0.02
N LEU B 86 3.45 12.37 -1.09
CA LEU B 86 4.74 12.76 -1.66
C LEU B 86 4.61 14.01 -2.50
N GLN B 87 3.41 14.27 -2.98
CA GLN B 87 3.13 15.44 -3.78
C GLN B 87 2.95 16.68 -2.95
N LYS B 88 3.96 16.97 -2.17
CA LYS B 88 3.98 18.16 -1.36
C LYS B 88 4.12 19.35 -2.29
N LYS B 89 3.35 20.35 -2.04
CA LYS B 89 3.29 21.52 -2.87
C LYS B 89 4.18 22.57 -2.27
N GLN B 90 4.44 22.43 -0.95
CA GLN B 90 5.29 23.31 -0.14
C GLN B 90 4.56 24.64 0.18
N ARG B 91 3.32 24.71 -0.28
CA ARG B 91 2.48 25.88 -0.04
C ARG B 91 1.83 25.68 1.32
N LYS B 92 1.05 24.64 1.41
CA LYS B 92 0.47 24.19 2.65
C LYS B 92 0.85 22.72 2.86
N PRO B 93 0.62 21.79 1.87
CA PRO B 93 1.11 20.42 1.98
C PRO B 93 2.61 20.39 1.66
N LYS A 1 18.15 -16.96 0.39
CA LYS A 1 17.04 -16.12 0.87
C LYS A 1 17.20 -14.73 0.31
N VAL A 2 16.21 -14.28 -0.42
CA VAL A 2 16.20 -12.94 -0.93
C VAL A 2 14.90 -12.27 -0.55
N ALA A 3 14.94 -10.99 -0.37
CA ALA A 3 13.76 -10.22 -0.07
C ALA A 3 13.36 -9.45 -1.32
N PRO A 4 12.30 -9.91 -2.02
CA PRO A 4 11.83 -9.25 -3.26
C PRO A 4 11.28 -7.87 -2.97
N LEU A 5 10.64 -7.76 -1.83
CA LEU A 5 9.99 -6.57 -1.30
C LEU A 5 9.68 -6.86 0.16
N LYS A 6 8.72 -6.10 0.72
CA LYS A 6 8.23 -6.23 2.11
C LYS A 6 9.09 -5.46 3.09
N ILE A 7 8.46 -4.55 3.77
CA ILE A 7 9.13 -3.73 4.74
C ILE A 7 8.25 -3.66 5.99
N LYS A 8 8.86 -3.77 7.13
CA LYS A 8 8.15 -3.66 8.38
C LYS A 8 8.43 -2.32 9.00
N LEU A 9 7.46 -1.81 9.69
CA LEU A 9 7.61 -0.61 10.46
C LEU A 9 8.05 -0.98 11.87
N GLY A 10 8.00 -0.04 12.77
CA GLY A 10 8.62 -0.25 14.04
C GLY A 10 10.06 0.09 13.87
N GLY A 11 10.26 1.28 13.38
CA GLY A 11 11.54 1.73 12.96
C GLY A 11 11.50 1.78 11.45
N PHE A 12 12.35 1.01 10.80
CA PHE A 12 12.35 0.94 9.33
C PHE A 12 12.63 -0.47 8.87
N ALA B 6 -15.68 0.75 -35.59
CA ALA B 6 -14.46 0.54 -36.35
C ALA B 6 -13.96 -0.88 -36.17
N SER B 7 -14.89 -1.74 -35.73
CA SER B 7 -14.62 -3.16 -35.45
C SER B 7 -13.65 -3.30 -34.28
N ALA B 8 -13.67 -2.33 -33.38
CA ALA B 8 -12.77 -2.31 -32.26
C ALA B 8 -13.46 -2.90 -31.04
N SER B 9 -13.05 -4.08 -30.67
CA SER B 9 -13.62 -4.74 -29.54
C SER B 9 -12.73 -4.53 -28.31
N TYR B 10 -13.14 -3.67 -27.43
CA TYR B 10 -12.40 -3.41 -26.23
C TYR B 10 -13.34 -2.97 -25.15
N ASP B 11 -12.83 -2.96 -23.98
CA ASP B 11 -13.52 -2.56 -22.78
C ASP B 11 -12.48 -1.99 -21.87
N SER B 12 -12.66 -0.78 -21.48
CA SER B 12 -11.73 -0.13 -20.61
C SER B 12 -12.33 -0.09 -19.23
N GLU B 13 -11.67 -0.71 -18.32
CA GLU B 13 -12.20 -0.86 -17.00
C GLU B 13 -11.91 0.34 -16.14
N GLU B 14 -12.85 0.64 -15.30
CA GLU B 14 -12.78 1.74 -14.38
C GLU B 14 -12.04 1.31 -13.13
N GLU B 15 -11.86 0.02 -13.02
CA GLU B 15 -11.29 -0.59 -11.87
C GLU B 15 -9.79 -0.37 -11.80
N GLU B 16 -9.37 0.72 -11.20
CA GLU B 16 -7.95 0.91 -11.01
C GLU B 16 -7.55 0.12 -9.79
N GLU B 17 -8.54 -0.07 -8.93
CA GLU B 17 -8.41 -0.84 -7.71
C GLU B 17 -8.58 -2.33 -8.03
N GLY B 18 -8.51 -2.65 -9.29
CA GLY B 18 -8.70 -3.99 -9.75
C GLY B 18 -7.62 -4.36 -10.72
N LEU B 19 -6.69 -3.46 -10.92
CA LEU B 19 -5.59 -3.70 -11.82
C LEU B 19 -4.48 -4.39 -11.06
N PRO B 20 -4.05 -5.58 -11.51
CA PRO B 20 -2.91 -6.26 -10.91
C PRO B 20 -1.68 -5.40 -11.09
N MET B 21 -0.99 -5.17 -10.04
CA MET B 21 0.14 -4.29 -10.07
C MET B 21 1.40 -5.05 -10.38
N SER B 22 2.17 -4.51 -11.28
CA SER B 22 3.39 -5.12 -11.76
C SER B 22 4.44 -5.05 -10.65
N TYR B 23 5.54 -5.80 -10.79
CA TYR B 23 6.61 -5.70 -9.82
C TYR B 23 7.14 -4.29 -9.83
N ASP B 24 7.14 -3.69 -11.01
CA ASP B 24 7.56 -2.31 -11.20
C ASP B 24 6.75 -1.40 -10.29
N GLU B 25 5.44 -1.57 -10.36
CA GLU B 25 4.51 -0.81 -9.57
C GLU B 25 4.71 -1.07 -8.07
N LYS B 26 4.75 -2.34 -7.70
CA LYS B 26 4.93 -2.76 -6.30
C LYS B 26 6.28 -2.29 -5.72
N ARG B 27 7.31 -2.40 -6.51
CA ARG B 27 8.63 -1.91 -6.16
C ARG B 27 8.60 -0.40 -5.95
N GLN B 28 8.03 0.31 -6.88
CA GLN B 28 7.92 1.75 -6.80
C GLN B 28 7.09 2.14 -5.57
N LEU B 29 6.03 1.40 -5.36
CA LEU B 29 5.15 1.55 -4.23
C LEU B 29 5.98 1.46 -2.94
N SER B 30 6.83 0.44 -2.85
CA SER B 30 7.64 0.23 -1.67
C SER B 30 8.62 1.37 -1.49
N LEU B 31 9.16 1.87 -2.59
CA LEU B 31 10.13 2.96 -2.55
C LEU B 31 9.51 4.19 -1.98
N ASP B 32 8.32 4.49 -2.44
CA ASP B 32 7.59 5.62 -1.95
C ASP B 32 7.18 5.45 -0.48
N ILE B 33 6.87 4.21 -0.07
CA ILE B 33 6.60 3.94 1.34
C ILE B 33 7.86 4.17 2.17
N ASN B 34 9.00 3.71 1.67
CA ASN B 34 10.28 3.88 2.35
C ASN B 34 10.68 5.35 2.41
N ARG B 35 10.07 6.15 1.58
CA ARG B 35 10.28 7.60 1.58
C ARG B 35 9.45 8.31 2.66
N LEU B 36 8.46 7.64 3.20
CA LEU B 36 7.61 8.22 4.23
C LEU B 36 8.12 7.89 5.62
N PRO B 37 7.93 8.81 6.59
CA PRO B 37 8.20 8.54 7.99
C PRO B 37 7.05 7.74 8.64
N GLY B 38 7.30 7.20 9.82
CA GLY B 38 6.36 6.31 10.51
C GLY B 38 4.96 6.88 10.73
N GLU B 39 4.86 8.17 11.00
CA GLU B 39 3.56 8.81 11.22
C GLU B 39 2.68 8.69 9.98
N LYS B 40 3.30 8.88 8.83
CA LYS B 40 2.58 8.85 7.57
C LYS B 40 2.24 7.41 7.23
N LEU B 41 3.05 6.49 7.71
CA LEU B 41 2.79 5.08 7.55
C LEU B 41 1.54 4.65 8.26
N GLY B 42 1.14 5.39 9.30
CA GLY B 42 -0.06 5.07 10.07
C GLY B 42 -1.27 4.85 9.17
N ARG B 43 -1.41 5.70 8.18
CA ARG B 43 -2.49 5.59 7.23
C ARG B 43 -2.32 4.33 6.39
N VAL B 44 -1.10 4.06 5.96
CA VAL B 44 -0.81 2.88 5.12
C VAL B 44 -1.06 1.61 5.91
N VAL B 45 -0.76 1.67 7.20
CA VAL B 45 -1.01 0.57 8.11
C VAL B 45 -2.52 0.28 8.11
N HIS B 46 -3.33 1.35 8.24
CA HIS B 46 -4.78 1.19 8.31
C HIS B 46 -5.32 0.74 6.96
N ILE B 47 -4.63 1.15 5.90
CA ILE B 47 -4.94 0.74 4.55
C ILE B 47 -4.90 -0.78 4.46
N ILE B 48 -3.83 -1.35 4.95
CA ILE B 48 -3.66 -2.78 4.97
C ILE B 48 -4.63 -3.44 5.94
N GLN B 49 -4.83 -2.84 7.11
CA GLN B 49 -5.76 -3.36 8.14
C GLN B 49 -7.17 -3.52 7.61
N SER B 50 -7.52 -2.70 6.65
CA SER B 50 -8.82 -2.75 5.99
C SER B 50 -9.06 -4.13 5.37
N ARG B 51 -8.00 -4.73 4.87
CA ARG B 51 -8.07 -6.04 4.28
C ARG B 51 -7.54 -7.09 5.25
N GLU B 52 -6.46 -6.76 5.89
CA GLU B 52 -5.72 -7.67 6.73
C GLU B 52 -6.05 -7.49 8.17
N PRO B 53 -6.81 -8.41 8.73
CA PRO B 53 -7.14 -8.38 10.12
C PRO B 53 -6.01 -9.03 10.92
N SER B 54 -5.06 -9.59 10.19
CA SER B 54 -3.91 -10.24 10.72
C SER B 54 -3.02 -9.18 11.36
N LEU B 55 -2.96 -8.04 10.67
CA LEU B 55 -2.17 -6.94 11.12
C LEU B 55 -2.83 -6.35 12.37
N ARG B 56 -4.13 -6.25 12.33
CA ARG B 56 -4.94 -5.76 13.46
C ARG B 56 -4.73 -6.60 14.72
N ASP B 57 -4.46 -7.88 14.55
CA ASP B 57 -4.20 -8.76 15.70
C ASP B 57 -2.77 -8.57 16.20
N SER B 58 -1.97 -7.98 15.36
CA SER B 58 -0.60 -7.68 15.65
C SER B 58 -0.53 -6.21 16.11
N ASN B 59 0.66 -5.65 16.26
CA ASN B 59 0.79 -4.27 16.71
C ASN B 59 0.90 -3.32 15.51
N PRO B 60 0.09 -2.24 15.52
CA PRO B 60 -0.04 -1.26 14.39
C PRO B 60 1.16 -0.30 14.20
N ASP B 61 2.11 -0.34 15.13
CA ASP B 61 3.32 0.51 15.01
C ASP B 61 4.23 -0.12 13.97
N GLU B 62 4.02 -1.39 13.82
CA GLU B 62 4.69 -2.21 12.87
C GLU B 62 3.69 -2.45 11.74
N ILE B 63 4.14 -2.89 10.61
CA ILE B 63 3.28 -3.06 9.48
C ILE B 63 3.67 -4.33 8.76
N GLU B 64 2.73 -4.96 8.14
CA GLU B 64 2.97 -6.14 7.37
C GLU B 64 2.51 -5.86 5.96
N ILE B 65 3.44 -5.79 5.05
CA ILE B 65 3.11 -5.48 3.69
C ILE B 65 3.56 -6.60 2.79
N ASP B 66 2.69 -7.51 2.49
CA ASP B 66 2.99 -8.58 1.58
C ASP B 66 2.40 -8.25 0.23
N PHE B 67 3.24 -7.70 -0.62
CA PHE B 67 2.84 -7.17 -1.91
C PHE B 67 2.25 -8.23 -2.83
N GLU B 68 2.61 -9.48 -2.61
CA GLU B 68 2.15 -10.55 -3.47
C GLU B 68 0.73 -11.00 -3.16
N THR B 69 0.34 -10.98 -1.90
CA THR B 69 -0.99 -11.44 -1.54
C THR B 69 -2.02 -10.32 -1.44
N LEU B 70 -1.55 -9.09 -1.31
CA LEU B 70 -2.42 -7.94 -1.16
C LEU B 70 -3.39 -7.75 -2.33
N LYS B 71 -4.57 -7.31 -2.01
CA LYS B 71 -5.59 -6.99 -2.99
C LYS B 71 -5.17 -5.74 -3.77
N PRO B 72 -5.58 -5.63 -5.06
CA PRO B 72 -5.36 -4.42 -5.86
C PRO B 72 -5.93 -3.18 -5.17
N THR B 73 -7.02 -3.37 -4.44
CA THR B 73 -7.68 -2.32 -3.72
C THR B 73 -6.79 -1.77 -2.63
N THR B 74 -6.02 -2.65 -2.03
CA THR B 74 -5.16 -2.28 -0.97
C THR B 74 -3.84 -1.74 -1.55
N LEU B 75 -3.23 -2.52 -2.45
CA LEU B 75 -1.98 -2.14 -3.12
C LEU B 75 -2.08 -0.77 -3.74
N ARG B 76 -3.18 -0.53 -4.42
CA ARG B 76 -3.36 0.73 -5.09
C ARG B 76 -3.51 1.84 -4.07
N GLU B 77 -4.25 1.57 -2.98
CA GLU B 77 -4.49 2.56 -1.95
C GLU B 77 -3.16 2.97 -1.29
N LEU B 78 -2.27 1.98 -1.08
CA LEU B 78 -0.93 2.22 -0.52
C LEU B 78 -0.22 3.26 -1.38
N GLU B 79 -0.11 2.95 -2.69
CA GLU B 79 0.59 3.81 -3.66
C GLU B 79 -0.10 5.17 -3.77
N ARG B 80 -1.41 5.11 -3.85
CA ARG B 80 -2.27 6.27 -4.01
C ARG B 80 -2.12 7.24 -2.84
N TYR B 81 -1.88 6.70 -1.68
CA TYR B 81 -1.68 7.53 -0.53
C TYR B 81 -0.27 8.05 -0.49
N VAL B 82 0.73 7.17 -0.67
CA VAL B 82 2.12 7.59 -0.58
C VAL B 82 2.43 8.69 -1.58
N LYS B 83 1.83 8.59 -2.75
CA LYS B 83 2.01 9.59 -3.77
C LYS B 83 1.38 10.93 -3.33
N SER B 84 0.21 10.85 -2.71
CA SER B 84 -0.47 12.02 -2.16
C SER B 84 0.27 12.58 -0.93
N CYS B 85 0.90 11.72 -0.18
CA CYS B 85 1.61 12.10 1.02
C CYS B 85 2.92 12.78 0.65
N LEU B 86 3.61 12.19 -0.31
CA LEU B 86 4.84 12.74 -0.84
C LEU B 86 4.54 13.97 -1.66
N GLN B 87 3.34 13.99 -2.25
CA GLN B 87 2.90 15.03 -3.13
C GLN B 87 3.81 15.20 -4.32
N LYS B 88 3.55 14.39 -5.31
CA LYS B 88 4.33 14.37 -6.53
C LYS B 88 4.10 15.66 -7.30
N LYS B 89 2.91 16.16 -7.18
CA LYS B 89 2.49 17.37 -7.83
C LYS B 89 1.56 18.15 -6.92
N GLN B 90 1.73 19.45 -6.88
CA GLN B 90 0.88 20.31 -6.09
C GLN B 90 -0.31 20.75 -6.91
N ARG B 91 -1.47 20.63 -6.33
CA ARG B 91 -2.67 21.04 -7.01
C ARG B 91 -2.93 22.50 -6.73
N LYS B 92 -2.49 22.94 -5.58
CA LYS B 92 -2.60 24.34 -5.21
C LYS B 92 -1.21 24.93 -5.00
N PRO B 93 -0.65 25.57 -6.03
CA PRO B 93 0.63 26.22 -5.95
C PRO B 93 0.48 27.67 -5.47
N LYS A 1 14.00 -16.22 3.48
CA LYS A 1 14.74 -16.27 2.23
C LYS A 1 13.96 -15.53 1.17
N VAL A 2 14.68 -14.79 0.33
CA VAL A 2 14.11 -14.00 -0.78
C VAL A 2 13.30 -12.81 -0.27
N ALA A 3 12.17 -13.09 0.37
CA ALA A 3 11.18 -12.10 0.84
C ALA A 3 10.68 -11.28 -0.33
N PRO A 4 9.65 -11.77 -1.04
CA PRO A 4 9.11 -11.11 -2.23
C PRO A 4 8.39 -9.81 -1.91
N LEU A 5 9.18 -8.79 -1.72
CA LEU A 5 8.75 -7.43 -1.42
C LEU A 5 7.89 -7.32 -0.16
N LYS A 6 8.58 -7.24 0.97
CA LYS A 6 7.97 -7.07 2.26
C LYS A 6 8.84 -6.08 3.03
N ILE A 7 8.25 -5.01 3.50
CA ILE A 7 9.02 -3.98 4.18
C ILE A 7 9.25 -4.28 5.66
N LYS A 8 8.15 -4.23 6.46
CA LYS A 8 8.21 -4.38 7.94
C LYS A 8 8.91 -3.19 8.59
N LEU A 9 8.15 -2.34 9.24
CA LEU A 9 8.76 -1.23 9.97
C LEU A 9 9.46 -1.76 11.21
N GLY A 10 10.66 -1.32 11.39
CA GLY A 10 11.46 -1.74 12.49
C GLY A 10 12.59 -2.63 12.03
N GLY A 11 12.23 -3.82 11.65
CA GLY A 11 13.19 -4.78 11.21
C GLY A 11 13.14 -6.01 12.07
N PHE A 12 12.61 -5.83 13.26
CA PHE A 12 12.48 -6.88 14.25
C PHE A 12 11.56 -6.42 15.37
N ALA B 6 -23.98 -16.50 -3.88
CA ALA B 6 -24.22 -16.52 -5.31
C ALA B 6 -25.33 -15.55 -5.64
N SER B 7 -26.27 -15.43 -4.72
CA SER B 7 -27.42 -14.56 -4.87
C SER B 7 -27.00 -13.09 -4.91
N ALA B 8 -25.94 -12.75 -4.21
CA ALA B 8 -25.43 -11.41 -4.21
C ALA B 8 -24.19 -11.33 -5.08
N SER B 9 -24.37 -10.84 -6.27
CA SER B 9 -23.28 -10.68 -7.18
C SER B 9 -22.67 -9.31 -6.97
N TYR B 10 -21.48 -9.31 -6.46
CA TYR B 10 -20.80 -8.09 -6.14
C TYR B 10 -20.03 -7.61 -7.34
N ASP B 11 -20.36 -6.45 -7.79
CA ASP B 11 -19.69 -5.86 -8.91
C ASP B 11 -18.96 -4.64 -8.41
N SER B 12 -17.92 -4.29 -9.08
CA SER B 12 -17.14 -3.16 -8.73
C SER B 12 -16.53 -2.62 -9.98
N GLU B 13 -16.51 -1.34 -10.06
CA GLU B 13 -15.94 -0.64 -11.17
C GLU B 13 -14.72 0.10 -10.68
N GLU B 14 -14.19 1.03 -11.48
CA GLU B 14 -12.97 1.78 -11.15
C GLU B 14 -11.82 0.75 -11.14
N GLU B 15 -11.91 -0.16 -12.10
CA GLU B 15 -11.02 -1.30 -12.26
C GLU B 15 -9.62 -0.93 -12.76
N GLU B 16 -9.03 0.03 -12.11
CA GLU B 16 -7.64 0.34 -12.31
C GLU B 16 -6.94 -0.11 -11.03
N GLU B 17 -7.75 -0.22 -9.99
CA GLU B 17 -7.36 -0.74 -8.70
C GLU B 17 -7.74 -2.22 -8.70
N GLY B 18 -7.95 -2.74 -9.85
CA GLY B 18 -8.41 -4.09 -10.01
C GLY B 18 -7.59 -4.81 -11.03
N LEU B 19 -6.48 -4.20 -11.34
CA LEU B 19 -5.56 -4.74 -12.29
C LEU B 19 -4.38 -5.25 -11.50
N PRO B 20 -3.83 -6.41 -11.84
CA PRO B 20 -2.67 -6.94 -11.14
C PRO B 20 -1.49 -6.00 -11.31
N MET B 21 -0.97 -5.57 -10.21
CA MET B 21 0.07 -4.58 -10.23
C MET B 21 1.39 -5.22 -10.55
N SER B 22 2.15 -4.51 -11.32
CA SER B 22 3.38 -4.99 -11.80
C SER B 22 4.39 -4.89 -10.69
N TYR B 23 5.48 -5.62 -10.79
CA TYR B 23 6.53 -5.59 -9.81
C TYR B 23 7.06 -4.17 -9.65
N ASP B 24 7.15 -3.45 -10.75
CA ASP B 24 7.65 -2.08 -10.74
C ASP B 24 6.68 -1.15 -9.99
N GLU B 25 5.38 -1.37 -10.16
CA GLU B 25 4.37 -0.58 -9.49
C GLU B 25 4.50 -0.76 -7.98
N LYS B 26 4.54 -2.01 -7.57
CA LYS B 26 4.65 -2.37 -6.16
C LYS B 26 6.00 -1.96 -5.59
N ARG B 27 7.07 -2.19 -6.33
CA ARG B 27 8.42 -1.86 -5.89
C ARG B 27 8.58 -0.36 -5.65
N GLN B 28 8.09 0.45 -6.58
CA GLN B 28 8.18 1.89 -6.46
C GLN B 28 7.32 2.34 -5.26
N LEU B 29 6.18 1.68 -5.11
CA LEU B 29 5.26 1.94 -4.00
C LEU B 29 5.99 1.70 -2.66
N SER B 30 6.82 0.67 -2.63
CA SER B 30 7.57 0.30 -1.45
C SER B 30 8.60 1.38 -1.12
N LEU B 31 9.16 1.96 -2.18
CA LEU B 31 10.15 3.01 -2.04
C LEU B 31 9.49 4.23 -1.46
N ASP B 32 8.27 4.48 -1.87
CA ASP B 32 7.51 5.63 -1.37
C ASP B 32 7.15 5.48 0.08
N ILE B 33 6.85 4.26 0.49
CA ILE B 33 6.59 4.00 1.90
C ILE B 33 7.87 4.19 2.71
N ASN B 34 8.98 3.79 2.12
CA ASN B 34 10.31 3.98 2.71
C ASN B 34 10.63 5.49 2.82
N ARG B 35 10.06 6.25 1.91
CA ARG B 35 10.19 7.70 1.88
C ARG B 35 9.32 8.35 2.95
N LEU B 36 8.19 7.73 3.27
CA LEU B 36 7.25 8.27 4.24
C LEU B 36 7.78 8.26 5.66
N PRO B 37 7.55 9.35 6.40
CA PRO B 37 7.86 9.41 7.82
C PRO B 37 6.80 8.63 8.62
N GLY B 38 7.17 8.23 9.83
CA GLY B 38 6.32 7.39 10.68
C GLY B 38 4.94 7.94 10.96
N GLU B 39 4.83 9.25 11.04
CA GLU B 39 3.55 9.91 11.28
C GLU B 39 2.60 9.63 10.11
N LYS B 40 3.12 9.74 8.92
CA LYS B 40 2.32 9.58 7.72
C LYS B 40 2.11 8.11 7.41
N LEU B 41 3.05 7.30 7.90
CA LEU B 41 2.95 5.86 7.78
C LEU B 41 1.71 5.32 8.51
N GLY B 42 1.18 6.12 9.43
CA GLY B 42 0.00 5.73 10.21
C GLY B 42 -1.19 5.38 9.34
N ARG B 43 -1.34 6.07 8.21
CA ARG B 43 -2.43 5.77 7.30
C ARG B 43 -2.18 4.47 6.57
N VAL B 44 -0.99 4.30 6.05
CA VAL B 44 -0.70 3.14 5.24
C VAL B 44 -0.83 1.85 6.06
N VAL B 45 -0.47 1.93 7.36
CA VAL B 45 -0.63 0.76 8.25
C VAL B 45 -2.11 0.37 8.31
N HIS B 46 -2.98 1.38 8.38
CA HIS B 46 -4.40 1.16 8.49
C HIS B 46 -4.98 0.63 7.18
N ILE B 47 -4.34 0.98 6.07
CA ILE B 47 -4.81 0.54 4.76
C ILE B 47 -4.70 -0.99 4.63
N ILE B 48 -3.60 -1.56 5.14
CA ILE B 48 -3.49 -3.02 5.16
C ILE B 48 -4.57 -3.59 6.07
N GLN B 49 -4.74 -2.96 7.24
CA GLN B 49 -5.71 -3.38 8.25
C GLN B 49 -7.12 -3.41 7.72
N SER B 50 -7.39 -2.52 6.78
CA SER B 50 -8.70 -2.40 6.17
C SER B 50 -9.12 -3.71 5.50
N ARG B 51 -8.15 -4.42 4.98
CA ARG B 51 -8.40 -5.67 4.32
C ARG B 51 -8.01 -6.83 5.23
N GLU B 52 -6.89 -6.67 5.87
CA GLU B 52 -6.24 -7.71 6.63
C GLU B 52 -6.51 -7.57 8.09
N PRO B 53 -7.39 -8.40 8.62
CA PRO B 53 -7.74 -8.33 10.01
C PRO B 53 -6.69 -9.05 10.86
N SER B 54 -5.80 -9.77 10.20
CA SER B 54 -4.70 -10.46 10.85
C SER B 54 -3.62 -9.45 11.21
N LEU B 55 -3.65 -8.31 10.55
CA LEU B 55 -2.73 -7.25 10.84
C LEU B 55 -3.19 -6.61 12.16
N ARG B 56 -4.50 -6.38 12.27
CA ARG B 56 -5.15 -5.87 13.51
C ARG B 56 -4.88 -6.81 14.70
N ASP B 57 -4.66 -8.07 14.39
CA ASP B 57 -4.31 -9.10 15.37
C ASP B 57 -2.89 -8.88 15.91
N SER B 58 -2.07 -8.28 15.09
CA SER B 58 -0.70 -7.99 15.44
C SER B 58 -0.58 -6.54 15.93
N ASN B 59 0.60 -6.10 16.27
CA ASN B 59 0.81 -4.74 16.72
C ASN B 59 1.10 -3.88 15.51
N PRO B 60 0.46 -2.70 15.42
CA PRO B 60 0.62 -1.78 14.27
C PRO B 60 2.01 -1.13 14.23
N ASP B 61 2.79 -1.39 15.28
CA ASP B 61 4.18 -0.91 15.39
C ASP B 61 4.96 -1.47 14.21
N GLU B 62 4.66 -2.71 13.88
CA GLU B 62 5.23 -3.34 12.73
C GLU B 62 4.14 -3.48 11.69
N ILE B 63 4.30 -2.79 10.60
CA ILE B 63 3.40 -2.94 9.50
C ILE B 63 3.99 -3.99 8.58
N GLU B 64 3.27 -5.03 8.41
CA GLU B 64 3.72 -6.06 7.54
C GLU B 64 3.03 -5.88 6.23
N ILE B 65 3.75 -5.30 5.31
CA ILE B 65 3.25 -5.03 4.01
C ILE B 65 3.71 -6.13 3.12
N ASP B 66 2.83 -7.02 2.83
CA ASP B 66 3.15 -8.15 1.99
C ASP B 66 2.51 -7.93 0.64
N PHE B 67 3.30 -7.40 -0.26
CA PHE B 67 2.86 -6.93 -1.57
C PHE B 67 2.28 -7.98 -2.50
N GLU B 68 2.60 -9.23 -2.29
CA GLU B 68 2.16 -10.28 -3.22
C GLU B 68 0.72 -10.66 -3.00
N THR B 69 0.39 -10.90 -1.78
CA THR B 69 -0.87 -11.50 -1.44
C THR B 69 -1.96 -10.45 -1.16
N LEU B 70 -1.67 -9.20 -1.47
CA LEU B 70 -2.61 -8.11 -1.31
C LEU B 70 -3.50 -7.94 -2.53
N LYS B 71 -4.68 -7.36 -2.32
CA LYS B 71 -5.59 -7.04 -3.41
C LYS B 71 -5.10 -5.79 -4.12
N PRO B 72 -5.29 -5.70 -5.47
CA PRO B 72 -4.92 -4.52 -6.25
C PRO B 72 -5.54 -3.24 -5.69
N THR B 73 -6.72 -3.37 -5.10
CA THR B 73 -7.42 -2.27 -4.51
C THR B 73 -6.69 -1.78 -3.28
N THR B 74 -6.25 -2.71 -2.47
CA THR B 74 -5.55 -2.40 -1.26
C THR B 74 -4.17 -1.83 -1.61
N LEU B 75 -3.46 -2.54 -2.47
CA LEU B 75 -2.16 -2.11 -2.98
C LEU B 75 -2.24 -0.71 -3.57
N ARG B 76 -3.23 -0.48 -4.39
CA ARG B 76 -3.38 0.80 -5.03
C ARG B 76 -3.77 1.88 -4.01
N GLU B 77 -4.50 1.51 -2.97
CA GLU B 77 -4.92 2.45 -1.95
C GLU B 77 -3.66 2.92 -1.18
N LEU B 78 -2.69 2.00 -1.03
CA LEU B 78 -1.38 2.33 -0.45
C LEU B 78 -0.72 3.36 -1.38
N GLU B 79 -0.70 3.02 -2.68
CA GLU B 79 -0.07 3.82 -3.74
C GLU B 79 -0.68 5.23 -3.79
N ARG B 80 -2.00 5.27 -3.74
CA ARG B 80 -2.79 6.50 -3.77
C ARG B 80 -2.43 7.41 -2.61
N TYR B 81 -2.09 6.83 -1.51
CA TYR B 81 -1.73 7.59 -0.38
C TYR B 81 -0.29 8.06 -0.47
N VAL B 82 0.62 7.12 -0.71
CA VAL B 82 2.03 7.44 -0.80
C VAL B 82 2.30 8.49 -1.87
N LYS B 83 1.58 8.41 -2.99
CA LYS B 83 1.74 9.36 -4.07
C LYS B 83 1.23 10.74 -3.63
N SER B 84 0.19 10.76 -2.81
CA SER B 84 -0.43 11.99 -2.36
C SER B 84 0.56 12.76 -1.49
N CYS B 85 1.37 12.02 -0.75
CA CYS B 85 2.36 12.61 0.08
C CYS B 85 3.62 12.92 -0.73
N LEU B 86 4.03 12.01 -1.59
CA LEU B 86 5.25 12.19 -2.36
C LEU B 86 5.16 13.25 -3.43
N GLN B 87 3.97 13.69 -3.79
CA GLN B 87 3.85 14.79 -4.73
C GLN B 87 4.34 16.11 -4.13
N LYS B 88 4.54 16.11 -2.80
CA LYS B 88 5.15 17.24 -2.09
C LYS B 88 6.64 17.30 -2.46
N LYS B 89 7.15 16.18 -2.90
CA LYS B 89 8.52 16.03 -3.29
C LYS B 89 8.67 16.28 -4.80
N GLN B 90 8.19 15.36 -5.60
CA GLN B 90 8.29 15.37 -7.06
C GLN B 90 7.31 14.39 -7.63
N ARG B 91 7.33 14.24 -8.94
CA ARG B 91 6.60 13.17 -9.58
C ARG B 91 7.50 11.96 -9.52
N LYS B 92 6.98 10.77 -9.71
CA LYS B 92 7.82 9.61 -9.46
C LYS B 92 7.95 8.65 -10.63
N PRO B 93 8.99 8.85 -11.46
CA PRO B 93 9.37 7.91 -12.46
C PRO B 93 10.48 6.98 -11.92
N LYS A 1 12.81 -14.72 -9.58
CA LYS A 1 11.80 -13.73 -9.95
C LYS A 1 10.97 -13.40 -8.75
N VAL A 2 10.55 -12.13 -8.69
CA VAL A 2 9.69 -11.60 -7.64
C VAL A 2 10.30 -11.80 -6.26
N ALA A 3 11.20 -10.92 -5.92
CA ALA A 3 11.84 -10.96 -4.63
C ALA A 3 10.91 -10.35 -3.60
N PRO A 4 10.85 -10.92 -2.38
CA PRO A 4 10.09 -10.35 -1.26
C PRO A 4 10.47 -8.88 -1.03
N LEU A 5 9.53 -8.11 -0.59
CA LEU A 5 9.74 -6.69 -0.42
C LEU A 5 9.97 -6.35 1.03
N LYS A 6 10.65 -5.24 1.27
CA LYS A 6 11.06 -4.87 2.60
C LYS A 6 9.92 -4.28 3.43
N ILE A 7 9.35 -5.12 4.25
CA ILE A 7 8.33 -4.72 5.18
C ILE A 7 8.98 -4.62 6.55
N LYS A 8 8.18 -4.48 7.61
CA LYS A 8 8.67 -4.26 8.98
C LYS A 8 9.24 -2.87 9.06
N LEU A 9 8.36 -1.96 9.29
CA LEU A 9 8.68 -0.57 9.35
C LEU A 9 7.93 0.07 10.50
N GLY A 10 8.69 0.59 11.42
CA GLY A 10 8.16 1.21 12.59
C GLY A 10 9.29 1.61 13.50
N GLY A 11 9.39 0.94 14.64
CA GLY A 11 10.45 1.25 15.59
C GLY A 11 11.72 0.45 15.32
N PHE A 12 11.61 -0.48 14.40
CA PHE A 12 12.73 -1.36 13.98
C PHE A 12 13.27 -2.20 15.12
N ALA B 6 -35.35 -9.15 -5.53
CA ALA B 6 -34.56 -10.05 -4.70
C ALA B 6 -33.54 -10.81 -5.54
N SER B 7 -33.60 -10.56 -6.82
CA SER B 7 -32.73 -11.22 -7.76
C SER B 7 -31.36 -10.58 -7.80
N ALA B 8 -30.48 -11.08 -6.98
CA ALA B 8 -29.11 -10.63 -6.92
C ALA B 8 -28.26 -11.81 -6.56
N SER B 9 -27.22 -12.03 -7.31
CA SER B 9 -26.33 -13.12 -7.08
C SER B 9 -25.25 -12.68 -6.07
N TYR B 10 -24.77 -11.49 -6.26
CA TYR B 10 -23.71 -10.95 -5.43
C TYR B 10 -24.01 -9.50 -5.15
N ASP B 11 -23.08 -8.85 -4.55
CA ASP B 11 -23.20 -7.45 -4.21
C ASP B 11 -21.93 -6.75 -4.63
N SER B 12 -22.05 -5.51 -4.95
CA SER B 12 -20.97 -4.74 -5.43
C SER B 12 -20.32 -3.96 -4.29
N GLU B 13 -19.05 -4.09 -4.17
CA GLU B 13 -18.33 -3.49 -3.09
C GLU B 13 -17.65 -2.19 -3.55
N GLU B 14 -16.90 -1.55 -2.65
CA GLU B 14 -16.27 -0.26 -2.96
C GLU B 14 -15.04 -0.44 -3.84
N GLU B 15 -14.28 -1.47 -3.53
CA GLU B 15 -13.05 -1.75 -4.22
C GLU B 15 -13.30 -2.28 -5.64
N GLU B 16 -13.39 -1.36 -6.57
CA GLU B 16 -13.66 -1.63 -7.96
C GLU B 16 -12.49 -1.17 -8.86
N GLU B 17 -11.27 -1.16 -8.32
CA GLU B 17 -10.12 -0.77 -9.16
C GLU B 17 -9.77 -1.89 -10.11
N GLY B 18 -9.49 -2.98 -9.52
CA GLY B 18 -9.20 -4.23 -10.22
C GLY B 18 -7.92 -4.11 -10.97
N LEU B 19 -7.05 -3.31 -10.41
CA LEU B 19 -5.81 -2.96 -10.99
C LEU B 19 -4.70 -3.74 -10.35
N PRO B 20 -4.16 -4.74 -11.04
CA PRO B 20 -3.04 -5.53 -10.53
C PRO B 20 -1.80 -4.66 -10.43
N MET B 21 -0.94 -4.99 -9.53
CA MET B 21 0.25 -4.23 -9.32
C MET B 21 1.40 -4.96 -9.97
N SER B 22 2.21 -4.28 -10.73
CA SER B 22 3.35 -4.92 -11.33
C SER B 22 4.45 -4.97 -10.31
N TYR B 23 5.48 -5.78 -10.53
CA TYR B 23 6.53 -5.86 -9.56
C TYR B 23 7.22 -4.52 -9.40
N ASP B 24 7.28 -3.75 -10.48
CA ASP B 24 7.87 -2.41 -10.46
C ASP B 24 7.09 -1.52 -9.51
N GLU B 25 5.77 -1.53 -9.65
CA GLU B 25 4.89 -0.76 -8.81
C GLU B 25 5.02 -1.17 -7.34
N LYS B 26 4.95 -2.48 -7.08
CA LYS B 26 5.10 -3.00 -5.71
C LYS B 26 6.48 -2.63 -5.13
N ARG B 27 7.50 -2.78 -5.96
CA ARG B 27 8.87 -2.45 -5.61
C ARG B 27 8.96 -1.01 -5.15
N GLN B 28 8.45 -0.11 -5.99
CA GLN B 28 8.45 1.29 -5.68
C GLN B 28 7.54 1.63 -4.54
N LEU B 29 6.42 0.96 -4.43
CA LEU B 29 5.45 1.17 -3.37
C LEU B 29 6.12 0.94 -2.01
N SER B 30 6.99 -0.07 -1.95
CA SER B 30 7.72 -0.39 -0.73
C SER B 30 8.64 0.79 -0.36
N LEU B 31 9.26 1.35 -1.40
CA LEU B 31 10.19 2.45 -1.25
C LEU B 31 9.44 3.72 -0.89
N ASP B 32 8.30 3.92 -1.54
CA ASP B 32 7.48 5.11 -1.32
C ASP B 32 6.89 5.16 0.08
N ILE B 33 6.53 3.99 0.62
CA ILE B 33 6.08 3.93 2.02
C ILE B 33 7.26 4.24 2.94
N ASN B 34 8.43 3.78 2.55
CA ASN B 34 9.67 4.02 3.29
C ASN B 34 10.08 5.49 3.20
N ARG B 35 9.62 6.15 2.14
CA ARG B 35 9.84 7.56 1.92
C ARG B 35 8.94 8.40 2.81
N LEU B 36 7.90 7.81 3.33
CA LEU B 36 7.02 8.51 4.22
C LEU B 36 7.54 8.45 5.63
N PRO B 37 7.62 9.60 6.31
CA PRO B 37 7.98 9.63 7.70
C PRO B 37 6.84 9.01 8.50
N GLY B 38 7.17 8.45 9.65
CA GLY B 38 6.22 7.69 10.48
C GLY B 38 4.88 8.38 10.73
N GLU B 39 4.91 9.69 10.87
CA GLU B 39 3.71 10.48 11.09
C GLU B 39 2.76 10.43 9.89
N LYS B 40 3.32 10.34 8.71
CA LYS B 40 2.54 10.35 7.48
C LYS B 40 2.31 8.91 7.02
N LEU B 41 3.08 8.03 7.59
CA LEU B 41 3.09 6.63 7.31
C LEU B 41 1.85 5.99 7.92
N GLY B 42 1.38 6.58 9.03
CA GLY B 42 0.28 6.03 9.81
C GLY B 42 -0.94 5.68 8.99
N ARG B 43 -1.23 6.46 7.99
CA ARG B 43 -2.40 6.22 7.19
C ARG B 43 -2.23 4.98 6.32
N VAL B 44 -1.07 4.80 5.72
CA VAL B 44 -0.87 3.67 4.86
C VAL B 44 -0.89 2.38 5.67
N VAL B 45 -0.40 2.45 6.91
CA VAL B 45 -0.42 1.29 7.82
C VAL B 45 -1.88 0.85 8.06
N HIS B 46 -2.79 1.83 8.14
CA HIS B 46 -4.20 1.58 8.37
C HIS B 46 -4.91 1.06 7.11
N ILE B 47 -4.41 1.46 5.95
CA ILE B 47 -5.01 1.06 4.66
C ILE B 47 -4.94 -0.46 4.48
N ILE B 48 -3.85 -1.09 4.94
CA ILE B 48 -3.76 -2.55 4.89
C ILE B 48 -4.84 -3.14 5.80
N GLN B 49 -4.97 -2.55 6.99
CA GLN B 49 -5.88 -3.04 8.04
C GLN B 49 -7.33 -3.04 7.61
N SER B 50 -7.66 -2.15 6.69
CA SER B 50 -8.99 -2.04 6.15
C SER B 50 -9.44 -3.37 5.53
N ARG B 51 -8.51 -4.07 4.90
CA ARG B 51 -8.82 -5.34 4.31
C ARG B 51 -8.30 -6.46 5.20
N GLU B 52 -7.15 -6.23 5.80
CA GLU B 52 -6.44 -7.23 6.54
C GLU B 52 -6.56 -7.00 8.03
N PRO B 53 -7.38 -7.77 8.71
CA PRO B 53 -7.46 -7.71 10.15
C PRO B 53 -6.35 -8.62 10.72
N SER B 54 -5.70 -9.29 9.80
CA SER B 54 -4.58 -10.14 10.02
C SER B 54 -3.32 -9.29 10.26
N LEU B 55 -3.37 -8.05 9.83
CA LEU B 55 -2.32 -7.09 10.10
C LEU B 55 -2.36 -6.78 11.58
N ARG B 56 -3.57 -6.60 12.11
CA ARG B 56 -3.77 -6.44 13.55
C ARG B 56 -3.33 -7.70 14.29
N ASP B 57 -3.52 -8.84 13.65
CA ASP B 57 -3.11 -10.15 14.18
C ASP B 57 -1.58 -10.26 14.22
N SER B 58 -0.95 -9.55 13.31
CA SER B 58 0.49 -9.38 13.27
C SER B 58 0.79 -8.22 14.21
N ASN B 59 1.90 -7.57 14.06
CA ASN B 59 2.11 -6.40 14.86
C ASN B 59 1.64 -5.19 14.12
N PRO B 60 0.77 -4.40 14.72
CA PRO B 60 0.27 -3.16 14.13
C PRO B 60 1.25 -2.01 14.37
N ASP B 61 2.26 -2.30 15.16
CA ASP B 61 3.29 -1.36 15.56
C ASP B 61 4.26 -1.13 14.42
N GLU B 62 4.48 -2.17 13.70
CA GLU B 62 5.36 -2.18 12.58
C GLU B 62 4.60 -2.63 11.35
N ILE B 63 4.68 -1.88 10.28
CA ILE B 63 3.84 -2.15 9.13
C ILE B 63 4.38 -3.33 8.32
N GLU B 64 3.52 -4.27 8.11
CA GLU B 64 3.81 -5.43 7.34
C GLU B 64 2.87 -5.47 6.16
N ILE B 65 3.36 -5.06 5.03
CA ILE B 65 2.53 -4.97 3.85
C ILE B 65 2.58 -6.29 3.12
N ASP B 66 1.45 -6.87 2.89
CA ASP B 66 1.40 -8.11 2.18
C ASP B 66 1.28 -7.89 0.68
N PHE B 67 2.40 -7.76 0.03
CA PHE B 67 2.43 -7.52 -1.41
C PHE B 67 2.09 -8.76 -2.22
N GLU B 68 1.95 -9.87 -1.52
CA GLU B 68 1.76 -11.13 -2.16
C GLU B 68 0.29 -11.53 -2.25
N THR B 69 -0.44 -11.43 -1.17
CA THR B 69 -1.84 -11.82 -1.21
C THR B 69 -2.82 -10.65 -1.04
N LEU B 70 -2.32 -9.43 -1.01
CA LEU B 70 -3.20 -8.28 -0.99
C LEU B 70 -3.95 -8.12 -2.27
N LYS B 71 -5.07 -7.52 -2.15
CA LYS B 71 -6.01 -7.31 -3.20
C LYS B 71 -5.53 -6.15 -4.08
N PRO B 72 -5.74 -6.24 -5.42
CA PRO B 72 -5.35 -5.21 -6.40
C PRO B 72 -5.76 -3.79 -5.97
N THR B 73 -6.95 -3.68 -5.45
CA THR B 73 -7.53 -2.47 -5.04
C THR B 73 -6.86 -1.90 -3.78
N THR B 74 -6.63 -2.78 -2.81
CA THR B 74 -6.04 -2.42 -1.56
C THR B 74 -4.59 -1.96 -1.78
N LEU B 75 -3.83 -2.77 -2.53
CA LEU B 75 -2.45 -2.43 -2.88
C LEU B 75 -2.38 -1.08 -3.62
N ARG B 76 -3.30 -0.87 -4.53
CA ARG B 76 -3.36 0.35 -5.30
C ARG B 76 -3.70 1.54 -4.39
N GLU B 77 -4.49 1.30 -3.34
CA GLU B 77 -4.90 2.34 -2.41
C GLU B 77 -3.68 2.82 -1.64
N LEU B 78 -2.79 1.88 -1.32
CA LEU B 78 -1.53 2.18 -0.64
C LEU B 78 -0.73 3.16 -1.49
N GLU B 79 -0.53 2.75 -2.75
CA GLU B 79 0.22 3.52 -3.72
C GLU B 79 -0.42 4.90 -3.92
N ARG B 80 -1.72 4.88 -4.04
CA ARG B 80 -2.55 6.06 -4.26
C ARG B 80 -2.35 7.08 -3.16
N TYR B 81 -2.14 6.60 -1.96
CA TYR B 81 -1.94 7.48 -0.84
C TYR B 81 -0.51 7.97 -0.78
N VAL B 82 0.45 7.06 -0.88
CA VAL B 82 1.86 7.43 -0.84
C VAL B 82 2.19 8.46 -1.93
N LYS B 83 1.60 8.29 -3.12
CA LYS B 83 1.85 9.18 -4.24
C LYS B 83 1.26 10.57 -3.94
N SER B 84 0.15 10.59 -3.20
CA SER B 84 -0.44 11.85 -2.78
C SER B 84 0.46 12.54 -1.76
N CYS B 85 0.81 11.80 -0.71
CA CYS B 85 1.51 12.33 0.46
C CYS B 85 2.94 12.77 0.09
N LEU B 86 3.52 12.10 -0.88
CA LEU B 86 4.85 12.42 -1.37
C LEU B 86 4.87 13.63 -2.27
N GLN B 87 3.71 14.16 -2.58
CA GLN B 87 3.62 15.34 -3.40
C GLN B 87 3.07 16.50 -2.60
N LYS B 88 1.80 16.40 -2.29
CA LYS B 88 1.12 17.42 -1.56
C LYS B 88 -0.05 16.79 -0.88
N LYS B 89 -0.20 17.05 0.39
CA LYS B 89 -1.31 16.53 1.13
C LYS B 89 -2.59 17.21 0.68
N GLN B 90 -3.38 16.47 -0.07
CA GLN B 90 -4.67 16.86 -0.58
C GLN B 90 -5.19 15.71 -1.40
N ARG B 91 -6.48 15.67 -1.59
CA ARG B 91 -7.05 14.65 -2.42
C ARG B 91 -6.97 15.13 -3.86
N LYS B 92 -5.86 14.84 -4.48
CA LYS B 92 -5.65 15.23 -5.84
C LYS B 92 -5.62 14.00 -6.71
N PRO B 93 -6.05 14.11 -7.95
CA PRO B 93 -5.76 13.10 -8.93
C PRO B 93 -4.30 13.30 -9.34
N LYS A 1 6.82 -18.49 -1.36
CA LYS A 1 8.07 -18.01 -1.93
C LYS A 1 8.67 -16.98 -1.00
N VAL A 2 9.96 -16.72 -1.15
CA VAL A 2 10.61 -15.71 -0.33
C VAL A 2 10.05 -14.31 -0.69
N ALA A 3 9.83 -13.50 0.32
CA ALA A 3 9.32 -12.16 0.12
C ALA A 3 10.41 -11.28 -0.48
N PRO A 4 10.17 -10.73 -1.69
CA PRO A 4 11.15 -9.89 -2.40
C PRO A 4 11.12 -8.43 -1.95
N LEU A 5 10.26 -8.13 -1.01
CA LEU A 5 10.10 -6.79 -0.50
C LEU A 5 10.04 -6.84 1.00
N LYS A 6 10.48 -5.80 1.66
CA LYS A 6 10.40 -5.69 3.09
C LYS A 6 8.96 -5.34 3.42
N ILE A 7 8.21 -6.31 3.86
CA ILE A 7 6.78 -6.15 4.01
C ILE A 7 6.40 -5.60 5.38
N LYS A 8 7.38 -5.47 6.26
CA LYS A 8 7.13 -4.97 7.60
C LYS A 8 7.97 -3.77 7.94
N LEU A 9 7.41 -2.89 8.76
CA LEU A 9 8.16 -1.75 9.27
C LEU A 9 9.13 -2.20 10.37
N GLY A 10 8.63 -2.30 11.59
CA GLY A 10 9.46 -2.72 12.70
C GLY A 10 10.55 -1.72 13.01
N GLY A 11 10.20 -0.68 13.71
CA GLY A 11 11.16 0.36 13.98
C GLY A 11 10.85 1.11 15.23
N PHE A 12 11.70 0.96 16.21
CA PHE A 12 11.53 1.64 17.48
C PHE A 12 12.28 2.97 17.48
N ALA B 6 -10.06 5.44 -33.19
CA ALA B 6 -11.10 6.31 -33.68
C ALA B 6 -12.43 5.60 -33.67
N SER B 7 -12.37 4.29 -33.70
CA SER B 7 -13.55 3.45 -33.69
C SER B 7 -13.91 3.07 -32.25
N ALA B 8 -15.20 2.91 -32.01
CA ALA B 8 -15.72 2.57 -30.71
C ALA B 8 -15.20 1.23 -30.23
N SER B 9 -14.49 1.26 -29.15
CA SER B 9 -13.98 0.07 -28.54
C SER B 9 -14.92 -0.31 -27.42
N TYR B 10 -15.25 -1.58 -27.33
CA TYR B 10 -16.22 -2.03 -26.36
C TYR B 10 -15.62 -2.21 -24.99
N ASP B 11 -14.35 -2.43 -24.97
CA ASP B 11 -13.64 -2.56 -23.73
C ASP B 11 -13.03 -1.25 -23.41
N SER B 12 -13.67 -0.55 -22.57
CA SER B 12 -13.22 0.74 -22.13
C SER B 12 -13.75 0.98 -20.75
N GLU B 13 -12.84 0.99 -19.81
CA GLU B 13 -13.15 1.11 -18.42
C GLU B 13 -11.86 1.31 -17.68
N GLU B 14 -11.95 1.78 -16.47
CA GLU B 14 -10.79 1.93 -15.63
C GLU B 14 -11.19 1.80 -14.18
N GLU B 15 -10.70 0.78 -13.55
CA GLU B 15 -10.86 0.61 -12.15
C GLU B 15 -9.50 0.36 -11.56
N GLU B 16 -8.98 1.34 -10.85
CA GLU B 16 -7.66 1.23 -10.23
C GLU B 16 -7.69 0.17 -9.14
N GLU B 17 -8.87 -0.06 -8.64
CA GLU B 17 -9.13 -1.07 -7.61
C GLU B 17 -9.13 -2.48 -8.21
N GLY B 18 -8.82 -2.54 -9.47
CA GLY B 18 -8.82 -3.79 -10.18
C GLY B 18 -7.71 -3.84 -11.18
N LEU B 19 -6.71 -3.02 -10.98
CA LEU B 19 -5.55 -3.01 -11.83
C LEU B 19 -4.41 -3.70 -11.13
N PRO B 20 -4.02 -4.89 -11.62
CA PRO B 20 -2.90 -5.65 -11.06
C PRO B 20 -1.59 -4.86 -11.13
N MET B 21 -0.72 -5.10 -10.18
CA MET B 21 0.53 -4.37 -10.08
C MET B 21 1.69 -5.31 -10.25
N SER B 22 2.73 -4.85 -10.90
CA SER B 22 3.86 -5.70 -11.15
C SER B 22 4.91 -5.45 -10.07
N TYR B 23 5.98 -6.23 -10.11
CA TYR B 23 7.04 -6.16 -9.11
C TYR B 23 7.66 -4.78 -9.06
N ASP B 24 7.67 -4.09 -10.21
CA ASP B 24 8.28 -2.78 -10.33
C ASP B 24 7.46 -1.75 -9.57
N GLU B 25 6.14 -1.82 -9.75
CA GLU B 25 5.19 -0.96 -9.08
C GLU B 25 5.32 -1.13 -7.57
N LYS B 26 5.29 -2.37 -7.14
CA LYS B 26 5.42 -2.73 -5.74
C LYS B 26 6.78 -2.31 -5.16
N ARG B 27 7.85 -2.55 -5.93
CA ARG B 27 9.22 -2.15 -5.54
C ARG B 27 9.28 -0.65 -5.28
N GLN B 28 8.80 0.13 -6.22
CA GLN B 28 8.84 1.57 -6.14
C GLN B 28 7.90 2.04 -5.01
N LEU B 29 6.77 1.38 -4.87
CA LEU B 29 5.80 1.68 -3.82
C LEU B 29 6.47 1.51 -2.44
N SER B 30 7.30 0.48 -2.30
CA SER B 30 7.99 0.22 -1.05
C SER B 30 9.01 1.35 -0.77
N LEU B 31 9.51 1.95 -1.82
CA LEU B 31 10.45 3.06 -1.72
C LEU B 31 9.69 4.30 -1.29
N ASP B 32 8.49 4.48 -1.83
CA ASP B 32 7.63 5.59 -1.46
C ASP B 32 7.17 5.49 -0.03
N ILE B 33 6.89 4.28 0.41
CA ILE B 33 6.56 4.04 1.80
C ILE B 33 7.78 4.33 2.70
N ASN B 34 8.96 4.09 2.17
CA ASN B 34 10.19 4.41 2.90
C ASN B 34 10.41 5.93 2.95
N ARG B 35 9.90 6.61 1.93
CA ARG B 35 9.94 8.08 1.85
C ARG B 35 9.01 8.72 2.88
N LEU B 36 7.96 8.00 3.24
CA LEU B 36 6.98 8.51 4.17
C LEU B 36 7.46 8.44 5.61
N PRO B 37 7.17 9.47 6.39
CA PRO B 37 7.46 9.50 7.82
C PRO B 37 6.37 8.74 8.62
N GLY B 38 6.70 8.40 9.85
CA GLY B 38 5.84 7.59 10.73
C GLY B 38 4.41 8.08 10.88
N GLU B 39 4.21 9.38 10.97
CA GLU B 39 2.87 9.95 11.14
C GLU B 39 1.99 9.67 9.92
N LYS B 40 2.61 9.57 8.76
CA LYS B 40 1.87 9.33 7.53
C LYS B 40 1.76 7.84 7.30
N LEU B 41 2.76 7.11 7.80
CA LEU B 41 2.75 5.66 7.75
C LEU B 41 1.57 5.10 8.48
N GLY B 42 1.18 5.77 9.56
CA GLY B 42 0.03 5.37 10.34
C GLY B 42 -1.23 5.19 9.51
N ARG B 43 -1.39 5.99 8.47
CA ARG B 43 -2.56 5.90 7.66
C ARG B 43 -2.43 4.75 6.68
N VAL B 44 -1.24 4.54 6.13
CA VAL B 44 -1.06 3.44 5.19
C VAL B 44 -1.21 2.11 5.94
N VAL B 45 -0.77 2.07 7.20
CA VAL B 45 -0.97 0.91 8.07
C VAL B 45 -2.47 0.57 8.12
N HIS B 46 -3.30 1.61 8.28
CA HIS B 46 -4.74 1.50 8.36
C HIS B 46 -5.31 0.96 7.05
N ILE B 47 -4.67 1.35 5.96
CA ILE B 47 -5.08 0.93 4.63
C ILE B 47 -4.90 -0.58 4.49
N ILE B 48 -3.77 -1.11 4.98
CA ILE B 48 -3.57 -2.55 4.97
C ILE B 48 -4.58 -3.20 5.91
N GLN B 49 -4.70 -2.65 7.14
CA GLN B 49 -5.60 -3.18 8.18
C GLN B 49 -7.03 -3.29 7.71
N SER B 50 -7.39 -2.46 6.75
CA SER B 50 -8.70 -2.46 6.13
C SER B 50 -9.06 -3.87 5.65
N ARG B 51 -8.11 -4.53 5.03
CA ARG B 51 -8.31 -5.87 4.54
C ARG B 51 -7.65 -6.89 5.46
N GLU B 52 -6.45 -6.58 5.90
CA GLU B 52 -5.59 -7.49 6.61
C GLU B 52 -5.78 -7.37 8.10
N PRO B 53 -6.37 -8.38 8.69
CA PRO B 53 -6.59 -8.41 10.10
C PRO B 53 -5.42 -9.05 10.85
N SER B 54 -4.46 -9.57 10.08
CA SER B 54 -3.27 -10.19 10.64
C SER B 54 -2.42 -9.11 11.27
N LEU B 55 -2.37 -7.98 10.59
CA LEU B 55 -1.66 -6.82 11.04
C LEU B 55 -2.26 -6.33 12.37
N ARG B 56 -3.59 -6.28 12.42
CA ARG B 56 -4.34 -5.87 13.64
C ARG B 56 -3.95 -6.74 14.85
N ASP B 57 -3.64 -8.00 14.59
CA ASP B 57 -3.27 -8.95 15.65
C ASP B 57 -1.81 -8.75 16.07
N SER B 58 -1.06 -8.17 15.19
CA SER B 58 0.32 -7.93 15.42
C SER B 58 0.46 -6.56 16.11
N ASN B 59 1.66 -6.20 16.52
CA ASN B 59 1.89 -4.88 17.11
C ASN B 59 1.79 -3.82 16.02
N PRO B 60 1.36 -2.58 16.35
CA PRO B 60 1.24 -1.50 15.36
C PRO B 60 2.60 -1.09 14.76
N ASP B 61 3.64 -1.58 15.41
CA ASP B 61 5.04 -1.44 14.95
C ASP B 61 5.22 -2.18 13.66
N GLU B 62 4.47 -3.21 13.53
CA GLU B 62 4.55 -4.05 12.40
C GLU B 62 3.42 -3.78 11.46
N ILE B 63 3.77 -3.27 10.33
CA ILE B 63 2.85 -3.17 9.25
C ILE B 63 3.09 -4.45 8.48
N GLU B 64 2.09 -5.04 7.98
CA GLU B 64 2.29 -6.25 7.23
C GLU B 64 1.73 -6.01 5.87
N ILE B 65 2.57 -5.71 4.93
CA ILE B 65 2.12 -5.37 3.62
C ILE B 65 2.50 -6.46 2.68
N ASP B 66 1.62 -7.38 2.45
CA ASP B 66 1.96 -8.41 1.51
C ASP B 66 1.52 -7.98 0.15
N PHE B 67 2.42 -7.40 -0.59
CA PHE B 67 2.13 -6.85 -1.89
C PHE B 67 1.67 -7.88 -2.93
N GLU B 68 1.78 -9.15 -2.63
CA GLU B 68 1.41 -10.19 -3.58
C GLU B 68 -0.02 -10.61 -3.36
N THR B 69 -0.32 -10.90 -2.14
CA THR B 69 -1.55 -11.48 -1.77
C THR B 69 -2.63 -10.42 -1.48
N LEU B 70 -2.22 -9.16 -1.41
CA LEU B 70 -3.16 -8.05 -1.26
C LEU B 70 -4.02 -7.88 -2.50
N LYS B 71 -5.22 -7.37 -2.30
CA LYS B 71 -6.13 -7.08 -3.38
C LYS B 71 -5.71 -5.78 -4.06
N PRO B 72 -5.99 -5.63 -5.38
CA PRO B 72 -5.71 -4.41 -6.16
C PRO B 72 -6.21 -3.14 -5.47
N THR B 73 -7.34 -3.27 -4.78
CA THR B 73 -7.98 -2.19 -4.07
C THR B 73 -7.01 -1.57 -3.07
N THR B 74 -6.51 -2.41 -2.21
CA THR B 74 -5.64 -2.02 -1.16
C THR B 74 -4.26 -1.66 -1.71
N LEU B 75 -3.72 -2.52 -2.60
CA LEU B 75 -2.42 -2.28 -3.22
C LEU B 75 -2.33 -0.89 -3.84
N ARG B 76 -3.28 -0.59 -4.70
CA ARG B 76 -3.33 0.67 -5.37
C ARG B 76 -3.58 1.79 -4.37
N GLU B 77 -4.38 1.52 -3.34
CA GLU B 77 -4.73 2.53 -2.35
C GLU B 77 -3.47 3.01 -1.61
N LEU B 78 -2.52 2.08 -1.39
CA LEU B 78 -1.24 2.38 -0.73
C LEU B 78 -0.51 3.37 -1.63
N GLU B 79 -0.38 2.97 -2.88
CA GLU B 79 0.30 3.72 -3.91
C GLU B 79 -0.35 5.11 -4.08
N ARG B 80 -1.65 5.11 -4.17
CA ARG B 80 -2.48 6.29 -4.35
C ARG B 80 -2.27 7.26 -3.19
N TYR B 81 -2.01 6.72 -2.04
CA TYR B 81 -1.79 7.52 -0.87
C TYR B 81 -0.39 8.08 -0.86
N VAL B 82 0.60 7.19 -1.04
CA VAL B 82 1.99 7.59 -1.03
C VAL B 82 2.24 8.68 -2.08
N LYS B 83 1.65 8.52 -3.26
CA LYS B 83 1.82 9.48 -4.33
C LYS B 83 1.16 10.81 -3.95
N SER B 84 0.03 10.73 -3.25
CA SER B 84 -0.70 11.90 -2.82
C SER B 84 0.12 12.67 -1.76
N CYS B 85 0.89 11.94 -0.98
CA CYS B 85 1.69 12.54 0.06
C CYS B 85 2.98 13.11 -0.54
N LEU B 86 3.51 12.43 -1.54
CA LEU B 86 4.73 12.86 -2.24
C LEU B 86 4.51 14.18 -2.97
N GLN B 87 3.29 14.40 -3.42
CA GLN B 87 2.93 15.63 -4.12
C GLN B 87 2.65 16.76 -3.13
N LYS B 88 2.66 16.44 -1.87
CA LYS B 88 2.38 17.39 -0.84
C LYS B 88 3.70 17.90 -0.25
N LYS B 89 3.71 19.17 0.09
CA LYS B 89 4.90 19.81 0.62
C LYS B 89 5.19 19.35 2.04
N GLN B 90 6.32 18.69 2.23
CA GLN B 90 6.74 18.32 3.55
C GLN B 90 7.65 19.40 4.10
N ARG B 91 7.24 19.95 5.22
CA ARG B 91 7.98 21.02 5.89
C ARG B 91 9.18 20.43 6.61
N LYS B 92 8.85 19.52 7.48
CA LYS B 92 9.76 18.77 8.31
C LYS B 92 8.92 17.70 9.03
N PRO B 93 7.74 18.06 9.65
CA PRO B 93 6.81 17.08 10.14
C PRO B 93 5.71 16.88 9.08
N LYS A 1 7.53 -16.55 7.02
CA LYS A 1 7.36 -15.91 5.72
C LYS A 1 8.70 -15.52 5.18
N VAL A 2 8.91 -15.74 3.92
CA VAL A 2 10.07 -15.24 3.25
C VAL A 2 9.65 -13.92 2.63
N ALA A 3 8.62 -14.01 1.76
CA ALA A 3 7.97 -12.90 1.09
C ALA A 3 8.97 -11.97 0.38
N PRO A 4 9.10 -12.14 -0.95
CA PRO A 4 10.05 -11.37 -1.78
C PRO A 4 9.98 -9.87 -1.56
N LEU A 5 8.80 -9.32 -1.51
CA LEU A 5 8.65 -7.91 -1.36
C LEU A 5 7.67 -7.57 -0.26
N LYS A 6 8.23 -7.14 0.84
CA LYS A 6 7.48 -6.72 1.99
C LYS A 6 8.27 -5.67 2.75
N ILE A 7 7.65 -5.02 3.67
CA ILE A 7 8.31 -4.02 4.47
C ILE A 7 7.70 -3.97 5.87
N LYS A 8 8.55 -4.00 6.87
CA LYS A 8 8.13 -3.89 8.25
C LYS A 8 8.56 -2.54 8.80
N LEU A 9 7.61 -1.76 9.22
CA LEU A 9 7.92 -0.45 9.78
C LEU A 9 8.30 -0.58 11.25
N GLY A 10 9.58 -0.74 11.48
CA GLY A 10 10.08 -0.79 12.83
C GLY A 10 10.47 0.59 13.30
N GLY A 11 11.75 0.81 13.42
CA GLY A 11 12.24 2.09 13.86
C GLY A 11 12.53 3.00 12.69
N PHE A 12 11.48 3.41 12.01
CA PHE A 12 11.60 4.30 10.86
C PHE A 12 10.74 5.52 11.07
N ALA B 6 -26.19 7.97 -35.37
CA ALA B 6 -25.03 7.61 -34.57
C ALA B 6 -25.36 7.78 -33.08
N SER B 7 -24.60 7.16 -32.24
CA SER B 7 -24.78 7.29 -30.80
C SER B 7 -23.43 7.12 -30.09
N ALA B 8 -22.68 6.11 -30.55
CA ALA B 8 -21.37 5.76 -30.03
C ALA B 8 -21.46 5.33 -28.59
N SER B 9 -21.71 4.06 -28.40
CA SER B 9 -21.84 3.53 -27.07
C SER B 9 -20.55 2.82 -26.70
N TYR B 10 -19.76 3.48 -25.88
CA TYR B 10 -18.51 2.96 -25.40
C TYR B 10 -18.32 3.40 -23.99
N ASP B 11 -17.24 3.01 -23.40
CA ASP B 11 -16.98 3.26 -21.99
C ASP B 11 -15.52 3.43 -21.70
N SER B 12 -15.24 3.81 -20.48
CA SER B 12 -13.92 3.97 -19.96
C SER B 12 -13.98 3.97 -18.44
N GLU B 13 -13.21 3.10 -17.82
CA GLU B 13 -13.18 3.04 -16.37
C GLU B 13 -11.78 2.83 -15.94
N GLU B 14 -11.50 3.29 -14.78
CA GLU B 14 -10.18 3.22 -14.23
C GLU B 14 -10.15 2.14 -13.19
N GLU B 15 -9.67 1.00 -13.57
CA GLU B 15 -9.62 -0.13 -12.67
C GLU B 15 -8.33 -0.10 -11.88
N GLU B 16 -8.13 0.99 -11.17
CA GLU B 16 -6.93 1.23 -10.38
C GLU B 16 -6.75 0.14 -9.35
N GLU B 17 -7.83 -0.17 -8.71
CA GLU B 17 -7.88 -1.18 -7.68
C GLU B 17 -8.12 -2.57 -8.27
N GLY B 18 -7.90 -2.68 -9.54
CA GLY B 18 -8.11 -3.92 -10.23
C GLY B 18 -7.03 -4.20 -11.23
N LEU B 19 -5.91 -3.55 -11.08
CA LEU B 19 -4.78 -3.78 -11.94
C LEU B 19 -3.80 -4.68 -11.23
N PRO B 20 -3.36 -5.76 -11.87
CA PRO B 20 -2.33 -6.61 -11.29
C PRO B 20 -1.05 -5.82 -11.14
N MET B 21 -0.56 -5.77 -9.96
CA MET B 21 0.60 -4.99 -9.67
C MET B 21 1.83 -5.78 -10.00
N SER B 22 2.62 -5.26 -10.90
CA SER B 22 3.81 -5.93 -11.31
C SER B 22 4.89 -5.75 -10.24
N TYR B 23 5.96 -6.51 -10.36
CA TYR B 23 7.07 -6.52 -9.41
C TYR B 23 7.63 -5.11 -9.29
N ASP B 24 7.76 -4.49 -10.44
CA ASP B 24 8.33 -3.15 -10.53
C ASP B 24 7.38 -2.11 -9.97
N GLU B 25 6.08 -2.32 -10.13
CA GLU B 25 5.06 -1.47 -9.56
C GLU B 25 5.09 -1.54 -8.05
N LYS B 26 5.06 -2.76 -7.53
CA LYS B 26 5.08 -3.01 -6.10
C LYS B 26 6.37 -2.49 -5.50
N ARG B 27 7.48 -2.72 -6.20
CA ARG B 27 8.76 -2.23 -5.73
C ARG B 27 8.77 -0.71 -5.66
N GLN B 28 8.22 -0.05 -6.69
CA GLN B 28 8.11 1.38 -6.72
C GLN B 28 7.20 1.84 -5.59
N LEU B 29 6.14 1.09 -5.36
CA LEU B 29 5.18 1.37 -4.29
C LEU B 29 5.95 1.37 -2.95
N SER B 30 6.86 0.41 -2.79
CA SER B 30 7.67 0.30 -1.60
C SER B 30 8.62 1.53 -1.52
N LEU B 31 9.06 2.00 -2.67
CA LEU B 31 9.95 3.14 -2.75
C LEU B 31 9.21 4.43 -2.40
N ASP B 32 7.95 4.54 -2.83
CA ASP B 32 7.11 5.71 -2.49
C ASP B 32 6.92 5.78 -1.00
N ILE B 33 6.68 4.63 -0.41
CA ILE B 33 6.55 4.50 1.04
C ILE B 33 7.88 4.84 1.73
N ASN B 34 8.97 4.44 1.09
CA ASN B 34 10.31 4.67 1.62
C ASN B 34 10.67 6.16 1.54
N ARG B 35 10.05 6.83 0.56
CA ARG B 35 10.20 8.27 0.37
C ARG B 35 9.52 9.01 1.52
N LEU B 36 8.48 8.41 2.05
CA LEU B 36 7.71 8.98 3.14
C LEU B 36 8.40 8.75 4.46
N PRO B 37 8.24 9.67 5.40
CA PRO B 37 8.73 9.48 6.75
C PRO B 37 7.76 8.56 7.54
N GLY B 38 8.30 7.81 8.48
CA GLY B 38 7.53 6.84 9.26
C GLY B 38 6.37 7.43 10.04
N GLU B 39 6.44 8.74 10.29
CA GLU B 39 5.39 9.46 11.00
C GLU B 39 4.02 9.27 10.34
N LYS B 40 3.99 9.29 9.00
CA LYS B 40 2.72 9.23 8.30
C LYS B 40 2.42 7.88 7.72
N LEU B 41 3.24 6.91 8.05
CA LEU B 41 2.96 5.54 7.67
C LEU B 41 1.76 5.01 8.43
N GLY B 42 1.47 5.66 9.56
CA GLY B 42 0.36 5.30 10.44
C GLY B 42 -0.97 5.14 9.73
N ARG B 43 -1.22 5.95 8.71
CA ARG B 43 -2.47 5.86 8.01
C ARG B 43 -2.48 4.66 7.06
N VAL B 44 -1.33 4.35 6.47
CA VAL B 44 -1.23 3.23 5.54
C VAL B 44 -1.49 1.93 6.29
N VAL B 45 -1.06 1.91 7.56
CA VAL B 45 -1.28 0.78 8.46
C VAL B 45 -2.77 0.48 8.53
N HIS B 46 -3.55 1.52 8.78
CA HIS B 46 -4.99 1.45 8.91
C HIS B 46 -5.62 0.99 7.59
N ILE B 47 -5.05 1.48 6.50
CA ILE B 47 -5.50 1.15 5.16
C ILE B 47 -5.44 -0.38 4.94
N ILE B 48 -4.35 -0.98 5.37
CA ILE B 48 -4.18 -2.41 5.26
C ILE B 48 -5.13 -3.16 6.18
N GLN B 49 -5.30 -2.65 7.42
CA GLN B 49 -6.17 -3.28 8.43
C GLN B 49 -7.59 -3.47 7.96
N SER B 50 -8.00 -2.61 7.06
CA SER B 50 -9.32 -2.64 6.50
C SER B 50 -9.57 -3.92 5.65
N ARG B 51 -8.54 -4.33 4.93
CA ARG B 51 -8.64 -5.51 4.07
C ARG B 51 -8.10 -6.67 4.88
N GLU B 52 -6.93 -6.46 5.41
CA GLU B 52 -6.17 -7.48 6.04
C GLU B 52 -6.42 -7.54 7.51
N PRO B 53 -7.08 -8.56 7.95
CA PRO B 53 -7.38 -8.75 9.33
C PRO B 53 -6.17 -9.37 10.02
N SER B 54 -5.23 -9.85 9.20
CA SER B 54 -4.02 -10.47 9.66
C SER B 54 -3.09 -9.39 10.21
N LEU B 55 -3.33 -8.15 9.79
CA LEU B 55 -2.58 -7.03 10.26
C LEU B 55 -3.09 -6.68 11.65
N ARG B 56 -4.40 -6.50 11.76
CA ARG B 56 -5.07 -6.25 13.04
C ARG B 56 -4.82 -7.38 14.03
N ASP B 57 -4.70 -8.56 13.50
CA ASP B 57 -4.42 -9.77 14.29
C ASP B 57 -3.02 -9.73 14.90
N SER B 58 -2.14 -8.99 14.24
CA SER B 58 -0.77 -8.81 14.68
C SER B 58 -0.71 -7.52 15.54
N ASN B 59 0.48 -7.08 15.86
CA ASN B 59 0.68 -5.88 16.66
C ASN B 59 0.65 -4.67 15.74
N PRO B 60 0.05 -3.55 16.18
CA PRO B 60 -0.02 -2.32 15.37
C PRO B 60 1.33 -1.60 15.37
N ASP B 61 2.21 -2.09 16.22
CA ASP B 61 3.56 -1.59 16.36
C ASP B 61 4.31 -1.83 15.08
N GLU B 62 4.13 -3.01 14.55
CA GLU B 62 4.80 -3.38 13.36
C GLU B 62 3.80 -3.60 12.25
N ILE B 63 3.85 -2.76 11.28
CA ILE B 63 3.06 -2.92 10.10
C ILE B 63 3.91 -3.62 9.09
N GLU B 64 3.34 -4.59 8.49
CA GLU B 64 3.98 -5.29 7.46
C GLU B 64 3.18 -5.11 6.22
N ILE B 65 3.77 -4.51 5.25
CA ILE B 65 3.12 -4.34 3.99
C ILE B 65 3.61 -5.42 3.09
N ASP B 66 2.80 -6.41 2.88
CA ASP B 66 3.15 -7.52 2.06
C ASP B 66 2.55 -7.31 0.70
N PHE B 67 3.37 -7.00 -0.24
CA PHE B 67 2.93 -6.62 -1.56
C PHE B 67 2.43 -7.82 -2.37
N GLU B 68 2.67 -9.02 -1.89
CA GLU B 68 2.28 -10.22 -2.63
C GLU B 68 0.88 -10.63 -2.30
N THR B 69 0.58 -10.64 -1.05
CA THR B 69 -0.65 -11.14 -0.59
C THR B 69 -1.75 -10.06 -0.62
N LEU B 70 -1.35 -8.81 -0.57
CA LEU B 70 -2.29 -7.70 -0.67
C LEU B 70 -2.94 -7.66 -2.04
N LYS B 71 -4.21 -7.33 -2.04
CA LYS B 71 -4.96 -7.22 -3.26
C LYS B 71 -4.70 -5.84 -3.91
N PRO B 72 -4.93 -5.72 -5.25
CA PRO B 72 -4.78 -4.44 -5.99
C PRO B 72 -5.54 -3.29 -5.35
N THR B 73 -6.60 -3.61 -4.65
CA THR B 73 -7.42 -2.64 -3.98
C THR B 73 -6.64 -1.92 -2.91
N THR B 74 -6.12 -2.67 -1.99
CA THR B 74 -5.38 -2.16 -0.91
C THR B 74 -4.08 -1.56 -1.40
N LEU B 75 -3.38 -2.28 -2.28
CA LEU B 75 -2.14 -1.81 -2.86
C LEU B 75 -2.30 -0.42 -3.49
N ARG B 76 -3.34 -0.26 -4.28
CA ARG B 76 -3.63 1.01 -4.92
C ARG B 76 -3.96 2.07 -3.90
N GLU B 77 -4.67 1.71 -2.84
CA GLU B 77 -5.03 2.59 -1.80
C GLU B 77 -3.80 3.13 -1.06
N LEU B 78 -2.88 2.22 -0.71
CA LEU B 78 -1.59 2.59 -0.08
C LEU B 78 -0.87 3.58 -1.01
N GLU B 79 -0.78 3.17 -2.28
CA GLU B 79 -0.10 3.92 -3.33
C GLU B 79 -0.76 5.31 -3.54
N ARG B 80 -2.07 5.34 -3.47
CA ARG B 80 -2.90 6.51 -3.67
C ARG B 80 -2.63 7.52 -2.55
N TYR B 81 -2.37 7.00 -1.39
CA TYR B 81 -2.08 7.81 -0.24
C TYR B 81 -0.64 8.28 -0.23
N VAL B 82 0.27 7.37 -0.52
CA VAL B 82 1.68 7.71 -0.56
C VAL B 82 1.94 8.75 -1.62
N LYS B 83 1.26 8.64 -2.76
CA LYS B 83 1.45 9.58 -3.85
C LYS B 83 0.94 10.97 -3.46
N SER B 84 -0.18 11.02 -2.74
CA SER B 84 -0.72 12.28 -2.32
C SER B 84 0.16 12.98 -1.27
N CYS B 85 0.73 12.17 -0.37
CA CYS B 85 1.54 12.68 0.72
C CYS B 85 2.97 12.94 0.25
N LEU B 86 3.35 12.28 -0.84
CA LEU B 86 4.63 12.40 -1.47
C LEU B 86 4.80 13.82 -1.96
N GLN B 87 3.80 14.27 -2.68
CA GLN B 87 3.79 15.59 -3.25
C GLN B 87 3.48 16.62 -2.18
N LYS B 88 2.35 16.49 -1.56
CA LYS B 88 1.97 17.37 -0.50
C LYS B 88 2.14 16.66 0.81
N LYS B 89 3.17 17.07 1.55
CA LYS B 89 3.49 16.52 2.86
C LYS B 89 2.25 16.54 3.74
N GLN B 90 1.58 17.66 3.76
CA GLN B 90 0.36 17.77 4.51
C GLN B 90 -0.84 17.46 3.60
N ARG B 91 -1.32 16.23 3.65
CA ARG B 91 -2.52 15.85 2.92
C ARG B 91 -3.74 16.35 3.68
N LYS B 92 -3.62 16.36 4.98
CA LYS B 92 -4.70 16.76 5.83
C LYS B 92 -4.13 17.48 7.04
N PRO B 93 -4.92 18.34 7.68
CA PRO B 93 -4.55 18.92 8.95
C PRO B 93 -4.74 17.86 10.04
N LYS A 1 3.28 -15.12 2.73
CA LYS A 1 3.95 -13.86 3.00
C LYS A 1 4.94 -13.55 1.91
N VAL A 2 5.44 -12.35 1.91
CA VAL A 2 6.36 -11.89 0.90
C VAL A 2 7.75 -12.49 1.04
N ALA A 3 8.35 -12.76 -0.09
CA ALA A 3 9.74 -13.15 -0.15
C ALA A 3 10.58 -11.91 -0.55
N PRO A 4 10.21 -11.17 -1.67
CA PRO A 4 10.84 -9.91 -1.97
C PRO A 4 10.07 -8.82 -1.24
N LEU A 5 10.60 -7.60 -1.24
CA LEU A 5 9.97 -6.45 -0.56
C LEU A 5 9.81 -6.78 0.92
N LYS A 6 10.94 -6.88 1.57
CA LYS A 6 11.07 -7.35 2.94
C LYS A 6 10.81 -6.19 3.92
N ILE A 7 9.81 -5.40 3.64
CA ILE A 7 9.52 -4.25 4.43
C ILE A 7 8.70 -4.59 5.68
N LYS A 8 9.40 -4.80 6.77
CA LYS A 8 8.78 -5.00 8.04
C LYS A 8 9.05 -3.72 8.81
N LEU A 9 8.15 -2.80 8.66
CA LEU A 9 8.27 -1.47 9.21
C LEU A 9 7.98 -1.53 10.69
N GLY A 10 9.00 -1.34 11.48
CA GLY A 10 8.84 -1.35 12.91
C GLY A 10 10.12 -0.92 13.56
N GLY A 11 10.64 0.20 13.12
CA GLY A 11 11.88 0.69 13.65
C GLY A 11 11.89 2.19 13.68
N PHE A 12 12.97 2.77 14.20
CA PHE A 12 13.08 4.23 14.37
C PHE A 12 12.02 4.75 15.33
N ALA B 6 -30.88 9.46 -10.72
CA ALA B 6 -30.20 8.26 -11.18
C ALA B 6 -29.66 7.51 -9.97
N SER B 7 -29.04 6.39 -10.21
CA SER B 7 -28.46 5.62 -9.16
C SER B 7 -27.17 6.29 -8.70
N ALA B 8 -27.15 6.76 -7.47
CA ALA B 8 -25.98 7.39 -6.94
C ALA B 8 -24.98 6.34 -6.52
N SER B 9 -24.26 5.85 -7.49
CA SER B 9 -23.28 4.84 -7.27
C SER B 9 -22.02 5.46 -6.68
N TYR B 10 -21.79 5.22 -5.41
CA TYR B 10 -20.61 5.75 -4.75
C TYR B 10 -19.46 4.77 -4.92
N ASP B 11 -19.82 3.56 -5.21
CA ASP B 11 -18.87 2.51 -5.48
C ASP B 11 -19.00 2.10 -6.91
N SER B 12 -17.90 1.98 -7.59
CA SER B 12 -17.88 1.63 -8.97
C SER B 12 -16.68 0.76 -9.23
N GLU B 13 -16.69 0.11 -10.34
CA GLU B 13 -15.66 -0.81 -10.69
C GLU B 13 -14.77 -0.22 -11.77
N GLU B 14 -13.74 -0.99 -12.16
CA GLU B 14 -12.73 -0.59 -13.16
C GLU B 14 -11.82 0.48 -12.53
N GLU B 15 -11.77 0.46 -11.22
CA GLU B 15 -10.93 1.33 -10.48
C GLU B 15 -9.51 0.84 -10.54
N GLU B 16 -8.58 1.66 -10.12
CA GLU B 16 -7.19 1.25 -10.03
C GLU B 16 -7.05 0.17 -8.95
N GLU B 17 -8.08 0.10 -8.10
CA GLU B 17 -8.21 -0.88 -7.04
C GLU B 17 -8.61 -2.26 -7.59
N GLY B 18 -8.54 -2.41 -8.86
CA GLY B 18 -8.85 -3.66 -9.50
C GLY B 18 -7.79 -4.01 -10.51
N LEU B 19 -6.70 -3.28 -10.47
CA LEU B 19 -5.63 -3.49 -11.40
C LEU B 19 -4.51 -4.26 -10.74
N PRO B 20 -4.07 -5.36 -11.36
CA PRO B 20 -2.96 -6.13 -10.83
C PRO B 20 -1.67 -5.34 -10.89
N MET B 21 -1.06 -5.21 -9.76
CA MET B 21 0.15 -4.45 -9.59
C MET B 21 1.32 -5.29 -10.01
N SER B 22 2.20 -4.74 -10.78
CA SER B 22 3.34 -5.49 -11.24
C SER B 22 4.44 -5.42 -10.20
N TYR B 23 5.44 -6.28 -10.31
CA TYR B 23 6.51 -6.32 -9.33
C TYR B 23 7.27 -5.01 -9.31
N ASP B 24 7.32 -4.37 -10.46
CA ASP B 24 7.94 -3.05 -10.60
C ASP B 24 7.22 -2.05 -9.72
N GLU B 25 5.90 -2.04 -9.88
CA GLU B 25 5.04 -1.17 -9.14
C GLU B 25 5.13 -1.43 -7.66
N LYS B 26 5.09 -2.70 -7.28
CA LYS B 26 5.20 -3.09 -5.88
C LYS B 26 6.54 -2.61 -5.30
N ARG B 27 7.61 -2.82 -6.05
CA ARG B 27 8.93 -2.37 -5.68
C ARG B 27 8.97 -0.85 -5.48
N GLN B 28 8.43 -0.13 -6.43
CA GLN B 28 8.44 1.33 -6.39
C GLN B 28 7.50 1.80 -5.26
N LEU B 29 6.43 1.09 -5.07
CA LEU B 29 5.46 1.38 -4.02
C LEU B 29 6.15 1.32 -2.65
N SER B 30 7.02 0.32 -2.50
CA SER B 30 7.76 0.12 -1.26
C SER B 30 8.64 1.34 -0.96
N LEU B 31 9.16 1.91 -2.04
CA LEU B 31 10.03 3.06 -1.97
C LEU B 31 9.27 4.27 -1.45
N ASP B 32 8.19 4.63 -2.13
CA ASP B 32 7.42 5.83 -1.76
C ASP B 32 6.77 5.74 -0.39
N ILE B 33 6.47 4.55 0.08
CA ILE B 33 5.97 4.39 1.44
C ILE B 33 7.08 4.66 2.44
N ASN B 34 8.26 4.11 2.16
CA ASN B 34 9.41 4.23 3.04
C ASN B 34 9.97 5.66 3.00
N ARG B 35 9.63 6.37 1.91
CA ARG B 35 9.98 7.77 1.74
C ARG B 35 9.10 8.68 2.59
N LEU B 36 8.03 8.13 3.09
CA LEU B 36 7.17 8.87 3.98
C LEU B 36 7.63 8.65 5.41
N PRO B 37 7.50 9.64 6.26
CA PRO B 37 7.80 9.49 7.66
C PRO B 37 6.63 8.79 8.38
N GLY B 38 6.91 8.26 9.56
CA GLY B 38 5.98 7.44 10.32
C GLY B 38 4.61 8.05 10.57
N GLU B 39 4.51 9.36 10.65
CA GLU B 39 3.23 10.01 10.84
C GLU B 39 2.30 9.71 9.66
N LYS B 40 2.84 9.78 8.47
CA LYS B 40 2.04 9.55 7.29
C LYS B 40 1.95 8.06 7.03
N LEU B 41 3.01 7.36 7.41
CA LEU B 41 3.12 5.92 7.30
C LEU B 41 1.99 5.26 8.08
N GLY B 42 1.66 5.83 9.24
CA GLY B 42 0.60 5.33 10.11
C GLY B 42 -0.72 5.15 9.38
N ARG B 43 -1.00 6.02 8.43
CA ARG B 43 -2.22 5.91 7.67
C ARG B 43 -2.13 4.73 6.73
N VAL B 44 -0.97 4.55 6.11
CA VAL B 44 -0.78 3.44 5.17
C VAL B 44 -0.94 2.12 5.91
N VAL B 45 -0.48 2.11 7.16
CA VAL B 45 -0.62 0.94 8.01
C VAL B 45 -2.09 0.59 8.19
N HIS B 46 -2.92 1.61 8.45
CA HIS B 46 -4.36 1.40 8.60
C HIS B 46 -4.99 0.99 7.28
N ILE B 47 -4.38 1.42 6.18
CA ILE B 47 -4.81 1.05 4.85
C ILE B 47 -4.74 -0.47 4.65
N ILE B 48 -3.62 -1.10 5.08
CA ILE B 48 -3.53 -2.58 5.01
C ILE B 48 -4.64 -3.17 5.88
N GLN B 49 -4.76 -2.62 7.08
CA GLN B 49 -5.71 -3.04 8.08
C GLN B 49 -7.15 -2.99 7.62
N SER B 50 -7.41 -2.12 6.67
CA SER B 50 -8.73 -1.97 6.11
C SER B 50 -9.20 -3.27 5.44
N ARG B 51 -8.30 -3.91 4.73
CA ARG B 51 -8.67 -5.12 4.02
C ARG B 51 -8.17 -6.33 4.77
N GLU B 52 -6.99 -6.20 5.34
CA GLU B 52 -6.32 -7.26 6.02
C GLU B 52 -6.48 -7.16 7.49
N PRO B 53 -7.31 -8.02 8.04
CA PRO B 53 -7.52 -8.05 9.45
C PRO B 53 -6.46 -8.94 10.11
N SER B 54 -5.67 -9.57 9.24
CA SER B 54 -4.57 -10.42 9.61
C SER B 54 -3.50 -9.56 10.25
N LEU B 55 -3.44 -8.31 9.82
CA LEU B 55 -2.49 -7.35 10.30
C LEU B 55 -2.98 -6.82 11.65
N ARG B 56 -4.25 -6.43 11.70
CA ARG B 56 -4.92 -5.96 12.94
C ARG B 56 -4.81 -6.97 14.07
N ASP B 57 -4.77 -8.24 13.70
CA ASP B 57 -4.57 -9.34 14.63
C ASP B 57 -3.27 -9.17 15.40
N SER B 58 -2.28 -8.70 14.70
CA SER B 58 -0.99 -8.51 15.26
C SER B 58 -0.77 -7.02 15.63
N ASN B 59 0.37 -6.70 16.21
CA ASN B 59 0.67 -5.32 16.60
C ASN B 59 0.97 -4.46 15.40
N PRO B 60 0.43 -3.21 15.39
CA PRO B 60 0.68 -2.21 14.32
C PRO B 60 2.10 -1.65 14.42
N ASP B 61 2.78 -2.06 15.48
CA ASP B 61 4.16 -1.66 15.76
C ASP B 61 5.05 -2.09 14.61
N GLU B 62 4.82 -3.29 14.12
CA GLU B 62 5.47 -3.77 12.94
C GLU B 62 4.43 -4.04 11.87
N ILE B 63 4.48 -3.30 10.82
CA ILE B 63 3.61 -3.53 9.70
C ILE B 63 4.36 -4.30 8.65
N GLU B 64 3.77 -5.34 8.20
CA GLU B 64 4.28 -6.07 7.11
C GLU B 64 3.40 -5.77 5.92
N ILE B 65 3.95 -5.17 4.93
CA ILE B 65 3.17 -4.85 3.77
C ILE B 65 3.31 -6.00 2.81
N ASP B 66 2.34 -6.86 2.82
CA ASP B 66 2.40 -8.04 2.00
C ASP B 66 1.93 -7.72 0.59
N PHE B 67 2.84 -7.23 -0.22
CA PHE B 67 2.52 -6.78 -1.58
C PHE B 67 2.04 -7.91 -2.49
N GLU B 68 2.19 -9.13 -2.08
CA GLU B 68 1.82 -10.28 -2.89
C GLU B 68 0.39 -10.67 -2.64
N THR B 69 0.09 -10.93 -1.40
CA THR B 69 -1.16 -11.47 -1.04
C THR B 69 -2.22 -10.38 -0.85
N LEU B 70 -1.78 -9.12 -0.75
CA LEU B 70 -2.69 -7.98 -0.71
C LEU B 70 -3.44 -7.88 -2.02
N LYS B 71 -4.63 -7.38 -1.93
CA LYS B 71 -5.48 -7.21 -3.07
C LYS B 71 -5.27 -5.82 -3.65
N PRO B 72 -5.51 -5.65 -4.99
CA PRO B 72 -5.36 -4.37 -5.71
C PRO B 72 -5.98 -3.17 -5.00
N THR B 73 -7.04 -3.40 -4.26
CA THR B 73 -7.74 -2.37 -3.52
C THR B 73 -6.80 -1.69 -2.55
N THR B 74 -6.21 -2.48 -1.72
CA THR B 74 -5.33 -2.02 -0.73
C THR B 74 -4.00 -1.60 -1.32
N LEU B 75 -3.46 -2.45 -2.19
CA LEU B 75 -2.17 -2.17 -2.85
C LEU B 75 -2.16 -0.81 -3.49
N ARG B 76 -3.20 -0.55 -4.25
CA ARG B 76 -3.30 0.67 -4.96
C ARG B 76 -3.54 1.83 -4.02
N GLU B 77 -4.26 1.58 -2.94
CA GLU B 77 -4.59 2.61 -1.96
C GLU B 77 -3.30 3.09 -1.28
N LEU B 78 -2.38 2.16 -1.02
CA LEU B 78 -1.07 2.49 -0.41
C LEU B 78 -0.39 3.48 -1.36
N GLU B 79 -0.35 3.11 -2.65
CA GLU B 79 0.27 3.90 -3.70
C GLU B 79 -0.46 5.25 -3.86
N ARG B 80 -1.78 5.20 -3.84
CA ARG B 80 -2.62 6.35 -4.01
C ARG B 80 -2.44 7.35 -2.88
N TYR B 81 -2.15 6.86 -1.72
CA TYR B 81 -1.95 7.70 -0.59
C TYR B 81 -0.57 8.31 -0.64
N VAL B 82 0.44 7.46 -0.84
CA VAL B 82 1.81 7.93 -0.92
C VAL B 82 1.97 8.96 -2.03
N LYS B 83 1.33 8.71 -3.17
CA LYS B 83 1.41 9.61 -4.29
C LYS B 83 0.70 10.92 -3.96
N SER B 84 -0.40 10.86 -3.21
CA SER B 84 -1.08 12.07 -2.77
C SER B 84 -0.24 12.84 -1.74
N CYS B 85 0.42 12.12 -0.86
CA CYS B 85 1.20 12.72 0.21
C CYS B 85 2.45 13.36 -0.36
N LEU B 86 3.04 12.69 -1.31
CA LEU B 86 4.21 13.18 -1.98
C LEU B 86 3.84 14.19 -3.05
N GLN B 87 2.66 14.00 -3.64
CA GLN B 87 2.20 14.73 -4.82
C GLN B 87 3.18 14.51 -5.96
N LYS B 88 3.67 13.29 -5.98
CA LYS B 88 4.65 12.79 -6.91
C LYS B 88 4.23 11.39 -7.29
N LYS B 89 4.72 10.87 -8.42
CA LYS B 89 4.44 9.48 -8.88
C LYS B 89 2.96 9.23 -9.21
N GLN B 90 2.20 10.30 -9.38
CA GLN B 90 0.79 10.19 -9.64
C GLN B 90 0.53 10.20 -11.13
N ARG B 91 1.47 10.78 -11.86
CA ARG B 91 1.39 11.03 -13.30
C ARG B 91 0.48 12.22 -13.56
N LYS B 92 1.07 13.37 -13.52
CA LYS B 92 0.41 14.61 -13.82
C LYS B 92 0.65 14.91 -15.29
N PRO B 93 -0.41 14.87 -16.11
CA PRO B 93 -0.33 15.11 -17.57
C PRO B 93 0.43 16.39 -17.92
N LYS A 1 17.40 -15.60 0.40
CA LYS A 1 16.46 -14.53 0.11
C LYS A 1 15.09 -15.13 -0.07
N VAL A 2 14.34 -15.23 1.01
CA VAL A 2 13.04 -15.86 1.01
C VAL A 2 11.98 -14.98 0.33
N ALA A 3 12.06 -13.70 0.54
CA ALA A 3 11.12 -12.79 -0.03
C ALA A 3 11.85 -11.79 -0.90
N PRO A 4 11.45 -11.63 -2.19
CA PRO A 4 12.10 -10.66 -3.09
C PRO A 4 11.74 -9.24 -2.68
N LEU A 5 10.57 -9.10 -2.10
CA LEU A 5 10.08 -7.83 -1.67
C LEU A 5 9.28 -8.01 -0.39
N LYS A 6 9.79 -7.46 0.68
CA LYS A 6 9.12 -7.49 1.96
C LYS A 6 9.48 -6.20 2.66
N ILE A 7 8.50 -5.60 3.26
CA ILE A 7 8.67 -4.34 3.92
C ILE A 7 8.09 -4.41 5.33
N LYS A 8 8.93 -4.14 6.29
CA LYS A 8 8.55 -4.10 7.67
C LYS A 8 8.97 -2.74 8.16
N LEU A 9 8.21 -2.14 9.03
CA LEU A 9 8.55 -0.80 9.49
C LEU A 9 9.72 -0.87 10.46
N GLY A 10 10.71 -0.07 10.19
CA GLY A 10 11.88 -0.01 11.01
C GLY A 10 13.08 -0.58 10.30
N GLY A 11 13.04 -1.86 10.05
CA GLY A 11 14.15 -2.52 9.42
C GLY A 11 14.05 -2.56 7.91
N PHE A 12 14.28 -1.43 7.27
CA PHE A 12 14.31 -1.34 5.82
C PHE A 12 14.94 -0.01 5.42
N ALA B 6 -31.18 -11.55 -0.23
CA ALA B 6 -30.47 -11.30 -1.48
C ALA B 6 -29.40 -10.25 -1.25
N SER B 7 -29.63 -9.41 -0.26
CA SER B 7 -28.67 -8.39 0.10
C SER B 7 -27.41 -9.03 0.65
N ALA B 8 -26.28 -8.57 0.15
CA ALA B 8 -24.93 -9.03 0.54
C ALA B 8 -24.71 -10.44 0.08
N SER B 9 -25.41 -10.74 -0.94
CA SER B 9 -25.36 -12.03 -1.59
C SER B 9 -25.17 -11.80 -3.09
N TYR B 10 -25.93 -10.85 -3.62
CA TYR B 10 -25.80 -10.41 -5.00
C TYR B 10 -24.96 -9.15 -5.04
N ASP B 11 -24.76 -8.61 -3.86
CA ASP B 11 -23.98 -7.42 -3.64
C ASP B 11 -22.60 -7.88 -3.30
N SER B 12 -21.69 -7.71 -4.19
CA SER B 12 -20.33 -8.11 -3.95
C SER B 12 -19.36 -7.27 -4.74
N GLU B 13 -18.55 -6.57 -4.03
CA GLU B 13 -17.51 -5.82 -4.64
C GLU B 13 -16.27 -6.64 -4.59
N GLU B 14 -15.63 -6.66 -5.67
CA GLU B 14 -14.45 -7.43 -5.86
C GLU B 14 -13.37 -6.53 -6.35
N GLU B 15 -13.37 -6.28 -7.62
CA GLU B 15 -12.34 -5.54 -8.23
C GLU B 15 -12.77 -4.09 -8.31
N GLU B 16 -12.65 -3.40 -7.19
CA GLU B 16 -13.01 -2.00 -7.10
C GLU B 16 -12.03 -1.17 -7.92
N GLU B 17 -10.78 -1.50 -7.79
CA GLU B 17 -9.74 -0.95 -8.67
C GLU B 17 -9.44 -1.97 -9.72
N GLY B 18 -9.05 -3.09 -9.23
CA GLY B 18 -8.81 -4.29 -10.03
C GLY B 18 -7.62 -4.13 -10.90
N LEU B 19 -6.75 -3.31 -10.44
CA LEU B 19 -5.57 -2.94 -11.13
C LEU B 19 -4.43 -3.79 -10.65
N PRO B 20 -3.92 -4.68 -11.52
CA PRO B 20 -2.78 -5.51 -11.17
C PRO B 20 -1.55 -4.66 -10.93
N MET B 21 -0.93 -4.88 -9.83
CA MET B 21 0.26 -4.14 -9.48
C MET B 21 1.45 -4.90 -9.98
N SER B 22 2.23 -4.27 -10.81
CA SER B 22 3.37 -4.93 -11.39
C SER B 22 4.49 -4.98 -10.35
N TYR B 23 5.44 -5.89 -10.51
CA TYR B 23 6.55 -5.98 -9.58
C TYR B 23 7.34 -4.71 -9.47
N ASP B 24 7.38 -3.95 -10.56
CA ASP B 24 8.05 -2.66 -10.57
C ASP B 24 7.27 -1.68 -9.70
N GLU B 25 5.94 -1.64 -9.90
CA GLU B 25 5.02 -0.80 -9.14
C GLU B 25 5.14 -1.09 -7.65
N LYS B 26 5.09 -2.37 -7.32
CA LYS B 26 5.24 -2.87 -5.95
C LYS B 26 6.56 -2.43 -5.33
N ARG B 27 7.63 -2.59 -6.10
CA ARG B 27 8.98 -2.23 -5.65
C ARG B 27 9.04 -0.77 -5.27
N GLN B 28 8.58 0.07 -6.16
CA GLN B 28 8.63 1.48 -6.00
C GLN B 28 7.68 1.90 -4.86
N LEU B 29 6.56 1.19 -4.73
CA LEU B 29 5.57 1.46 -3.70
C LEU B 29 6.19 1.22 -2.31
N SER B 30 7.00 0.18 -2.22
CA SER B 30 7.66 -0.16 -0.97
C SER B 30 8.69 0.90 -0.61
N LEU B 31 9.28 1.50 -1.62
CA LEU B 31 10.26 2.55 -1.41
C LEU B 31 9.55 3.80 -0.96
N ASP B 32 8.42 4.07 -1.56
CA ASP B 32 7.60 5.22 -1.24
C ASP B 32 7.07 5.16 0.17
N ILE B 33 6.71 3.98 0.63
CA ILE B 33 6.29 3.79 2.01
C ILE B 33 7.45 4.09 2.97
N ASN B 34 8.65 3.67 2.59
CA ASN B 34 9.81 3.87 3.43
C ASN B 34 10.30 5.32 3.35
N ARG B 35 9.80 6.03 2.35
CA ARG B 35 10.01 7.47 2.20
C ARG B 35 9.12 8.25 3.18
N LEU B 36 7.96 7.69 3.48
CA LEU B 36 7.02 8.35 4.35
C LEU B 36 7.49 8.36 5.80
N PRO B 37 7.22 9.45 6.51
CA PRO B 37 7.49 9.54 7.92
C PRO B 37 6.36 8.85 8.72
N GLY B 38 6.66 8.47 9.94
CA GLY B 38 5.74 7.71 10.79
C GLY B 38 4.36 8.33 10.95
N GLU B 39 4.29 9.65 10.95
CA GLU B 39 3.03 10.36 11.08
C GLU B 39 2.09 10.06 9.91
N LYS B 40 2.66 9.84 8.75
CA LYS B 40 1.90 9.57 7.53
C LYS B 40 1.66 8.08 7.40
N LEU B 41 2.63 7.33 7.91
CA LEU B 41 2.58 5.89 7.90
C LEU B 41 1.37 5.33 8.60
N GLY B 42 0.86 6.07 9.58
CA GLY B 42 -0.29 5.62 10.34
C GLY B 42 -1.46 5.27 9.45
N ARG B 43 -1.73 6.11 8.46
CA ARG B 43 -2.81 5.87 7.54
C ARG B 43 -2.54 4.68 6.67
N VAL B 44 -1.34 4.59 6.10
CA VAL B 44 -1.05 3.49 5.21
C VAL B 44 -1.11 2.14 5.95
N VAL B 45 -0.71 2.15 7.23
CA VAL B 45 -0.82 0.94 8.06
C VAL B 45 -2.31 0.54 8.17
N HIS B 46 -3.18 1.54 8.34
CA HIS B 46 -4.62 1.29 8.50
C HIS B 46 -5.21 0.78 7.18
N ILE B 47 -4.61 1.21 6.07
CA ILE B 47 -5.05 0.80 4.76
C ILE B 47 -4.90 -0.71 4.62
N ILE B 48 -3.75 -1.25 5.07
CA ILE B 48 -3.57 -2.69 5.06
C ILE B 48 -4.60 -3.33 6.00
N GLN B 49 -4.73 -2.76 7.21
CA GLN B 49 -5.63 -3.29 8.24
C GLN B 49 -7.07 -3.40 7.75
N SER B 50 -7.43 -2.53 6.83
CA SER B 50 -8.77 -2.51 6.28
C SER B 50 -9.14 -3.87 5.67
N ARG B 51 -8.21 -4.46 4.93
CA ARG B 51 -8.46 -5.72 4.26
C ARG B 51 -7.80 -6.88 5.02
N GLU B 52 -6.82 -6.55 5.82
CA GLU B 52 -6.03 -7.53 6.53
C GLU B 52 -6.27 -7.44 8.02
N PRO B 53 -7.08 -8.32 8.58
CA PRO B 53 -7.29 -8.37 10.00
C PRO B 53 -6.12 -9.08 10.69
N SER B 54 -5.27 -9.69 9.88
CA SER B 54 -4.09 -10.36 10.31
C SER B 54 -3.04 -9.34 10.74
N LEU B 55 -3.11 -8.17 10.13
CA LEU B 55 -2.24 -7.07 10.48
C LEU B 55 -2.65 -6.58 11.88
N ARG B 56 -3.95 -6.45 12.06
CA ARG B 56 -4.55 -6.04 13.35
C ARG B 56 -4.17 -7.01 14.48
N ASP B 57 -3.90 -8.26 14.13
CA ASP B 57 -3.45 -9.29 15.08
C ASP B 57 -2.05 -8.96 15.60
N SER B 58 -1.24 -8.41 14.72
CA SER B 58 0.11 -8.01 15.04
C SER B 58 0.09 -6.57 15.61
N ASN B 59 1.23 -5.94 15.70
CA ASN B 59 1.30 -4.57 16.19
C ASN B 59 1.37 -3.64 14.99
N PRO B 60 0.69 -2.47 15.05
CA PRO B 60 0.67 -1.50 13.94
C PRO B 60 2.01 -0.77 13.80
N ASP B 61 2.88 -1.03 14.77
CA ASP B 61 4.23 -0.47 14.83
C ASP B 61 5.02 -0.88 13.61
N GLU B 62 4.90 -2.14 13.28
CA GLU B 62 5.51 -2.66 12.10
C GLU B 62 4.47 -2.88 11.06
N ILE B 63 4.57 -2.15 10.00
CA ILE B 63 3.68 -2.32 8.90
C ILE B 63 4.16 -3.55 8.11
N GLU B 64 3.24 -4.33 7.66
CA GLU B 64 3.52 -5.51 6.90
C GLU B 64 2.69 -5.46 5.64
N ILE B 65 3.34 -5.27 4.53
CA ILE B 65 2.65 -5.21 3.29
C ILE B 65 3.01 -6.44 2.49
N ASP B 66 2.07 -7.32 2.34
CA ASP B 66 2.29 -8.48 1.53
C ASP B 66 1.84 -8.17 0.12
N PHE B 67 2.79 -7.86 -0.72
CA PHE B 67 2.53 -7.40 -2.07
C PHE B 67 1.96 -8.48 -3.00
N GLU B 68 1.95 -9.70 -2.55
CA GLU B 68 1.50 -10.78 -3.40
C GLU B 68 0.07 -11.13 -3.14
N THR B 69 -0.26 -11.30 -1.91
CA THR B 69 -1.52 -11.82 -1.55
C THR B 69 -2.54 -10.70 -1.22
N LEU B 70 -2.08 -9.45 -1.17
CA LEU B 70 -2.99 -8.33 -0.98
C LEU B 70 -3.87 -8.11 -2.17
N LYS B 71 -5.04 -7.62 -1.88
CA LYS B 71 -6.06 -7.36 -2.84
C LYS B 71 -5.67 -6.09 -3.60
N PRO B 72 -5.74 -6.07 -4.96
CA PRO B 72 -5.39 -4.90 -5.82
C PRO B 72 -5.96 -3.57 -5.31
N THR B 73 -7.12 -3.62 -4.72
CA THR B 73 -7.80 -2.47 -4.19
C THR B 73 -6.99 -1.83 -3.05
N THR B 74 -6.55 -2.66 -2.14
CA THR B 74 -5.78 -2.24 -1.02
C THR B 74 -4.37 -1.84 -1.47
N LEU B 75 -3.74 -2.69 -2.28
CA LEU B 75 -2.40 -2.42 -2.82
C LEU B 75 -2.34 -1.07 -3.52
N ARG B 76 -3.34 -0.82 -4.35
CA ARG B 76 -3.38 0.39 -5.12
C ARG B 76 -3.63 1.58 -4.20
N GLU B 77 -4.43 1.37 -3.16
CA GLU B 77 -4.79 2.43 -2.23
C GLU B 77 -3.53 2.94 -1.52
N LEU B 78 -2.62 2.00 -1.24
CA LEU B 78 -1.34 2.30 -0.62
C LEU B 78 -0.58 3.27 -1.50
N GLU B 79 -0.44 2.89 -2.77
CA GLU B 79 0.29 3.67 -3.75
C GLU B 79 -0.32 5.05 -3.91
N ARG B 80 -1.64 5.10 -3.97
CA ARG B 80 -2.39 6.35 -4.16
C ARG B 80 -2.13 7.30 -3.01
N TYR B 81 -1.90 6.75 -1.85
CA TYR B 81 -1.68 7.56 -0.69
C TYR B 81 -0.23 8.05 -0.65
N VAL B 82 0.70 7.12 -0.77
CA VAL B 82 2.11 7.45 -0.72
C VAL B 82 2.48 8.49 -1.78
N LYS B 83 1.89 8.36 -2.97
CA LYS B 83 2.16 9.27 -4.05
C LYS B 83 1.61 10.66 -3.72
N SER B 84 0.47 10.71 -3.06
CA SER B 84 -0.15 11.97 -2.71
C SER B 84 0.68 12.72 -1.69
N CYS B 85 1.19 11.99 -0.72
CA CYS B 85 1.94 12.57 0.34
C CYS B 85 3.33 12.96 -0.12
N LEU B 86 3.91 12.15 -0.98
CA LEU B 86 5.26 12.39 -1.48
C LEU B 86 5.32 13.52 -2.50
N GLN B 87 4.18 13.94 -2.98
CA GLN B 87 4.12 15.11 -3.84
C GLN B 87 4.08 16.37 -3.00
N LYS B 88 3.85 16.17 -1.69
CA LYS B 88 3.75 17.24 -0.70
C LYS B 88 2.69 18.25 -1.12
N LYS B 89 1.44 17.90 -0.87
CA LYS B 89 0.35 18.75 -1.25
C LYS B 89 -0.46 19.11 -0.04
N GLN B 90 -1.34 20.04 -0.23
CA GLN B 90 -2.20 20.56 0.78
C GLN B 90 -3.25 21.37 0.05
N ARG B 91 -4.18 21.89 0.78
CA ARG B 91 -5.16 22.77 0.23
C ARG B 91 -4.56 24.16 0.10
N LYS B 92 -4.73 24.76 -1.04
CA LYS B 92 -4.24 26.09 -1.30
C LYS B 92 -5.33 27.11 -1.04
N PRO B 93 -4.94 28.38 -0.76
CA PRO B 93 -5.88 29.46 -0.60
C PRO B 93 -6.60 29.76 -1.93
N LYS A 1 12.61 -8.05 -1.00
CA LYS A 1 13.78 -7.45 -1.64
C LYS A 1 13.77 -7.86 -3.11
N VAL A 2 14.32 -6.99 -3.97
CA VAL A 2 14.45 -7.24 -5.43
C VAL A 2 13.09 -7.25 -6.14
N ALA A 3 12.35 -8.32 -6.00
CA ALA A 3 11.05 -8.46 -6.63
C ALA A 3 9.95 -8.85 -5.61
N PRO A 4 10.13 -9.93 -4.77
CA PRO A 4 9.19 -10.22 -3.69
C PRO A 4 9.26 -9.09 -2.68
N LEU A 5 8.16 -8.45 -2.44
CA LEU A 5 8.16 -7.27 -1.63
C LEU A 5 7.41 -7.43 -0.33
N LYS A 6 8.16 -7.27 0.73
CA LYS A 6 7.69 -7.29 2.09
C LYS A 6 8.66 -6.44 2.88
N ILE A 7 8.19 -5.72 3.85
CA ILE A 7 9.11 -4.85 4.60
C ILE A 7 8.90 -4.88 6.12
N LYS A 8 7.62 -4.69 6.56
CA LYS A 8 7.27 -4.57 8.01
C LYS A 8 7.70 -3.21 8.57
N LEU A 9 7.13 -2.81 9.69
CA LEU A 9 7.49 -1.53 10.32
C LEU A 9 8.00 -1.76 11.72
N GLY A 10 8.78 -2.79 11.88
CA GLY A 10 9.37 -3.08 13.17
C GLY A 10 10.58 -2.20 13.40
N GLY A 11 10.33 -0.94 13.66
CA GLY A 11 11.36 0.02 13.85
C GLY A 11 11.40 0.94 12.65
N PHE A 12 12.53 1.60 12.43
CA PHE A 12 12.74 2.49 11.27
C PHE A 12 11.65 3.55 11.15
N ALA B 6 -9.87 -21.33 -20.33
CA ALA B 6 -9.89 -22.01 -19.05
C ALA B 6 -9.95 -20.99 -17.93
N SER B 7 -10.25 -19.79 -18.29
CA SER B 7 -10.37 -18.73 -17.36
C SER B 7 -11.81 -18.66 -16.80
N ALA B 8 -12.03 -19.43 -15.76
CA ALA B 8 -13.32 -19.48 -15.12
C ALA B 8 -13.34 -18.62 -13.88
N SER B 9 -13.75 -17.39 -14.05
CA SER B 9 -13.85 -16.49 -12.94
C SER B 9 -15.20 -16.65 -12.27
N TYR B 10 -15.17 -17.13 -11.05
CA TYR B 10 -16.40 -17.33 -10.26
C TYR B 10 -16.78 -16.02 -9.65
N ASP B 11 -15.84 -15.14 -9.69
CA ASP B 11 -15.96 -13.79 -9.26
C ASP B 11 -15.12 -12.96 -10.19
N SER B 12 -15.59 -11.82 -10.55
CA SER B 12 -14.84 -10.92 -11.36
C SER B 12 -14.92 -9.57 -10.75
N GLU B 13 -13.98 -8.72 -11.04
CA GLU B 13 -13.98 -7.42 -10.47
C GLU B 13 -13.53 -6.42 -11.49
N GLU B 14 -13.88 -5.18 -11.25
CA GLU B 14 -13.51 -4.12 -12.13
C GLU B 14 -12.02 -3.82 -11.99
N GLU B 15 -11.28 -3.89 -13.08
CA GLU B 15 -9.84 -3.67 -13.05
C GLU B 15 -9.45 -2.19 -12.95
N GLU B 16 -9.95 -1.60 -11.90
CA GLU B 16 -9.66 -0.26 -11.49
C GLU B 16 -8.95 -0.40 -10.18
N GLU B 17 -9.66 -1.02 -9.27
CA GLU B 17 -9.11 -1.41 -7.99
C GLU B 17 -8.95 -2.92 -8.02
N GLY B 18 -8.90 -3.45 -9.20
CA GLY B 18 -8.84 -4.87 -9.42
C GLY B 18 -7.91 -5.17 -10.55
N LEU B 19 -6.90 -4.32 -10.68
CA LEU B 19 -5.93 -4.46 -11.72
C LEU B 19 -4.67 -5.13 -11.16
N PRO B 20 -3.98 -5.96 -11.95
CA PRO B 20 -2.77 -6.60 -11.50
C PRO B 20 -1.62 -5.60 -11.37
N MET B 21 -0.98 -5.60 -10.23
CA MET B 21 0.15 -4.73 -9.96
C MET B 21 1.41 -5.47 -10.33
N SER B 22 2.22 -4.87 -11.15
CA SER B 22 3.41 -5.50 -11.64
C SER B 22 4.49 -5.40 -10.58
N TYR B 23 5.54 -6.15 -10.73
CA TYR B 23 6.63 -6.19 -9.76
C TYR B 23 7.25 -4.82 -9.66
N ASP B 24 7.33 -4.14 -10.80
CA ASP B 24 7.93 -2.82 -10.87
C ASP B 24 7.03 -1.78 -10.18
N GLU B 25 5.72 -1.89 -10.41
CA GLU B 25 4.74 -1.00 -9.81
C GLU B 25 4.79 -1.09 -8.29
N LYS B 26 4.77 -2.33 -7.80
CA LYS B 26 4.85 -2.62 -6.39
C LYS B 26 6.20 -2.16 -5.81
N ARG B 27 7.26 -2.38 -6.58
CA ARG B 27 8.63 -2.00 -6.19
C ARG B 27 8.71 -0.50 -5.94
N GLN B 28 8.21 0.26 -6.89
CA GLN B 28 8.21 1.70 -6.84
C GLN B 28 7.33 2.16 -5.66
N LEU B 29 6.22 1.48 -5.47
CA LEU B 29 5.29 1.74 -4.38
C LEU B 29 6.03 1.60 -3.02
N SER B 30 6.88 0.59 -2.91
CA SER B 30 7.64 0.35 -1.71
C SER B 30 8.65 1.48 -1.48
N LEU B 31 9.11 2.09 -2.56
CA LEU B 31 10.09 3.16 -2.51
C LEU B 31 9.48 4.42 -1.95
N ASP B 32 8.28 4.74 -2.40
CA ASP B 32 7.59 5.94 -1.88
C ASP B 32 7.24 5.79 -0.42
N ILE B 33 6.97 4.57 0.04
CA ILE B 33 6.75 4.33 1.46
C ILE B 33 8.04 4.60 2.25
N ASN B 34 9.18 4.29 1.64
CA ASN B 34 10.49 4.52 2.27
C ASN B 34 10.81 6.01 2.27
N ARG B 35 10.17 6.73 1.38
CA ARG B 35 10.27 8.18 1.32
C ARG B 35 9.48 8.84 2.47
N LEU B 36 8.46 8.17 2.94
CA LEU B 36 7.55 8.72 3.94
C LEU B 36 8.09 8.65 5.35
N PRO B 37 7.78 9.67 6.18
CA PRO B 37 8.06 9.64 7.60
C PRO B 37 6.99 8.82 8.34
N GLY B 38 7.27 8.48 9.59
CA GLY B 38 6.38 7.63 10.41
C GLY B 38 4.95 8.12 10.53
N GLU B 39 4.75 9.43 10.57
CA GLU B 39 3.39 10.01 10.68
C GLU B 39 2.50 9.59 9.49
N LYS B 40 3.10 9.48 8.33
CA LYS B 40 2.37 9.13 7.13
C LYS B 40 2.15 7.64 7.09
N LEU B 41 3.06 6.92 7.71
CA LEU B 41 2.98 5.49 7.80
C LEU B 41 1.78 5.05 8.61
N GLY B 42 1.40 5.86 9.58
CA GLY B 42 0.26 5.56 10.44
C GLY B 42 -1.01 5.32 9.65
N ARG B 43 -1.18 6.04 8.55
CA ARG B 43 -2.34 5.89 7.73
C ARG B 43 -2.25 4.65 6.86
N VAL B 44 -1.08 4.40 6.25
CA VAL B 44 -0.93 3.26 5.36
C VAL B 44 -1.16 1.94 6.13
N VAL B 45 -0.77 1.94 7.41
CA VAL B 45 -1.03 0.83 8.31
C VAL B 45 -2.53 0.51 8.33
N HIS B 46 -3.36 1.54 8.52
CA HIS B 46 -4.78 1.39 8.65
C HIS B 46 -5.40 0.96 7.31
N ILE B 47 -4.80 1.41 6.21
CA ILE B 47 -5.25 1.04 4.88
C ILE B 47 -5.17 -0.48 4.72
N ILE B 48 -4.03 -1.03 5.11
CA ILE B 48 -3.82 -2.43 5.04
C ILE B 48 -4.69 -3.18 6.05
N GLN B 49 -4.79 -2.69 7.30
CA GLN B 49 -5.61 -3.32 8.36
C GLN B 49 -7.05 -3.56 7.93
N SER B 50 -7.52 -2.70 7.05
CA SER B 50 -8.86 -2.79 6.54
C SER B 50 -9.09 -4.13 5.80
N ARG B 51 -8.11 -4.56 5.03
CA ARG B 51 -8.23 -5.78 4.26
C ARG B 51 -7.47 -6.91 4.95
N GLU B 52 -6.40 -6.57 5.63
CA GLU B 52 -5.55 -7.52 6.33
C GLU B 52 -5.83 -7.46 7.82
N PRO B 53 -6.65 -8.37 8.31
CA PRO B 53 -7.00 -8.40 9.71
C PRO B 53 -5.91 -9.08 10.54
N SER B 54 -4.94 -9.63 9.84
CA SER B 54 -3.81 -10.29 10.42
C SER B 54 -2.86 -9.24 11.00
N LEU B 55 -2.85 -8.07 10.40
CA LEU B 55 -2.06 -6.96 10.86
C LEU B 55 -2.64 -6.52 12.22
N ARG B 56 -3.96 -6.40 12.26
CA ARG B 56 -4.72 -6.10 13.51
C ARG B 56 -4.48 -7.20 14.56
N ASP B 57 -4.28 -8.42 14.09
CA ASP B 57 -4.02 -9.59 14.94
C ASP B 57 -2.64 -9.48 15.58
N SER B 58 -1.68 -9.05 14.80
CA SER B 58 -0.34 -8.82 15.29
C SER B 58 -0.28 -7.41 15.91
N ASN B 59 0.87 -7.00 16.37
CA ASN B 59 1.00 -5.65 16.91
C ASN B 59 1.01 -4.63 15.79
N PRO B 60 0.08 -3.67 15.83
CA PRO B 60 -0.11 -2.65 14.78
C PRO B 60 1.08 -1.69 14.65
N ASP B 61 2.01 -1.79 15.59
CA ASP B 61 3.23 -1.01 15.58
C ASP B 61 4.09 -1.47 14.42
N GLU B 62 4.00 -2.73 14.15
CA GLU B 62 4.68 -3.34 13.04
C GLU B 62 3.66 -3.60 11.93
N ILE B 63 3.84 -2.91 10.82
CA ILE B 63 2.92 -2.99 9.72
C ILE B 63 3.14 -4.27 8.91
N GLU B 64 2.08 -4.77 8.36
CA GLU B 64 2.15 -5.86 7.45
C GLU B 64 2.08 -5.34 6.05
N ILE B 65 3.21 -5.24 5.43
CA ILE B 65 3.24 -4.90 4.06
C ILE B 65 3.87 -6.03 3.33
N ASP B 66 3.06 -6.82 2.76
CA ASP B 66 3.49 -7.88 1.92
C ASP B 66 2.71 -7.74 0.65
N PHE B 67 3.37 -7.33 -0.38
CA PHE B 67 2.75 -6.99 -1.63
C PHE B 67 2.15 -8.19 -2.35
N GLU B 68 2.54 -9.37 -1.93
CA GLU B 68 2.09 -10.57 -2.59
C GLU B 68 0.76 -11.01 -2.00
N THR B 69 0.56 -10.73 -0.72
CA THR B 69 -0.69 -11.07 -0.04
C THR B 69 -1.79 -10.03 -0.28
N LEU B 70 -1.41 -8.89 -0.76
CA LEU B 70 -2.33 -7.79 -0.92
C LEU B 70 -3.01 -7.78 -2.28
N LYS B 71 -4.27 -7.35 -2.27
CA LYS B 71 -5.02 -7.20 -3.49
C LYS B 71 -4.89 -5.77 -4.01
N PRO B 72 -5.13 -5.56 -5.33
CA PRO B 72 -5.12 -4.24 -6.00
C PRO B 72 -5.84 -3.14 -5.24
N THR B 73 -6.94 -3.49 -4.58
CA THR B 73 -7.76 -2.57 -3.84
C THR B 73 -6.95 -1.86 -2.76
N THR B 74 -6.17 -2.64 -2.07
CA THR B 74 -5.38 -2.15 -1.02
C THR B 74 -4.08 -1.59 -1.58
N LEU B 75 -3.40 -2.37 -2.43
CA LEU B 75 -2.13 -1.97 -3.05
C LEU B 75 -2.21 -0.60 -3.69
N ARG B 76 -3.26 -0.36 -4.44
CA ARG B 76 -3.41 0.88 -5.13
C ARG B 76 -3.66 2.01 -4.17
N GLU B 77 -4.40 1.74 -3.11
CA GLU B 77 -4.73 2.74 -2.12
C GLU B 77 -3.46 3.20 -1.40
N LEU B 78 -2.53 2.24 -1.22
CA LEU B 78 -1.24 2.53 -0.59
C LEU B 78 -0.48 3.52 -1.47
N GLU B 79 -0.34 3.17 -2.75
CA GLU B 79 0.38 4.00 -3.73
C GLU B 79 -0.26 5.37 -3.85
N ARG B 80 -1.57 5.38 -3.94
CA ARG B 80 -2.36 6.56 -4.10
C ARG B 80 -2.23 7.49 -2.89
N TYR B 81 -1.97 6.90 -1.75
CA TYR B 81 -1.77 7.66 -0.56
C TYR B 81 -0.37 8.20 -0.49
N VAL B 82 0.61 7.32 -0.65
CA VAL B 82 2.01 7.71 -0.59
C VAL B 82 2.33 8.82 -1.59
N LYS B 83 1.76 8.72 -2.79
CA LYS B 83 2.00 9.71 -3.81
C LYS B 83 1.40 11.06 -3.42
N SER B 84 0.30 11.02 -2.66
CA SER B 84 -0.36 12.22 -2.21
C SER B 84 0.52 12.92 -1.23
N CYS B 85 1.27 12.15 -0.52
CA CYS B 85 2.14 12.62 0.50
C CYS B 85 3.41 13.23 -0.10
N LEU B 86 3.89 12.65 -1.18
CA LEU B 86 5.04 13.20 -1.87
C LEU B 86 4.68 14.48 -2.64
N GLN B 87 3.53 14.45 -3.30
CA GLN B 87 3.08 15.61 -4.07
C GLN B 87 2.57 16.73 -3.16
N LYS B 88 1.85 16.35 -2.14
CA LYS B 88 1.33 17.28 -1.17
C LYS B 88 2.12 17.06 0.12
N LYS B 89 3.31 17.60 0.13
CA LYS B 89 4.24 17.37 1.20
C LYS B 89 3.98 18.31 2.35
N GLN B 90 3.28 17.81 3.33
CA GLN B 90 2.98 18.53 4.53
C GLN B 90 3.07 17.58 5.71
N ARG B 91 3.61 18.03 6.80
CA ARG B 91 3.72 17.21 7.97
C ARG B 91 2.86 17.77 9.05
N LYS B 92 2.22 16.89 9.79
CA LYS B 92 1.40 17.29 10.93
C LYS B 92 1.41 16.23 12.02
N PRO B 93 2.48 16.22 12.81
CA PRO B 93 2.57 15.40 13.98
C PRO B 93 1.95 16.17 15.14
N LYS A 1 7.93 -15.50 -5.01
CA LYS A 1 7.27 -16.24 -3.94
C LYS A 1 8.16 -16.34 -2.70
N VAL A 2 9.39 -16.87 -2.85
CA VAL A 2 10.27 -17.07 -1.70
C VAL A 2 10.77 -15.73 -1.13
N ALA A 3 11.00 -14.76 -2.00
CA ALA A 3 11.39 -13.45 -1.57
C ALA A 3 10.39 -12.44 -2.07
N PRO A 4 9.28 -12.28 -1.37
CA PRO A 4 8.24 -11.36 -1.78
C PRO A 4 8.41 -9.98 -1.15
N LEU A 5 7.60 -9.06 -1.57
CA LEU A 5 7.63 -7.74 -1.02
C LEU A 5 6.89 -7.66 0.29
N LYS A 6 7.57 -8.05 1.34
CA LYS A 6 7.05 -7.93 2.68
C LYS A 6 8.00 -7.06 3.48
N ILE A 7 7.54 -5.90 3.85
CA ILE A 7 8.37 -4.96 4.55
C ILE A 7 7.75 -4.60 5.91
N LYS A 8 8.56 -4.68 6.95
CA LYS A 8 8.13 -4.33 8.30
C LYS A 8 8.51 -2.88 8.62
N LEU A 9 8.18 -2.47 9.82
CA LEU A 9 8.49 -1.16 10.33
C LEU A 9 9.18 -1.34 11.67
N GLY A 10 9.42 -0.28 12.41
CA GLY A 10 10.16 -0.39 13.65
C GLY A 10 11.63 -0.41 13.32
N GLY A 11 12.00 0.52 12.48
CA GLY A 11 13.33 0.60 11.95
C GLY A 11 13.22 0.73 10.46
N PHE A 12 14.17 0.12 9.74
CA PHE A 12 14.18 0.09 8.26
C PHE A 12 14.18 1.49 7.65
N ALA B 6 -19.66 -24.94 -15.68
CA ALA B 6 -18.23 -24.85 -15.37
C ALA B 6 -17.82 -23.41 -15.17
N SER B 7 -18.76 -22.53 -15.38
CA SER B 7 -18.51 -21.13 -15.25
C SER B 7 -18.71 -20.70 -13.81
N ALA B 8 -17.64 -20.68 -13.07
CA ALA B 8 -17.65 -20.19 -11.73
C ALA B 8 -16.82 -18.95 -11.71
N SER B 9 -17.48 -17.82 -11.67
CA SER B 9 -16.84 -16.53 -11.70
C SER B 9 -15.96 -16.33 -10.49
N TYR B 10 -14.81 -15.73 -10.72
CA TYR B 10 -13.93 -15.40 -9.66
C TYR B 10 -14.53 -14.30 -8.81
N ASP B 11 -14.83 -14.64 -7.60
CA ASP B 11 -15.48 -13.73 -6.71
C ASP B 11 -14.60 -12.58 -6.41
N SER B 12 -15.12 -11.43 -6.60
CA SER B 12 -14.42 -10.28 -6.28
C SER B 12 -15.17 -9.56 -5.22
N GLU B 13 -14.72 -9.75 -4.03
CA GLU B 13 -15.34 -9.18 -2.88
C GLU B 13 -14.72 -7.84 -2.67
N GLU B 14 -15.49 -6.97 -2.05
CA GLU B 14 -15.17 -5.54 -1.82
C GLU B 14 -14.11 -4.95 -2.77
N GLU B 15 -14.40 -5.04 -4.06
CA GLU B 15 -13.46 -4.65 -5.07
C GLU B 15 -13.77 -3.28 -5.61
N GLU B 16 -12.75 -2.49 -5.73
CA GLU B 16 -12.85 -1.16 -6.25
C GLU B 16 -12.02 -0.96 -7.49
N GLU B 17 -10.89 -1.61 -7.56
CA GLU B 17 -9.96 -1.31 -8.61
C GLU B 17 -9.70 -2.52 -9.46
N GLY B 18 -9.21 -3.51 -8.83
CA GLY B 18 -8.94 -4.81 -9.43
C GLY B 18 -7.84 -4.71 -10.46
N LEU B 19 -7.01 -3.74 -10.24
CA LEU B 19 -5.97 -3.35 -11.13
C LEU B 19 -4.69 -4.09 -10.79
N PRO B 20 -4.20 -4.94 -11.71
CA PRO B 20 -2.98 -5.71 -11.49
C PRO B 20 -1.78 -4.81 -11.22
N MET B 21 -1.05 -5.13 -10.19
CA MET B 21 0.11 -4.38 -9.81
C MET B 21 1.33 -5.18 -10.19
N SER B 22 2.12 -4.64 -11.04
CA SER B 22 3.27 -5.34 -11.52
C SER B 22 4.36 -5.30 -10.46
N TYR B 23 5.32 -6.20 -10.56
CA TYR B 23 6.41 -6.28 -9.58
C TYR B 23 7.14 -4.96 -9.48
N ASP B 24 7.30 -4.27 -10.61
CA ASP B 24 7.95 -2.95 -10.62
C ASP B 24 7.11 -1.93 -9.89
N GLU B 25 5.80 -1.96 -10.14
CA GLU B 25 4.86 -1.06 -9.50
C GLU B 25 4.89 -1.21 -7.98
N LYS B 26 4.77 -2.44 -7.53
CA LYS B 26 4.80 -2.78 -6.11
C LYS B 26 6.15 -2.45 -5.49
N ARG B 27 7.21 -2.73 -6.21
CA ARG B 27 8.58 -2.43 -5.75
C ARG B 27 8.73 -0.92 -5.52
N GLN B 28 8.29 -0.14 -6.51
CA GLN B 28 8.37 1.30 -6.46
C GLN B 28 7.47 1.82 -5.32
N LEU B 29 6.32 1.19 -5.16
CA LEU B 29 5.37 1.51 -4.12
C LEU B 29 6.05 1.34 -2.73
N SER B 30 6.85 0.29 -2.59
CA SER B 30 7.57 0.04 -1.36
C SER B 30 8.59 1.16 -1.11
N LEU B 31 9.15 1.69 -2.21
CA LEU B 31 10.13 2.77 -2.15
C LEU B 31 9.46 4.05 -1.66
N ASP B 32 8.25 4.30 -2.12
CA ASP B 32 7.51 5.50 -1.70
C ASP B 32 7.12 5.44 -0.25
N ILE B 33 6.79 4.26 0.21
CA ILE B 33 6.51 4.07 1.62
C ILE B 33 7.80 4.25 2.45
N ASN B 34 8.91 3.86 1.85
CA ASN B 34 10.24 4.02 2.47
C ASN B 34 10.57 5.53 2.57
N ARG B 35 10.09 6.28 1.58
CA ARG B 35 10.25 7.73 1.52
C ARG B 35 9.42 8.44 2.59
N LEU B 36 8.31 7.83 2.96
CA LEU B 36 7.40 8.41 3.92
C LEU B 36 7.87 8.23 5.35
N PRO B 37 7.77 9.29 6.16
CA PRO B 37 8.10 9.24 7.57
C PRO B 37 6.95 8.59 8.37
N GLY B 38 7.25 8.24 9.61
CA GLY B 38 6.29 7.58 10.50
C GLY B 38 4.97 8.31 10.64
N GLU B 39 5.02 9.63 10.54
CA GLU B 39 3.83 10.47 10.63
C GLU B 39 2.82 10.09 9.52
N LYS B 40 3.33 9.83 8.33
CA LYS B 40 2.48 9.49 7.19
C LYS B 40 2.15 8.01 7.21
N LEU B 41 3.05 7.23 7.76
CA LEU B 41 2.88 5.79 7.85
C LEU B 41 1.64 5.38 8.66
N GLY B 42 1.22 6.24 9.58
CA GLY B 42 0.07 5.94 10.44
C GLY B 42 -1.18 5.60 9.66
N ARG B 43 -1.42 6.28 8.56
CA ARG B 43 -2.59 6.04 7.77
C ARG B 43 -2.45 4.78 6.94
N VAL B 44 -1.28 4.58 6.35
CA VAL B 44 -1.08 3.43 5.48
C VAL B 44 -1.24 2.11 6.25
N VAL B 45 -0.84 2.11 7.55
CA VAL B 45 -1.01 0.92 8.40
C VAL B 45 -2.48 0.47 8.43
N HIS B 46 -3.37 1.45 8.52
CA HIS B 46 -4.80 1.19 8.60
C HIS B 46 -5.34 0.69 7.26
N ILE B 47 -4.70 1.12 6.19
CA ILE B 47 -5.08 0.71 4.85
C ILE B 47 -4.81 -0.79 4.68
N ILE B 48 -3.66 -1.27 5.20
CA ILE B 48 -3.39 -2.71 5.17
C ILE B 48 -4.42 -3.45 6.01
N GLN B 49 -4.72 -2.92 7.21
CA GLN B 49 -5.68 -3.54 8.14
C GLN B 49 -7.03 -3.78 7.50
N SER B 50 -7.40 -2.90 6.59
CA SER B 50 -8.68 -2.98 5.88
C SER B 50 -8.79 -4.29 5.09
N ARG B 51 -7.67 -4.74 4.59
CA ARG B 51 -7.62 -5.93 3.80
C ARG B 51 -7.19 -7.06 4.71
N GLU B 52 -6.13 -6.82 5.41
CA GLU B 52 -5.45 -7.80 6.16
C GLU B 52 -5.77 -7.77 7.60
N PRO B 53 -6.44 -8.79 8.06
CA PRO B 53 -6.74 -8.93 9.44
C PRO B 53 -5.55 -9.58 10.16
N SER B 54 -4.57 -9.95 9.34
CA SER B 54 -3.33 -10.51 9.77
C SER B 54 -2.52 -9.38 10.43
N LEU B 55 -2.71 -8.17 9.89
CA LEU B 55 -2.06 -6.99 10.40
C LEU B 55 -2.71 -6.67 11.76
N ARG B 56 -4.03 -6.61 11.78
CA ARG B 56 -4.84 -6.39 12.99
C ARG B 56 -4.56 -7.47 14.06
N ASP B 57 -4.11 -8.63 13.61
CA ASP B 57 -3.73 -9.73 14.50
C ASP B 57 -2.39 -9.46 15.15
N SER B 58 -1.51 -8.89 14.39
CA SER B 58 -0.21 -8.54 14.85
C SER B 58 -0.24 -7.11 15.43
N ASN B 59 0.90 -6.52 15.66
CA ASN B 59 0.92 -5.18 16.23
C ASN B 59 0.75 -4.17 15.14
N PRO B 60 -0.14 -3.18 15.32
CA PRO B 60 -0.33 -2.08 14.36
C PRO B 60 0.87 -1.11 14.41
N ASP B 61 1.74 -1.37 15.38
CA ASP B 61 3.00 -0.66 15.58
C ASP B 61 3.94 -1.02 14.45
N GLU B 62 3.91 -2.27 14.10
CA GLU B 62 4.71 -2.78 13.05
C GLU B 62 3.81 -2.98 11.85
N ILE B 63 4.04 -2.24 10.84
CA ILE B 63 3.29 -2.43 9.65
C ILE B 63 4.07 -3.33 8.74
N GLU B 64 3.55 -4.46 8.55
CA GLU B 64 4.14 -5.41 7.67
C GLU B 64 3.33 -5.45 6.42
N ILE B 65 3.84 -4.82 5.42
CA ILE B 65 3.16 -4.70 4.17
C ILE B 65 3.64 -5.78 3.27
N ASP B 66 2.80 -6.71 2.95
CA ASP B 66 3.14 -7.74 2.01
C ASP B 66 2.36 -7.50 0.74
N PHE B 67 3.05 -7.03 -0.25
CA PHE B 67 2.47 -6.58 -1.50
C PHE B 67 1.94 -7.74 -2.36
N GLU B 68 2.11 -8.94 -1.90
CA GLU B 68 1.70 -10.10 -2.64
C GLU B 68 0.34 -10.58 -2.14
N THR B 69 0.19 -10.63 -0.83
CA THR B 69 -1.04 -11.07 -0.18
C THR B 69 -2.13 -10.01 -0.26
N LEU B 70 -1.71 -8.76 -0.34
CA LEU B 70 -2.60 -7.65 -0.50
C LEU B 70 -3.40 -7.74 -1.80
N LYS B 71 -4.58 -7.17 -1.78
CA LYS B 71 -5.40 -7.10 -2.96
C LYS B 71 -4.92 -5.98 -3.83
N PRO B 72 -5.22 -6.03 -5.14
CA PRO B 72 -4.89 -4.95 -6.09
C PRO B 72 -5.46 -3.62 -5.62
N THR B 73 -6.61 -3.71 -5.00
CA THR B 73 -7.35 -2.61 -4.47
C THR B 73 -6.57 -1.92 -3.37
N THR B 74 -6.15 -2.69 -2.39
CA THR B 74 -5.42 -2.20 -1.27
C THR B 74 -4.08 -1.62 -1.72
N LEU B 75 -3.39 -2.36 -2.56
CA LEU B 75 -2.12 -1.91 -3.16
C LEU B 75 -2.27 -0.53 -3.82
N ARG B 76 -3.35 -0.38 -4.59
CA ARG B 76 -3.65 0.88 -5.25
C ARG B 76 -3.92 1.97 -4.22
N GLU B 77 -4.62 1.62 -3.15
CA GLU B 77 -4.99 2.56 -2.09
C GLU B 77 -3.72 3.05 -1.36
N LEU B 78 -2.73 2.14 -1.20
CA LEU B 78 -1.45 2.49 -0.58
C LEU B 78 -0.76 3.52 -1.45
N GLU B 79 -0.63 3.16 -2.74
CA GLU B 79 0.01 4.00 -3.76
C GLU B 79 -0.63 5.37 -3.80
N ARG B 80 -1.93 5.35 -3.85
CA ARG B 80 -2.76 6.53 -3.97
C ARG B 80 -2.53 7.47 -2.78
N TYR B 81 -2.19 6.91 -1.66
CA TYR B 81 -1.89 7.68 -0.49
C TYR B 81 -0.47 8.20 -0.53
N VAL B 82 0.48 7.30 -0.75
CA VAL B 82 1.88 7.66 -0.74
C VAL B 82 2.17 8.76 -1.74
N LYS B 83 1.51 8.70 -2.88
CA LYS B 83 1.71 9.66 -3.90
C LYS B 83 1.21 11.05 -3.50
N SER B 84 0.14 11.10 -2.71
CA SER B 84 -0.39 12.39 -2.28
C SER B 84 0.58 13.03 -1.30
N CYS B 85 1.27 12.17 -0.60
CA CYS B 85 2.21 12.51 0.41
C CYS B 85 3.58 12.84 -0.17
N LEU B 86 3.84 12.39 -1.36
CA LEU B 86 5.06 12.75 -2.04
C LEU B 86 4.90 14.16 -2.57
N GLN B 87 3.73 14.42 -3.09
CA GLN B 87 3.40 15.67 -3.72
C GLN B 87 2.83 16.69 -2.72
N LYS B 88 3.50 16.82 -1.59
CA LYS B 88 3.13 17.80 -0.56
C LYS B 88 3.40 19.21 -1.08
N LYS B 89 4.63 19.42 -1.46
CA LYS B 89 5.15 20.67 -1.98
C LYS B 89 6.57 20.37 -2.41
N GLN B 90 7.21 19.60 -1.57
CA GLN B 90 8.49 19.02 -1.80
C GLN B 90 8.33 17.58 -1.37
N ARG B 91 9.32 16.77 -1.55
CA ARG B 91 9.24 15.38 -1.13
C ARG B 91 9.68 15.30 0.33
N LYS B 92 10.71 16.02 0.63
CA LYS B 92 11.23 16.13 1.97
C LYS B 92 11.27 17.60 2.31
N PRO B 93 11.09 17.97 3.57
CA PRO B 93 11.18 19.36 4.00
C PRO B 93 12.58 19.93 3.74
N LYS A 1 6.75 -13.04 -5.59
CA LYS A 1 6.73 -14.17 -4.65
C LYS A 1 8.10 -14.88 -4.55
N VAL A 2 8.89 -14.93 -5.64
CA VAL A 2 10.22 -15.56 -5.58
C VAL A 2 11.08 -14.76 -4.59
N ALA A 3 10.94 -13.47 -4.67
CA ALA A 3 11.46 -12.56 -3.72
C ALA A 3 10.22 -11.94 -3.11
N PRO A 4 9.73 -12.51 -1.99
CA PRO A 4 8.47 -12.08 -1.39
C PRO A 4 8.55 -10.67 -0.87
N LEU A 5 7.83 -9.81 -1.52
CA LEU A 5 7.83 -8.42 -1.18
C LEU A 5 6.88 -8.17 -0.02
N LYS A 6 7.39 -8.52 1.12
CA LYS A 6 6.75 -8.34 2.40
C LYS A 6 7.69 -7.56 3.24
N ILE A 7 7.52 -6.29 3.24
CA ILE A 7 8.42 -5.43 3.94
C ILE A 7 7.91 -5.09 5.32
N LYS A 8 8.79 -5.19 6.29
CA LYS A 8 8.52 -4.79 7.66
C LYS A 8 8.93 -3.36 7.84
N LEU A 9 8.44 -2.72 8.86
CA LEU A 9 8.72 -1.34 9.07
C LEU A 9 10.12 -1.17 9.68
N GLY A 10 10.98 -0.51 8.95
CA GLY A 10 12.33 -0.28 9.39
C GLY A 10 12.67 1.18 9.39
N GLY A 11 11.65 2.01 9.32
CA GLY A 11 11.84 3.44 9.35
C GLY A 11 11.81 3.96 10.76
N PHE A 12 12.77 4.78 11.11
CA PHE A 12 12.87 5.30 12.47
C PHE A 12 13.11 6.80 12.45
N ALA B 6 -18.98 11.64 -12.17
CA ALA B 6 -19.03 11.14 -13.51
C ALA B 6 -19.11 12.28 -14.48
N SER B 7 -18.66 12.06 -15.68
CA SER B 7 -18.69 13.08 -16.68
C SER B 7 -19.87 12.86 -17.63
N ALA B 8 -19.73 11.91 -18.52
CA ALA B 8 -20.75 11.57 -19.47
C ALA B 8 -20.55 10.15 -19.91
N SER B 9 -21.20 9.24 -19.24
CA SER B 9 -21.06 7.85 -19.52
C SER B 9 -22.37 7.13 -19.21
N TYR B 10 -22.58 6.01 -19.85
CA TYR B 10 -23.73 5.18 -19.57
C TYR B 10 -23.36 4.22 -18.48
N ASP B 11 -22.33 3.49 -18.77
CA ASP B 11 -21.70 2.59 -17.83
C ASP B 11 -20.26 2.47 -18.18
N SER B 12 -19.46 2.91 -17.31
CA SER B 12 -18.04 2.87 -17.49
C SER B 12 -17.43 2.90 -16.13
N GLU B 13 -16.35 2.25 -15.98
CA GLU B 13 -15.75 2.15 -14.68
C GLU B 13 -14.33 2.57 -14.74
N GLU B 14 -13.95 3.28 -13.77
CA GLU B 14 -12.63 3.76 -13.65
C GLU B 14 -11.85 2.75 -12.82
N GLU B 15 -11.45 1.69 -13.45
CA GLU B 15 -10.78 0.63 -12.76
C GLU B 15 -9.33 0.95 -12.55
N GLU B 16 -9.06 1.56 -11.44
CA GLU B 16 -7.72 1.91 -11.06
C GLU B 16 -7.26 0.95 -9.97
N GLU B 17 -8.21 0.49 -9.22
CA GLU B 17 -7.99 -0.37 -8.08
C GLU B 17 -8.46 -1.79 -8.37
N GLY B 18 -8.38 -2.14 -9.61
CA GLY B 18 -8.71 -3.46 -10.06
C GLY B 18 -7.73 -3.93 -11.09
N LEU B 19 -6.59 -3.27 -11.11
CA LEU B 19 -5.56 -3.54 -12.07
C LEU B 19 -4.41 -4.26 -11.37
N PRO B 20 -3.94 -5.39 -11.92
CA PRO B 20 -2.80 -6.11 -11.36
C PRO B 20 -1.53 -5.25 -11.46
N MET B 21 -0.86 -5.12 -10.36
CA MET B 21 0.30 -4.26 -10.29
C MET B 21 1.54 -5.07 -10.53
N SER B 22 2.48 -4.50 -11.22
CA SER B 22 3.68 -5.21 -11.57
C SER B 22 4.60 -5.28 -10.37
N TYR B 23 5.64 -6.09 -10.46
CA TYR B 23 6.60 -6.18 -9.38
C TYR B 23 7.31 -4.85 -9.19
N ASP B 24 7.46 -4.08 -10.28
CA ASP B 24 8.09 -2.77 -10.20
C ASP B 24 7.21 -1.81 -9.45
N GLU B 25 5.91 -1.78 -9.78
CA GLU B 25 4.93 -0.94 -9.09
C GLU B 25 4.96 -1.21 -7.60
N LYS B 26 4.85 -2.48 -7.25
CA LYS B 26 4.89 -2.93 -5.87
C LYS B 26 6.23 -2.53 -5.21
N ARG B 27 7.33 -2.79 -5.91
CA ARG B 27 8.67 -2.50 -5.40
C ARG B 27 8.85 -1.01 -5.14
N GLN B 28 8.38 -0.19 -6.05
CA GLN B 28 8.49 1.25 -5.91
C GLN B 28 7.55 1.72 -4.82
N LEU B 29 6.42 1.08 -4.69
CA LEU B 29 5.44 1.43 -3.69
C LEU B 29 6.06 1.20 -2.29
N SER B 30 6.86 0.13 -2.18
CA SER B 30 7.54 -0.20 -0.96
C SER B 30 8.55 0.91 -0.63
N LEU B 31 9.13 1.50 -1.67
CA LEU B 31 10.09 2.57 -1.53
C LEU B 31 9.37 3.83 -1.09
N ASP B 32 8.24 4.11 -1.72
CA ASP B 32 7.46 5.31 -1.43
C ASP B 32 6.94 5.34 -0.01
N ILE B 33 6.54 4.19 0.51
CA ILE B 33 6.14 4.09 1.91
C ILE B 33 7.33 4.42 2.82
N ASN B 34 8.49 3.92 2.45
CA ASN B 34 9.70 4.14 3.23
C ASN B 34 10.16 5.60 3.10
N ARG B 35 9.73 6.23 2.03
CA ARG B 35 10.00 7.65 1.78
C ARG B 35 9.11 8.53 2.66
N LEU B 36 8.06 7.96 3.21
CA LEU B 36 7.17 8.70 4.09
C LEU B 36 7.66 8.62 5.53
N PRO B 37 7.43 9.66 6.34
CA PRO B 37 7.77 9.65 7.75
C PRO B 37 6.74 8.89 8.60
N GLY B 38 7.12 8.60 9.83
CA GLY B 38 6.29 7.82 10.75
C GLY B 38 4.92 8.39 10.99
N GLU B 39 4.81 9.71 10.99
CA GLU B 39 3.53 10.38 11.19
C GLU B 39 2.53 10.06 10.08
N LYS B 40 3.04 9.87 8.87
CA LYS B 40 2.20 9.59 7.73
C LYS B 40 1.96 8.10 7.59
N LEU B 41 2.83 7.32 8.18
CA LEU B 41 2.73 5.87 8.14
C LEU B 41 1.46 5.33 8.79
N GLY B 42 0.92 6.06 9.76
CA GLY B 42 -0.26 5.61 10.50
C GLY B 42 -1.45 5.29 9.61
N ARG B 43 -1.61 6.06 8.55
CA ARG B 43 -2.67 5.85 7.62
C ARG B 43 -2.39 4.65 6.75
N VAL B 44 -1.17 4.53 6.26
CA VAL B 44 -0.88 3.43 5.37
C VAL B 44 -0.96 2.08 6.10
N VAL B 45 -0.58 2.07 7.39
CA VAL B 45 -0.70 0.85 8.21
C VAL B 45 -2.18 0.43 8.28
N HIS B 46 -3.04 1.45 8.37
CA HIS B 46 -4.48 1.26 8.50
C HIS B 46 -5.03 0.71 7.18
N ILE B 47 -4.38 1.07 6.08
CA ILE B 47 -4.79 0.64 4.76
C ILE B 47 -4.62 -0.87 4.62
N ILE B 48 -3.50 -1.42 5.12
CA ILE B 48 -3.31 -2.87 5.07
C ILE B 48 -4.36 -3.56 5.93
N GLN B 49 -4.61 -2.99 7.13
CA GLN B 49 -5.57 -3.56 8.08
C GLN B 49 -6.96 -3.69 7.48
N SER B 50 -7.27 -2.85 6.53
CA SER B 50 -8.53 -2.85 5.84
C SER B 50 -8.80 -4.21 5.19
N ARG B 51 -7.81 -4.77 4.49
CA ARG B 51 -8.02 -6.04 3.81
C ARG B 51 -7.37 -7.19 4.60
N GLU B 52 -6.33 -6.87 5.32
CA GLU B 52 -5.58 -7.84 6.08
C GLU B 52 -5.86 -7.75 7.53
N PRO B 53 -6.65 -8.67 8.05
CA PRO B 53 -6.96 -8.71 9.44
C PRO B 53 -5.84 -9.40 10.21
N SER B 54 -4.92 -9.98 9.45
CA SER B 54 -3.78 -10.71 9.95
C SER B 54 -2.84 -9.75 10.65
N LEU B 55 -2.80 -8.53 10.15
CA LEU B 55 -1.91 -7.54 10.67
C LEU B 55 -2.50 -6.89 11.92
N ARG B 56 -3.82 -6.84 12.01
CA ARG B 56 -4.55 -6.29 13.17
C ARG B 56 -4.18 -7.02 14.46
N ASP B 57 -3.73 -8.25 14.33
CA ASP B 57 -3.33 -9.06 15.48
C ASP B 57 -1.91 -8.72 15.94
N SER B 58 -1.27 -7.86 15.19
CA SER B 58 0.04 -7.37 15.50
C SER B 58 -0.09 -5.88 15.83
N ASN B 59 0.96 -5.28 16.33
CA ASN B 59 0.91 -3.87 16.66
C ASN B 59 1.13 -3.04 15.43
N PRO B 60 0.41 -1.89 15.31
CA PRO B 60 0.48 -0.99 14.13
C PRO B 60 1.86 -0.34 13.99
N ASP B 61 2.71 -0.57 14.98
CA ASP B 61 4.12 -0.12 14.96
C ASP B 61 4.83 -0.88 13.86
N GLU B 62 4.34 -2.06 13.62
CA GLU B 62 4.82 -2.90 12.59
C GLU B 62 3.83 -2.87 11.45
N ILE B 63 4.34 -2.70 10.29
CA ILE B 63 3.55 -2.73 9.12
C ILE B 63 4.22 -3.64 8.13
N GLU B 64 3.59 -4.71 7.89
CA GLU B 64 4.09 -5.66 6.95
C GLU B 64 3.24 -5.57 5.74
N ILE B 65 3.73 -4.92 4.74
CA ILE B 65 2.99 -4.78 3.54
C ILE B 65 3.24 -6.01 2.71
N ASP B 66 2.25 -6.84 2.61
CA ASP B 66 2.36 -8.07 1.85
C ASP B 66 1.94 -7.78 0.42
N PHE B 67 2.88 -7.47 -0.40
CA PHE B 67 2.60 -7.09 -1.78
C PHE B 67 2.19 -8.28 -2.64
N GLU B 68 2.29 -9.46 -2.10
CA GLU B 68 1.95 -10.64 -2.82
C GLU B 68 0.45 -10.88 -2.73
N THR B 69 -0.01 -10.95 -1.52
CA THR B 69 -1.35 -11.34 -1.24
C THR B 69 -2.34 -10.19 -1.26
N LEU B 70 -1.86 -8.96 -1.09
CA LEU B 70 -2.72 -7.79 -1.14
C LEU B 70 -3.39 -7.65 -2.50
N LYS B 71 -4.61 -7.19 -2.47
CA LYS B 71 -5.40 -7.03 -3.67
C LYS B 71 -5.20 -5.63 -4.22
N PRO B 72 -5.47 -5.41 -5.55
CA PRO B 72 -5.30 -4.11 -6.23
C PRO B 72 -6.01 -2.96 -5.51
N THR B 73 -7.06 -3.27 -4.82
CA THR B 73 -7.83 -2.31 -4.09
C THR B 73 -7.00 -1.69 -2.99
N THR B 74 -6.46 -2.53 -2.14
CA THR B 74 -5.66 -2.10 -1.06
C THR B 74 -4.30 -1.59 -1.56
N LEU B 75 -3.69 -2.34 -2.48
CA LEU B 75 -2.40 -1.96 -3.05
C LEU B 75 -2.46 -0.56 -3.67
N ARG B 76 -3.48 -0.31 -4.46
CA ARG B 76 -3.61 0.98 -5.09
C ARG B 76 -3.93 2.03 -4.05
N GLU B 77 -4.67 1.67 -2.99
CA GLU B 77 -4.99 2.62 -1.93
C GLU B 77 -3.71 3.07 -1.22
N LEU B 78 -2.78 2.13 -1.05
CA LEU B 78 -1.46 2.42 -0.49
C LEU B 78 -0.80 3.47 -1.37
N GLU B 79 -0.74 3.12 -2.65
CA GLU B 79 -0.10 3.94 -3.67
C GLU B 79 -0.74 5.32 -3.77
N ARG B 80 -2.05 5.38 -3.75
CA ARG B 80 -2.80 6.64 -3.87
C ARG B 80 -2.49 7.57 -2.73
N TYR B 81 -2.24 7.00 -1.60
CA TYR B 81 -1.94 7.79 -0.45
C TYR B 81 -0.50 8.21 -0.48
N VAL B 82 0.41 7.27 -0.71
CA VAL B 82 1.81 7.56 -0.72
C VAL B 82 2.14 8.60 -1.78
N LYS B 83 1.49 8.50 -2.94
CA LYS B 83 1.75 9.42 -4.00
C LYS B 83 1.26 10.83 -3.63
N SER B 84 0.14 10.90 -2.90
CA SER B 84 -0.37 12.18 -2.43
C SER B 84 0.59 12.76 -1.38
N CYS B 85 1.13 11.87 -0.58
CA CYS B 85 1.98 12.21 0.53
C CYS B 85 3.41 12.48 0.05
N LEU B 86 3.69 12.10 -1.18
CA LEU B 86 4.95 12.44 -1.80
C LEU B 86 4.88 13.85 -2.31
N GLN B 87 3.77 14.20 -2.91
CA GLN B 87 3.57 15.54 -3.44
C GLN B 87 3.52 16.55 -2.31
N LYS B 88 2.72 16.24 -1.29
CA LYS B 88 2.59 17.07 -0.09
C LYS B 88 2.03 18.45 -0.42
N LYS B 89 2.12 19.33 0.53
CA LYS B 89 1.77 20.71 0.35
C LYS B 89 2.86 21.56 0.97
N GLN B 90 3.43 22.43 0.18
CA GLN B 90 4.40 23.37 0.72
C GLN B 90 3.68 24.67 1.01
N ARG B 91 2.84 25.06 0.09
CA ARG B 91 1.91 26.15 0.17
C ARG B 91 0.78 25.70 -0.69
N LYS B 92 -0.40 26.21 -0.51
CA LYS B 92 -1.48 25.77 -1.33
C LYS B 92 -2.19 26.92 -2.02
N PRO B 93 -2.02 27.03 -3.33
CA PRO B 93 -2.78 27.96 -4.14
C PRO B 93 -4.17 27.39 -4.39
N LYS A 1 11.98 -18.62 4.36
CA LYS A 1 11.05 -17.77 3.63
C LYS A 1 11.57 -16.35 3.62
N VAL A 2 12.12 -15.91 2.52
CA VAL A 2 12.56 -14.53 2.42
C VAL A 2 11.41 -13.60 2.05
N ALA A 3 10.51 -14.14 1.19
CA ALA A 3 9.32 -13.45 0.67
C ALA A 3 9.67 -12.34 -0.32
N PRO A 4 9.11 -12.40 -1.52
CA PRO A 4 9.37 -11.41 -2.58
C PRO A 4 8.77 -10.05 -2.26
N LEU A 5 9.65 -9.14 -1.79
CA LEU A 5 9.28 -7.76 -1.42
C LEU A 5 8.34 -7.76 -0.21
N LYS A 6 8.94 -7.69 0.95
CA LYS A 6 8.22 -7.76 2.19
C LYS A 6 8.77 -6.66 3.08
N ILE A 7 7.93 -5.76 3.53
CA ILE A 7 8.43 -4.69 4.38
C ILE A 7 7.73 -4.67 5.73
N LYS A 8 8.51 -4.36 6.75
CA LYS A 8 8.08 -4.40 8.12
C LYS A 8 8.46 -3.06 8.75
N LEU A 9 7.70 -2.60 9.69
CA LEU A 9 8.00 -1.34 10.36
C LEU A 9 8.52 -1.63 11.74
N GLY A 10 9.00 -0.62 12.42
CA GLY A 10 9.67 -0.83 13.68
C GLY A 10 11.13 -1.00 13.40
N GLY A 11 11.63 -0.06 12.66
CA GLY A 11 12.97 -0.04 12.18
C GLY A 11 12.99 0.82 10.96
N PHE A 12 14.06 0.83 10.22
CA PHE A 12 14.11 1.66 9.02
C PHE A 12 15.18 1.15 8.08
N ALA B 6 -11.86 16.25 -2.56
CA ALA B 6 -11.19 16.77 -3.73
C ALA B 6 -11.54 18.23 -3.92
N SER B 7 -10.60 18.99 -4.42
CA SER B 7 -10.79 20.39 -4.69
C SER B 7 -11.25 20.58 -6.14
N ALA B 8 -10.74 19.73 -7.01
CA ALA B 8 -11.00 19.81 -8.41
C ALA B 8 -10.74 18.48 -9.04
N SER B 9 -10.91 18.44 -10.32
CA SER B 9 -10.66 17.29 -11.09
C SER B 9 -9.80 17.71 -12.28
N TYR B 10 -8.51 17.46 -12.18
CA TYR B 10 -7.61 17.73 -13.30
C TYR B 10 -7.75 16.58 -14.27
N ASP B 11 -8.00 15.47 -13.68
CA ASP B 11 -8.27 14.23 -14.35
C ASP B 11 -9.37 13.57 -13.55
N SER B 12 -10.20 12.80 -14.19
CA SER B 12 -11.34 12.21 -13.51
C SER B 12 -10.99 10.92 -12.79
N GLU B 13 -9.73 10.57 -12.90
CA GLU B 13 -9.13 9.38 -12.32
C GLU B 13 -9.64 8.12 -13.04
N GLU B 14 -8.86 7.13 -13.00
CA GLU B 14 -9.17 5.89 -13.66
C GLU B 14 -9.37 4.81 -12.62
N GLU B 15 -10.15 3.80 -12.96
CA GLU B 15 -10.38 2.69 -12.07
C GLU B 15 -9.30 1.64 -12.24
N GLU B 16 -8.40 1.66 -11.33
CA GLU B 16 -7.20 0.88 -11.40
C GLU B 16 -7.10 -0.11 -10.22
N GLU B 17 -8.03 -0.01 -9.29
CA GLU B 17 -8.02 -0.86 -8.09
C GLU B 17 -8.54 -2.27 -8.34
N GLY B 18 -8.43 -2.72 -9.55
CA GLY B 18 -8.79 -4.06 -9.90
C GLY B 18 -7.70 -4.70 -10.73
N LEU B 19 -6.61 -3.98 -10.91
CA LEU B 19 -5.51 -4.44 -11.71
C LEU B 19 -4.37 -4.91 -10.81
N PRO B 20 -3.76 -6.08 -11.13
CA PRO B 20 -2.60 -6.57 -10.40
C PRO B 20 -1.39 -5.65 -10.61
N MET B 21 -0.54 -5.61 -9.63
CA MET B 21 0.61 -4.71 -9.63
C MET B 21 1.85 -5.45 -10.07
N SER B 22 2.66 -4.84 -10.91
CA SER B 22 3.89 -5.44 -11.38
C SER B 22 4.92 -5.35 -10.27
N TYR B 23 5.98 -6.15 -10.37
CA TYR B 23 7.03 -6.14 -9.38
C TYR B 23 7.67 -4.78 -9.30
N ASP B 24 7.68 -4.08 -10.44
CA ASP B 24 8.22 -2.73 -10.55
C ASP B 24 7.35 -1.78 -9.77
N GLU B 25 6.04 -1.85 -10.02
CA GLU B 25 5.06 -1.02 -9.36
C GLU B 25 5.13 -1.18 -7.85
N LYS B 26 5.11 -2.42 -7.41
CA LYS B 26 5.18 -2.77 -5.99
C LYS B 26 6.53 -2.30 -5.41
N ARG B 27 7.58 -2.48 -6.18
CA ARG B 27 8.92 -2.02 -5.82
C ARG B 27 8.93 -0.53 -5.57
N GLN B 28 8.37 0.22 -6.48
CA GLN B 28 8.33 1.65 -6.36
C GLN B 28 7.39 2.06 -5.23
N LEU B 29 6.30 1.32 -5.09
CA LEU B 29 5.30 1.57 -4.07
C LEU B 29 5.95 1.48 -2.68
N SER B 30 6.79 0.47 -2.49
CA SER B 30 7.46 0.30 -1.23
C SER B 30 8.51 1.39 -0.99
N LEU B 31 9.07 1.90 -2.08
CA LEU B 31 10.03 3.00 -1.98
C LEU B 31 9.31 4.24 -1.56
N ASP B 32 8.12 4.45 -2.10
CA ASP B 32 7.28 5.58 -1.72
C ASP B 32 6.84 5.49 -0.28
N ILE B 33 6.54 4.29 0.19
CA ILE B 33 6.21 4.09 1.60
C ILE B 33 7.47 4.37 2.46
N ASN B 34 8.63 4.01 1.92
CA ASN B 34 9.94 4.22 2.57
C ASN B 34 10.28 5.73 2.60
N ARG B 35 9.64 6.47 1.72
CA ARG B 35 9.78 7.92 1.63
C ARG B 35 8.93 8.63 2.69
N LEU B 36 7.92 7.98 3.18
CA LEU B 36 7.01 8.60 4.13
C LEU B 36 7.59 8.64 5.54
N PRO B 37 7.28 9.70 6.30
CA PRO B 37 7.62 9.76 7.70
C PRO B 37 6.70 8.83 8.46
N GLY B 38 7.20 8.16 9.47
CA GLY B 38 6.46 7.16 10.24
C GLY B 38 5.07 7.62 10.67
N GLU B 39 4.95 8.89 11.00
CA GLU B 39 3.69 9.50 11.39
C GLU B 39 2.60 9.28 10.32
N LYS B 40 2.96 9.45 9.08
CA LYS B 40 2.00 9.31 8.00
C LYS B 40 2.09 7.93 7.36
N LEU B 41 3.16 7.25 7.66
CA LEU B 41 3.38 5.88 7.28
C LEU B 41 2.31 5.05 8.03
N GLY B 42 2.05 5.50 9.26
CA GLY B 42 1.02 4.94 10.11
C GLY B 42 -0.35 4.89 9.44
N ARG B 43 -0.62 5.85 8.57
CA ARG B 43 -1.89 5.93 7.90
C ARG B 43 -2.01 4.77 6.92
N VAL B 44 -0.90 4.44 6.28
CA VAL B 44 -0.88 3.36 5.31
C VAL B 44 -1.07 2.04 6.04
N VAL B 45 -0.55 1.99 7.28
CA VAL B 45 -0.76 0.83 8.18
C VAL B 45 -2.26 0.55 8.31
N HIS B 46 -3.04 1.63 8.53
CA HIS B 46 -4.48 1.52 8.70
C HIS B 46 -5.15 1.11 7.39
N ILE B 47 -4.56 1.52 6.29
CA ILE B 47 -5.06 1.19 4.96
C ILE B 47 -4.99 -0.33 4.73
N ILE B 48 -3.89 -0.90 5.15
CA ILE B 48 -3.63 -2.31 4.99
C ILE B 48 -4.57 -3.15 5.84
N GLN B 49 -4.89 -2.67 7.04
CA GLN B 49 -5.77 -3.37 7.98
C GLN B 49 -7.13 -3.68 7.38
N SER B 50 -7.53 -2.87 6.44
CA SER B 50 -8.80 -3.02 5.75
C SER B 50 -8.83 -4.31 4.92
N ARG B 51 -7.68 -4.72 4.46
CA ARG B 51 -7.55 -5.91 3.65
C ARG B 51 -7.02 -7.02 4.53
N GLU B 52 -5.99 -6.67 5.25
CA GLU B 52 -5.19 -7.60 6.01
C GLU B 52 -5.56 -7.57 7.46
N PRO B 53 -6.27 -8.56 7.92
CA PRO B 53 -6.64 -8.64 9.30
C PRO B 53 -5.52 -9.25 10.13
N SER B 54 -4.50 -9.72 9.43
CA SER B 54 -3.34 -10.31 10.02
C SER B 54 -2.49 -9.22 10.65
N LEU B 55 -2.60 -8.02 10.10
CA LEU B 55 -1.90 -6.89 10.65
C LEU B 55 -2.62 -6.45 11.92
N ARG B 56 -3.94 -6.40 11.85
CA ARG B 56 -4.81 -6.15 13.04
C ARG B 56 -4.53 -7.19 14.14
N ASP B 57 -4.24 -8.40 13.70
CA ASP B 57 -3.88 -9.55 14.55
C ASP B 57 -2.48 -9.37 15.15
N SER B 58 -1.67 -8.59 14.49
CA SER B 58 -0.34 -8.27 14.93
C SER B 58 -0.38 -6.89 15.60
N ASN B 59 0.75 -6.28 15.81
CA ASN B 59 0.76 -4.95 16.40
C ASN B 59 0.92 -3.91 15.33
N PRO B 60 0.16 -2.79 15.42
CA PRO B 60 0.23 -1.64 14.47
C PRO B 60 1.57 -0.90 14.58
N ASP B 61 2.36 -1.32 15.56
CA ASP B 61 3.74 -0.87 15.78
C ASP B 61 4.56 -1.28 14.57
N GLU B 62 4.16 -2.37 14.01
CA GLU B 62 4.72 -2.87 12.80
C GLU B 62 3.75 -2.63 11.67
N ILE B 63 4.29 -2.57 10.51
CA ILE B 63 3.51 -2.63 9.33
C ILE B 63 3.94 -3.95 8.74
N GLU B 64 3.06 -4.70 8.24
CA GLU B 64 3.43 -5.95 7.65
C GLU B 64 2.81 -5.99 6.29
N ILE B 65 3.63 -5.72 5.32
CA ILE B 65 3.16 -5.61 3.97
C ILE B 65 3.60 -6.77 3.14
N ASP B 66 2.66 -7.38 2.53
CA ASP B 66 2.85 -8.41 1.55
C ASP B 66 2.06 -7.97 0.38
N PHE B 67 2.74 -7.63 -0.67
CA PHE B 67 2.10 -7.08 -1.83
C PHE B 67 1.34 -8.14 -2.65
N GLU B 68 1.51 -9.42 -2.29
CA GLU B 68 0.87 -10.49 -3.00
C GLU B 68 -0.44 -10.89 -2.32
N THR B 69 -0.51 -10.76 -0.99
CA THR B 69 -1.74 -11.07 -0.27
C THR B 69 -2.73 -9.91 -0.36
N LEU B 70 -2.20 -8.74 -0.58
CA LEU B 70 -2.98 -7.56 -0.73
C LEU B 70 -3.75 -7.58 -2.03
N LYS B 71 -4.98 -7.16 -1.95
CA LYS B 71 -5.82 -7.05 -3.11
C LYS B 71 -5.50 -5.72 -3.79
N PRO B 72 -5.73 -5.61 -5.12
CA PRO B 72 -5.46 -4.39 -5.89
C PRO B 72 -6.13 -3.14 -5.29
N THR B 73 -7.23 -3.36 -4.59
CA THR B 73 -7.97 -2.31 -3.94
C THR B 73 -7.16 -1.63 -2.86
N THR B 74 -6.50 -2.41 -2.07
CA THR B 74 -5.69 -1.91 -1.02
C THR B 74 -4.31 -1.51 -1.54
N LEU B 75 -3.75 -2.33 -2.45
CA LEU B 75 -2.47 -2.03 -3.11
C LEU B 75 -2.47 -0.64 -3.73
N ARG B 76 -3.49 -0.36 -4.51
CA ARG B 76 -3.59 0.93 -5.14
C ARG B 76 -3.80 2.01 -4.08
N GLU B 77 -4.56 1.69 -3.04
CA GLU B 77 -4.93 2.65 -2.00
C GLU B 77 -3.66 3.16 -1.30
N LEU B 78 -2.71 2.24 -1.08
CA LEU B 78 -1.41 2.56 -0.48
C LEU B 78 -0.72 3.57 -1.40
N GLU B 79 -0.63 3.21 -2.68
CA GLU B 79 0.09 3.97 -3.69
C GLU B 79 -0.52 5.37 -3.87
N ARG B 80 -1.84 5.43 -3.93
CA ARG B 80 -2.58 6.72 -4.14
C ARG B 80 -2.30 7.67 -3.01
N TYR B 81 -2.13 7.12 -1.85
CA TYR B 81 -1.93 7.89 -0.68
C TYR B 81 -0.49 8.35 -0.60
N VAL B 82 0.44 7.42 -0.74
CA VAL B 82 1.84 7.76 -0.68
C VAL B 82 2.19 8.80 -1.75
N LYS B 83 1.63 8.64 -2.96
CA LYS B 83 1.90 9.57 -4.04
C LYS B 83 1.30 10.93 -3.72
N SER B 84 0.14 10.94 -3.06
CA SER B 84 -0.51 12.17 -2.67
C SER B 84 0.32 12.90 -1.62
N CYS B 85 1.02 12.14 -0.80
CA CYS B 85 1.81 12.69 0.24
C CYS B 85 3.13 13.22 -0.35
N LEU B 86 3.64 12.56 -1.39
CA LEU B 86 4.83 13.04 -2.09
C LEU B 86 4.53 14.26 -2.96
N GLN B 87 3.28 14.38 -3.42
CA GLN B 87 2.85 15.55 -4.16
C GLN B 87 2.88 16.76 -3.25
N LYS B 88 2.21 16.64 -2.13
CA LYS B 88 2.15 17.70 -1.16
C LYS B 88 3.30 17.53 -0.19
N LYS B 89 4.50 17.67 -0.73
CA LYS B 89 5.74 17.50 -0.02
C LYS B 89 6.78 18.36 -0.74
N GLN B 90 6.31 19.42 -1.35
CA GLN B 90 7.16 20.27 -2.16
C GLN B 90 7.21 21.68 -1.59
N ARG B 91 8.37 22.27 -1.65
CA ARG B 91 8.58 23.64 -1.21
C ARG B 91 8.13 24.52 -2.36
N LYS B 92 6.98 25.12 -2.23
CA LYS B 92 6.42 25.88 -3.32
C LYS B 92 5.47 26.93 -2.81
N PRO B 93 5.77 28.21 -3.06
CA PRO B 93 4.85 29.29 -2.81
C PRO B 93 3.89 29.38 -3.98
N LYS A 1 17.95 -14.66 0.17
CA LYS A 1 17.58 -13.29 0.43
C LYS A 1 17.13 -12.62 -0.85
N VAL A 2 16.29 -11.63 -0.72
CA VAL A 2 15.78 -10.87 -1.87
C VAL A 2 14.84 -9.78 -1.40
N ALA A 3 14.14 -10.07 -0.29
CA ALA A 3 13.06 -9.26 0.24
C ALA A 3 11.89 -9.36 -0.74
N PRO A 4 10.99 -10.35 -0.51
CA PRO A 4 9.88 -10.69 -1.43
C PRO A 4 8.72 -9.68 -1.38
N LEU A 5 9.09 -8.43 -1.31
CA LEU A 5 8.19 -7.32 -1.18
C LEU A 5 7.17 -7.47 -0.07
N LYS A 6 7.69 -7.59 1.11
CA LYS A 6 6.91 -7.49 2.28
C LYS A 6 7.73 -6.69 3.26
N ILE A 7 7.18 -5.63 3.70
CA ILE A 7 7.92 -4.73 4.51
C ILE A 7 7.16 -4.42 5.79
N LYS A 8 7.92 -4.28 6.85
CA LYS A 8 7.39 -3.93 8.12
C LYS A 8 7.94 -2.58 8.48
N LEU A 9 7.18 -1.84 9.22
CA LEU A 9 7.59 -0.53 9.62
C LEU A 9 8.48 -0.72 10.83
N GLY A 10 9.50 0.10 10.95
CA GLY A 10 10.44 -0.01 12.04
C GLY A 10 9.89 0.49 13.35
N GLY A 11 8.94 -0.25 13.87
CA GLY A 11 8.37 0.04 15.14
C GLY A 11 8.71 -1.08 16.07
N PHE A 12 9.41 -0.76 17.13
CA PHE A 12 9.84 -1.75 18.09
C PHE A 12 9.40 -1.37 19.48
N ALA B 6 -23.17 2.58 -28.11
CA ALA B 6 -21.89 2.02 -28.53
C ALA B 6 -20.90 2.07 -27.38
N SER B 7 -21.40 2.51 -26.24
CA SER B 7 -20.60 2.66 -25.03
C SER B 7 -19.92 1.33 -24.67
N ALA B 8 -20.69 0.27 -24.63
CA ALA B 8 -20.14 -1.02 -24.30
C ALA B 8 -19.70 -1.74 -25.55
N SER B 9 -18.70 -1.18 -26.18
CA SER B 9 -18.09 -1.76 -27.36
C SER B 9 -16.62 -1.39 -27.41
N TYR B 10 -16.12 -0.94 -26.28
CA TYR B 10 -14.75 -0.51 -26.16
C TYR B 10 -14.21 -1.13 -24.91
N ASP B 11 -12.93 -1.43 -24.89
CA ASP B 11 -12.33 -2.02 -23.71
C ASP B 11 -12.03 -0.96 -22.72
N SER B 12 -12.93 -0.82 -21.86
CA SER B 12 -12.84 0.09 -20.77
C SER B 12 -13.25 -0.64 -19.52
N GLU B 13 -12.68 -0.28 -18.42
CA GLU B 13 -12.96 -0.93 -17.18
C GLU B 13 -13.08 0.09 -16.08
N GLU B 14 -13.81 -0.25 -15.08
CA GLU B 14 -14.11 0.65 -13.98
C GLU B 14 -13.35 0.22 -12.73
N GLU B 15 -13.10 -1.08 -12.62
CA GLU B 15 -12.44 -1.65 -11.46
C GLU B 15 -11.02 -1.12 -11.30
N GLU B 16 -10.92 -0.09 -10.49
CA GLU B 16 -9.70 0.60 -10.19
C GLU B 16 -8.92 -0.18 -9.14
N GLU B 17 -9.57 -1.17 -8.60
CA GLU B 17 -9.01 -2.01 -7.58
C GLU B 17 -8.94 -3.45 -8.04
N GLY B 18 -8.74 -3.62 -9.33
CA GLY B 18 -8.62 -4.94 -9.89
C GLY B 18 -7.56 -4.99 -10.96
N LEU B 19 -6.66 -4.03 -10.93
CA LEU B 19 -5.61 -3.96 -11.91
C LEU B 19 -4.39 -4.70 -11.39
N PRO B 20 -3.93 -5.75 -12.11
CA PRO B 20 -2.72 -6.48 -11.72
C PRO B 20 -1.51 -5.55 -11.75
N MET B 21 -0.77 -5.55 -10.69
CA MET B 21 0.35 -4.66 -10.56
C MET B 21 1.66 -5.38 -10.82
N SER B 22 2.51 -4.73 -11.57
CA SER B 22 3.76 -5.29 -11.99
C SER B 22 4.78 -5.25 -10.84
N TYR B 23 5.89 -5.97 -11.03
CA TYR B 23 7.01 -5.94 -10.08
C TYR B 23 7.44 -4.51 -9.89
N ASP B 24 7.50 -3.81 -11.01
CA ASP B 24 7.92 -2.41 -11.06
C ASP B 24 7.04 -1.53 -10.20
N GLU B 25 5.74 -1.70 -10.38
CA GLU B 25 4.75 -0.94 -9.67
C GLU B 25 4.86 -1.16 -8.16
N LYS B 26 4.89 -2.42 -7.78
CA LYS B 26 5.00 -2.80 -6.37
C LYS B 26 6.35 -2.36 -5.77
N ARG B 27 7.41 -2.54 -6.54
CA ARG B 27 8.75 -2.10 -6.15
C ARG B 27 8.76 -0.60 -5.87
N GLN B 28 8.22 0.16 -6.80
CA GLN B 28 8.16 1.61 -6.70
C GLN B 28 7.31 1.98 -5.49
N LEU B 29 6.22 1.28 -5.32
CA LEU B 29 5.30 1.48 -4.22
C LEU B 29 6.06 1.32 -2.88
N SER B 30 6.92 0.30 -2.80
CA SER B 30 7.71 0.07 -1.61
C SER B 30 8.69 1.23 -1.38
N LEU B 31 9.21 1.79 -2.46
CA LEU B 31 10.18 2.87 -2.39
C LEU B 31 9.53 4.13 -1.85
N ASP B 32 8.33 4.39 -2.32
CA ASP B 32 7.58 5.58 -1.88
C ASP B 32 7.20 5.50 -0.42
N ILE B 33 6.95 4.30 0.06
CA ILE B 33 6.66 4.13 1.48
C ILE B 33 7.94 4.36 2.29
N ASN B 34 9.08 3.99 1.72
CA ASN B 34 10.39 4.23 2.34
C ASN B 34 10.69 5.70 2.38
N ARG B 35 10.13 6.41 1.42
CA ARG B 35 10.24 7.87 1.34
C ARG B 35 9.40 8.57 2.41
N LEU B 36 8.41 7.88 2.93
CA LEU B 36 7.57 8.43 3.96
C LEU B 36 8.15 8.13 5.33
N PRO B 37 8.00 9.06 6.27
CA PRO B 37 8.36 8.82 7.66
C PRO B 37 7.27 7.99 8.34
N GLY B 38 7.63 7.29 9.40
CA GLY B 38 6.73 6.38 10.11
C GLY B 38 5.42 6.99 10.56
N GLU B 39 5.41 8.27 10.90
CA GLU B 39 4.19 8.92 11.33
C GLU B 39 3.16 9.09 10.21
N LYS B 40 3.63 9.16 8.99
CA LYS B 40 2.76 9.21 7.82
C LYS B 40 2.21 7.82 7.52
N LEU B 41 2.90 6.82 8.01
CA LEU B 41 2.49 5.44 7.83
C LEU B 41 1.29 5.09 8.65
N GLY B 42 0.97 5.91 9.65
CA GLY B 42 -0.14 5.65 10.56
C GLY B 42 -1.43 5.34 9.84
N ARG B 43 -1.66 6.04 8.75
CA ARG B 43 -2.82 5.82 7.93
C ARG B 43 -2.66 4.57 7.08
N VAL B 44 -1.49 4.40 6.50
CA VAL B 44 -1.25 3.26 5.61
C VAL B 44 -1.39 1.95 6.37
N VAL B 45 -1.00 1.98 7.64
CA VAL B 45 -1.16 0.81 8.53
C VAL B 45 -2.64 0.38 8.54
N HIS B 46 -3.55 1.36 8.63
CA HIS B 46 -4.98 1.10 8.66
C HIS B 46 -5.43 0.57 7.30
N ILE B 47 -4.80 1.07 6.25
CA ILE B 47 -5.09 0.66 4.88
C ILE B 47 -4.88 -0.87 4.73
N ILE B 48 -3.78 -1.38 5.31
CA ILE B 48 -3.54 -2.81 5.31
C ILE B 48 -4.57 -3.52 6.20
N GLN B 49 -4.80 -2.97 7.42
CA GLN B 49 -5.74 -3.55 8.41
C GLN B 49 -7.13 -3.75 7.86
N SER B 50 -7.48 -2.94 6.89
CA SER B 50 -8.76 -2.99 6.23
C SER B 50 -8.98 -4.36 5.54
N ARG B 51 -7.93 -4.90 4.96
CA ARG B 51 -8.03 -6.19 4.31
C ARG B 51 -7.44 -7.28 5.18
N GLU B 52 -6.35 -6.94 5.81
CA GLU B 52 -5.56 -7.88 6.58
C GLU B 52 -5.84 -7.73 8.05
N PRO B 53 -6.65 -8.60 8.61
CA PRO B 53 -7.01 -8.54 10.00
C PRO B 53 -5.92 -9.14 10.88
N SER B 54 -4.97 -9.78 10.24
CA SER B 54 -3.86 -10.40 10.93
C SER B 54 -2.90 -9.32 11.42
N LEU B 55 -2.90 -8.20 10.73
CA LEU B 55 -2.07 -7.10 11.11
C LEU B 55 -2.70 -6.41 12.32
N ARG B 56 -4.02 -6.36 12.35
CA ARG B 56 -4.78 -5.88 13.52
C ARG B 56 -4.46 -6.74 14.74
N ASP B 57 -4.26 -8.02 14.49
CA ASP B 57 -3.85 -8.97 15.53
C ASP B 57 -2.38 -8.83 15.89
N SER B 58 -1.67 -8.03 15.15
CA SER B 58 -0.30 -7.75 15.43
C SER B 58 -0.25 -6.35 16.05
N ASN B 59 0.90 -5.75 16.16
CA ASN B 59 0.95 -4.42 16.70
C ASN B 59 0.84 -3.40 15.59
N PRO B 60 0.07 -2.30 15.79
CA PRO B 60 -0.04 -1.19 14.80
C PRO B 60 1.27 -0.40 14.74
N ASP B 61 2.17 -0.77 15.64
CA ASP B 61 3.52 -0.25 15.75
C ASP B 61 4.32 -0.82 14.56
N GLU B 62 3.84 -1.95 14.09
CA GLU B 62 4.34 -2.62 12.91
C GLU B 62 3.37 -2.37 11.78
N ILE B 63 3.69 -2.91 10.63
CA ILE B 63 2.85 -2.88 9.50
C ILE B 63 3.25 -4.11 8.71
N GLU B 64 2.35 -4.68 8.01
CA GLU B 64 2.65 -5.82 7.20
C GLU B 64 2.21 -5.49 5.80
N ILE B 65 3.14 -5.13 4.97
CA ILE B 65 2.79 -4.79 3.63
C ILE B 65 3.36 -5.83 2.73
N ASP B 66 2.57 -6.79 2.41
CA ASP B 66 3.01 -7.84 1.51
C ASP B 66 2.44 -7.56 0.15
N PHE B 67 3.28 -7.14 -0.75
CA PHE B 67 2.85 -6.69 -2.06
C PHE B 67 2.41 -7.84 -2.97
N GLU B 68 2.72 -9.05 -2.59
CA GLU B 68 2.38 -10.21 -3.40
C GLU B 68 1.00 -10.68 -3.09
N THR B 69 0.74 -10.78 -1.82
CA THR B 69 -0.45 -11.33 -1.36
C THR B 69 -1.57 -10.28 -1.24
N LEU B 70 -1.19 -9.02 -1.07
CA LEU B 70 -2.16 -7.93 -1.05
C LEU B 70 -2.86 -7.79 -2.38
N LYS B 71 -4.14 -7.52 -2.34
CA LYS B 71 -4.90 -7.33 -3.55
C LYS B 71 -4.76 -5.89 -4.02
N PRO B 72 -5.00 -5.67 -5.33
CA PRO B 72 -5.05 -4.32 -5.94
C PRO B 72 -5.98 -3.34 -5.18
N THR B 73 -6.90 -3.89 -4.40
CA THR B 73 -7.83 -3.12 -3.61
C THR B 73 -7.09 -2.29 -2.55
N THR B 74 -6.20 -2.94 -1.87
CA THR B 74 -5.42 -2.34 -0.84
C THR B 74 -4.19 -1.65 -1.44
N LEU B 75 -3.51 -2.36 -2.35
CA LEU B 75 -2.29 -1.86 -2.98
C LEU B 75 -2.48 -0.47 -3.59
N ARG B 76 -3.61 -0.28 -4.26
CA ARG B 76 -3.96 1.00 -4.88
C ARG B 76 -3.97 2.12 -3.85
N GLU B 77 -4.55 1.87 -2.68
CA GLU B 77 -4.72 2.91 -1.71
C GLU B 77 -3.39 3.26 -1.07
N LEU B 78 -2.52 2.25 -0.92
CA LEU B 78 -1.17 2.48 -0.40
C LEU B 78 -0.46 3.45 -1.36
N GLU B 79 -0.46 3.08 -2.65
CA GLU B 79 0.24 3.83 -3.68
C GLU B 79 -0.33 5.24 -3.83
N ARG B 80 -1.65 5.34 -3.83
CA ARG B 80 -2.29 6.61 -4.01
C ARG B 80 -2.06 7.53 -2.84
N TYR B 81 -1.88 6.97 -1.68
CA TYR B 81 -1.64 7.76 -0.53
C TYR B 81 -0.21 8.25 -0.50
N VAL B 82 0.74 7.33 -0.70
CA VAL B 82 2.15 7.66 -0.68
C VAL B 82 2.47 8.71 -1.72
N LYS B 83 1.87 8.59 -2.90
CA LYS B 83 2.12 9.52 -3.95
C LYS B 83 1.55 10.89 -3.59
N SER B 84 0.37 10.91 -2.97
CA SER B 84 -0.25 12.16 -2.55
C SER B 84 0.55 12.83 -1.43
N CYS B 85 1.08 12.01 -0.53
CA CYS B 85 1.80 12.49 0.63
C CYS B 85 3.18 13.00 0.23
N LEU B 86 3.72 12.44 -0.83
CA LEU B 86 4.98 12.89 -1.37
C LEU B 86 4.79 14.11 -2.26
N GLN B 87 3.69 14.12 -3.01
CA GLN B 87 3.35 15.21 -3.90
C GLN B 87 3.06 16.46 -3.10
N LYS B 88 2.30 16.29 -2.00
CA LYS B 88 1.94 17.38 -1.08
C LYS B 88 1.19 18.46 -1.88
N LYS B 89 1.44 19.70 -1.58
CA LYS B 89 0.82 20.80 -2.32
C LYS B 89 1.78 21.32 -3.39
N GLN B 90 2.84 20.56 -3.60
CA GLN B 90 3.91 20.87 -4.55
C GLN B 90 4.71 22.09 -4.20
N ARG B 91 5.69 21.86 -3.38
CA ARG B 91 6.61 22.87 -2.97
C ARG B 91 7.92 22.15 -2.76
N LYS B 92 8.80 22.28 -3.71
CA LYS B 92 10.04 21.56 -3.71
C LYS B 92 11.24 22.43 -3.32
N PRO B 93 11.74 22.23 -2.10
CA PRO B 93 12.99 22.81 -1.65
C PRO B 93 14.15 21.89 -2.06
#